data_6UL9
#
_entry.id   6UL9
#
_cell.length_a   97.880
_cell.length_b   138.235
_cell.length_c   176.489
_cell.angle_alpha   90.000
_cell.angle_beta   90.000
_cell.angle_gamma   90.000
#
_symmetry.space_group_name_H-M   'P 21 21 21'
#
loop_
_entity.id
_entity.type
_entity.pdbx_description
1 polymer 'Glutaminase kidney isoform, mitochondrial'
2 non-polymer 2-phenyl-N-{5-[(1-{5-[(phenylacetyl)amino]-1,3,4-thiadiazol-2-yl}azetidin-3-yl)oxy]-1,3,4-thiadiazol-2-yl}acetamide
3 water water
#
_entity_poly.entity_id   1
_entity_poly.type   'polypeptide(L)'
_entity_poly.pdbx_seq_one_letter_code
;LSSSPSEILQELGKGSTHPQPGVSPPAAPAAPGPKDGPGETDAFGNSEGKELVASGENKIKQGLLPSLEDLLFYTIAEGQ
EKIPVHKFITALKSTGLRTSDPRLKECMDMLRLTLQTTSDGVMLDKDLFKKCVQSNIVLLTQAFRRKFVIPDFMSFTSHI
DELYESAKKQSGGKVADYIPQLAKFSPDLWGVSVCTVDGQRHSTGDTKVPFCLQSCVKPLKYAIAVNDLGTEYVHRYVGK
EPSGLRFNKLFLNEDDKPHNPMVNAGAIVVTSLIKQGVNNAEKFDYVMQFLNKMAGNEYVGFSNATFQSERESGDRNFAI
GYYLKEKKCFPEGTDMVGILDFYFQLCSIEVTCESASVMAATLANGGFCPITGERVLSPEAVRNTLSLMHSCGMYDFSGQ
FAFHVGLPAKSGVAGGILLVVPNVMGMMCWSPPLDKMGNSVKGIHFCHDLVSLCNFHNYDNLRHFAKKLDPRREGGDQRH
SFGPLDYESLQQELALKETVWKKVSPESNEDISTTVVYRMESLGEKS
;
_entity_poly.pdbx_strand_id   A,B,C,D
#
loop_
_chem_comp.id
_chem_comp.type
_chem_comp.name
_chem_comp.formula
Q9M non-polymer 2-phenyl-N-{5-[(1-{5-[(phenylacetyl)amino]-1,3,4-thiadiazol-2-yl}azetidin-3-yl)oxy]-1,3,4-thiadiazol-2-yl}acetamide 'C23 H21 N7 O3 S2'
#
# COMPACT_ATOMS: atom_id res chain seq x y z
N PRO A 66 45.90 -26.23 -7.65
CA PRO A 66 44.59 -25.59 -7.47
C PRO A 66 44.27 -25.38 -5.98
N SER A 67 43.10 -24.82 -5.66
CA SER A 67 42.64 -24.73 -4.27
C SER A 67 41.22 -24.16 -4.22
N LEU A 68 40.40 -24.74 -3.35
CA LEU A 68 38.96 -24.51 -3.41
C LEU A 68 38.58 -23.07 -3.03
N GLU A 69 39.25 -22.50 -2.01
CA GLU A 69 38.98 -21.12 -1.59
C GLU A 69 39.32 -20.11 -2.69
N ASP A 70 40.41 -20.34 -3.43
CA ASP A 70 40.77 -19.45 -4.53
C ASP A 70 39.79 -19.60 -5.69
N LEU A 71 39.48 -20.85 -6.06
CA LEU A 71 38.51 -21.07 -7.13
C LEU A 71 37.17 -20.44 -6.79
N LEU A 72 36.73 -20.57 -5.53
CA LEU A 72 35.53 -19.86 -5.10
C LEU A 72 35.75 -18.35 -5.19
N PHE A 73 36.93 -17.89 -4.78
CA PHE A 73 37.26 -16.47 -4.88
C PHE A 73 37.09 -15.95 -6.30
N TYR A 74 37.60 -16.69 -7.30
CA TYR A 74 37.53 -16.21 -8.67
C TYR A 74 36.11 -16.21 -9.21
N THR A 75 35.29 -17.20 -8.84
CA THR A 75 33.91 -17.22 -9.31
C THR A 75 33.13 -16.03 -8.78
N ILE A 76 33.44 -15.60 -7.56
CA ILE A 76 32.85 -14.39 -7.00
C ILE A 76 33.61 -13.14 -7.43
N ALA A 77 34.89 -13.29 -7.80
CA ALA A 77 35.78 -12.15 -8.05
C ALA A 77 35.37 -11.34 -9.27
N GLU A 78 34.77 -11.97 -10.28
CA GLU A 78 34.43 -11.34 -11.56
C GLU A 78 35.66 -11.01 -12.36
N GLY A 79 36.76 -11.75 -12.21
CA GLY A 79 38.00 -11.30 -12.79
C GLY A 79 38.64 -10.17 -12.02
N GLN A 80 37.85 -9.38 -11.28
CA GLN A 80 38.35 -8.24 -10.51
C GLN A 80 39.32 -8.68 -9.42
N GLU A 81 40.15 -7.74 -8.99
CA GLU A 81 41.21 -8.02 -8.01
C GLU A 81 40.67 -8.29 -6.61
N LYS A 82 39.61 -7.61 -6.20
CA LYS A 82 39.17 -7.66 -4.81
C LYS A 82 37.64 -7.76 -4.74
N ILE A 83 37.16 -8.38 -3.67
CA ILE A 83 35.74 -8.65 -3.47
C ILE A 83 35.21 -7.72 -2.37
N PRO A 84 34.29 -6.82 -2.68
CA PRO A 84 33.64 -6.06 -1.61
C PRO A 84 32.90 -7.02 -0.68
N VAL A 85 32.94 -6.73 0.62
CA VAL A 85 32.36 -7.66 1.59
C VAL A 85 30.85 -7.74 1.39
N HIS A 86 30.21 -6.61 1.08
CA HIS A 86 28.77 -6.61 0.82
C HIS A 86 28.45 -7.48 -0.39
N LYS A 87 29.33 -7.48 -1.40
CA LYS A 87 29.08 -8.31 -2.57
C LYS A 87 29.08 -9.79 -2.24
N PHE A 88 29.93 -10.20 -1.29
CA PHE A 88 29.94 -11.60 -0.86
C PHE A 88 28.69 -11.93 -0.04
N ILE A 89 28.26 -11.02 0.84
CA ILE A 89 27.04 -11.25 1.61
C ILE A 89 25.85 -11.36 0.67
N THR A 90 25.76 -10.47 -0.32
CA THR A 90 24.65 -10.49 -1.26
C THR A 90 24.66 -11.77 -2.08
N ALA A 91 25.83 -12.21 -2.51
CA ALA A 91 25.92 -13.45 -3.25
C ALA A 91 25.55 -14.65 -2.38
N LEU A 92 25.91 -14.61 -1.10
CA LEU A 92 25.61 -15.74 -0.22
C LEU A 92 24.12 -15.83 0.08
N LYS A 93 23.49 -14.68 0.34
CA LYS A 93 22.06 -14.69 0.64
C LYS A 93 21.24 -15.19 -0.55
N SER A 94 21.72 -14.95 -1.77
CA SER A 94 21.03 -15.39 -2.97
C SER A 94 21.00 -16.91 -3.13
N THR A 95 21.97 -17.63 -2.56
CA THR A 95 21.92 -19.10 -2.61
C THR A 95 20.79 -19.66 -1.75
N GLY A 96 20.25 -18.85 -0.85
CA GLY A 96 19.23 -19.26 0.10
C GLY A 96 19.74 -19.38 1.51
N LEU A 97 21.06 -19.50 1.70
CA LEU A 97 21.59 -19.53 3.05
C LEU A 97 21.44 -18.16 3.71
N ARG A 98 21.20 -18.18 5.01
CA ARG A 98 21.23 -17.00 5.84
C ARG A 98 22.63 -16.78 6.40
N THR A 99 23.01 -15.52 6.58
CA THR A 99 24.31 -15.25 7.20
C THR A 99 24.37 -15.77 8.64
N SER A 100 23.23 -15.93 9.30
CA SER A 100 23.16 -16.45 10.67
C SER A 100 23.24 -17.97 10.74
N ASP A 101 23.35 -18.66 9.61
CA ASP A 101 23.45 -20.11 9.55
C ASP A 101 24.49 -20.62 10.54
N PRO A 102 24.13 -21.51 11.47
CA PRO A 102 25.12 -22.01 12.43
C PRO A 102 26.33 -22.68 11.79
N ARG A 103 26.21 -23.28 10.61
CA ARG A 103 27.37 -23.91 9.97
C ARG A 103 28.33 -22.92 9.35
N LEU A 104 27.93 -21.64 9.25
CA LEU A 104 28.76 -20.59 8.69
C LEU A 104 29.32 -19.70 9.78
N LYS A 105 29.22 -20.15 11.04
CA LYS A 105 29.57 -19.29 12.16
C LYS A 105 31.04 -18.87 12.08
N GLU A 106 31.95 -19.83 11.82
CA GLU A 106 33.37 -19.51 11.76
C GLU A 106 33.65 -18.47 10.68
N CYS A 107 33.00 -18.59 9.53
CA CYS A 107 33.24 -17.62 8.45
C CYS A 107 32.73 -16.25 8.83
N MET A 108 31.56 -16.19 9.45
CA MET A 108 31.04 -14.90 9.89
C MET A 108 31.87 -14.33 11.04
N ASP A 109 32.41 -15.21 11.89
CA ASP A 109 33.33 -14.76 12.93
C ASP A 109 34.55 -14.10 12.34
N MET A 110 35.13 -14.74 11.31
CA MET A 110 36.32 -14.18 10.67
C MET A 110 36.00 -12.86 9.97
N LEU A 111 34.82 -12.76 9.36
CA LEU A 111 34.39 -11.51 8.74
C LEU A 111 34.22 -10.42 9.79
N ARG A 112 33.65 -10.74 10.95
CA ARG A 112 33.48 -9.73 11.99
C ARG A 112 34.83 -9.18 12.46
N LEU A 113 35.82 -10.08 12.63
CA LEU A 113 37.15 -9.62 13.02
C LEU A 113 37.74 -8.72 11.94
N THR A 114 37.64 -9.14 10.68
CA THR A 114 38.16 -8.33 9.59
C THR A 114 37.36 -7.04 9.44
N LEU A 115 36.08 -7.06 9.85
CA LEU A 115 35.48 -5.78 9.50
C LEU A 115 35.73 -4.70 10.54
N GLN A 116 36.74 -4.94 11.36
CA GLN A 116 37.34 -3.92 12.22
C GLN A 116 38.73 -3.53 11.73
N THR A 117 39.52 -4.52 11.27
CA THR A 117 40.93 -4.33 10.97
C THR A 117 41.18 -3.13 10.07
N THR A 118 40.50 -3.09 8.93
CA THR A 118 40.80 -2.21 7.80
C THR A 118 39.50 -1.63 7.18
N SER A 119 38.99 -0.46 7.64
CA SER A 119 37.84 0.16 6.96
C SER A 119 38.21 1.12 5.83
N ASP A 120 39.46 1.24 5.41
CA ASP A 120 39.60 1.71 4.02
C ASP A 120 39.79 0.50 3.13
N GLY A 121 38.66 -0.14 2.92
CA GLY A 121 38.44 -1.31 2.08
C GLY A 121 37.01 -1.09 1.64
N VAL A 122 36.12 -1.97 2.07
CA VAL A 122 36.52 -3.09 2.92
C VAL A 122 36.49 -4.30 2.03
N MET A 123 37.66 -4.58 1.47
CA MET A 123 37.78 -5.46 0.33
C MET A 123 38.56 -6.69 0.75
N LEU A 124 38.18 -7.82 0.20
CA LEU A 124 38.80 -9.08 0.53
C LEU A 124 39.64 -9.45 -0.68
N ASP A 125 40.95 -9.43 -0.52
CA ASP A 125 41.74 -9.98 -1.59
C ASP A 125 41.71 -11.50 -1.48
N LYS A 126 42.30 -12.16 -2.48
CA LYS A 126 42.33 -13.61 -2.50
C LYS A 126 42.84 -14.17 -1.18
N ASP A 127 43.85 -13.53 -0.60
CA ASP A 127 44.37 -13.93 0.70
C ASP A 127 43.33 -13.76 1.82
N LEU A 128 42.71 -12.59 1.91
CA LEU A 128 41.79 -12.30 3.01
C LEU A 128 40.48 -13.07 2.86
N PHE A 129 39.98 -13.19 1.63
CA PHE A 129 38.82 -14.03 1.42
C PHE A 129 39.08 -15.45 1.93
N LYS A 130 40.25 -16.01 1.61
CA LYS A 130 40.58 -17.35 2.08
C LYS A 130 40.63 -17.38 3.60
N LYS A 131 41.07 -16.25 4.19
CA LYS A 131 41.14 -16.08 5.62
C LYS A 131 39.79 -16.36 6.27
N CYS A 132 38.71 -15.84 5.71
CA CYS A 132 37.37 -15.94 6.24
C CYS A 132 36.66 -17.27 5.86
N VAL A 133 36.81 -17.73 4.62
CA VAL A 133 36.00 -18.85 4.12
C VAL A 133 36.64 -20.22 4.28
N GLN A 134 37.88 -20.33 4.80
CA GLN A 134 38.56 -21.63 4.73
C GLN A 134 37.83 -22.70 5.53
N SER A 135 37.28 -22.33 6.69
CA SER A 135 36.71 -23.35 7.56
C SER A 135 35.30 -23.75 7.18
N ASN A 136 34.66 -23.01 6.28
CA ASN A 136 33.34 -23.36 5.76
C ASN A 136 33.37 -23.48 4.22
N ILE A 137 34.51 -23.83 3.64
CA ILE A 137 34.67 -23.74 2.19
C ILE A 137 33.78 -24.76 1.47
N VAL A 138 33.62 -25.94 2.05
CA VAL A 138 32.81 -26.96 1.40
C VAL A 138 31.36 -26.52 1.29
N LEU A 139 30.78 -26.10 2.42
CA LEU A 139 29.40 -25.65 2.41
C LEU A 139 29.22 -24.43 1.51
N LEU A 140 30.20 -23.50 1.54
CA LEU A 140 30.14 -22.32 0.68
C LEU A 140 30.29 -22.68 -0.79
N THR A 141 31.08 -23.70 -1.09
CA THR A 141 31.23 -24.11 -2.48
C THR A 141 29.94 -24.72 -2.99
N GLN A 142 29.34 -25.61 -2.19
CA GLN A 142 28.09 -26.22 -2.63
C GLN A 142 27.04 -25.15 -2.86
N ALA A 143 27.03 -24.11 -2.03
CA ALA A 143 26.08 -23.02 -2.24
C ALA A 143 26.36 -22.30 -3.54
N PHE A 144 27.63 -21.98 -3.80
CA PHE A 144 27.93 -21.13 -4.93
C PHE A 144 28.01 -21.91 -6.24
N ARG A 145 28.40 -23.19 -6.19
CA ARG A 145 28.39 -24.04 -7.37
C ARG A 145 26.99 -24.66 -7.63
N ARG A 146 25.93 -24.06 -7.09
CA ARG A 146 24.55 -24.46 -7.39
C ARG A 146 24.28 -25.94 -7.07
N LYS A 147 24.85 -26.43 -5.98
CA LYS A 147 24.70 -27.84 -5.63
C LYS A 147 23.57 -28.09 -4.63
N PHE A 148 22.84 -27.05 -4.22
CA PHE A 148 21.81 -27.28 -3.23
C PHE A 148 20.57 -27.91 -3.86
N VAL A 149 19.73 -28.48 -2.99
CA VAL A 149 18.64 -29.32 -3.47
C VAL A 149 17.71 -28.53 -4.39
N ILE A 150 17.59 -27.23 -4.16
CA ILE A 150 16.92 -26.32 -5.06
C ILE A 150 17.95 -25.31 -5.56
N PRO A 151 18.52 -25.54 -6.75
CA PRO A 151 19.64 -24.69 -7.22
C PRO A 151 19.27 -23.24 -7.43
N ASP A 152 18.17 -23.00 -8.14
CA ASP A 152 17.72 -21.62 -8.39
C ASP A 152 16.74 -21.25 -7.28
N PHE A 153 17.30 -21.02 -6.10
CA PHE A 153 16.44 -20.84 -4.95
C PHE A 153 15.63 -19.55 -5.02
N MET A 154 16.17 -18.47 -5.61
CA MET A 154 15.34 -17.27 -5.56
C MET A 154 14.15 -17.39 -6.50
N SER A 155 14.33 -18.01 -7.67
CA SER A 155 13.15 -18.31 -8.49
C SER A 155 12.11 -19.07 -7.67
N PHE A 156 12.54 -20.05 -6.88
CA PHE A 156 11.60 -20.85 -6.10
C PHE A 156 10.84 -19.99 -5.09
N THR A 157 11.55 -19.13 -4.34
CA THR A 157 10.86 -18.37 -3.29
C THR A 157 9.84 -17.41 -3.88
N SER A 158 10.04 -16.97 -5.12
CA SER A 158 9.03 -16.12 -5.74
C SER A 158 7.79 -16.93 -6.07
N HIS A 159 7.94 -18.21 -6.38
CA HIS A 159 6.79 -19.11 -6.45
C HIS A 159 6.13 -19.29 -5.09
N ILE A 160 6.93 -19.45 -4.03
CA ILE A 160 6.36 -19.49 -2.69
C ILE A 160 5.54 -18.25 -2.42
N ASP A 161 6.05 -17.08 -2.83
CA ASP A 161 5.33 -15.84 -2.59
C ASP A 161 4.01 -15.81 -3.31
N GLU A 162 3.99 -16.24 -4.57
CA GLU A 162 2.71 -16.28 -5.30
C GLU A 162 1.75 -17.21 -4.61
N LEU A 163 2.23 -18.40 -4.22
CA LEU A 163 1.38 -19.34 -3.48
C LEU A 163 0.88 -18.71 -2.20
N TYR A 164 1.77 -18.03 -1.48
CA TYR A 164 1.38 -17.34 -0.25
C TYR A 164 0.24 -16.37 -0.51
N GLU A 165 0.41 -15.50 -1.51
CA GLU A 165 -0.59 -14.45 -1.77
C GLU A 165 -1.91 -15.06 -2.19
N SER A 166 -1.87 -16.16 -2.95
CA SER A 166 -3.10 -16.81 -3.35
C SER A 166 -3.84 -17.39 -2.16
N ALA A 167 -3.13 -18.04 -1.23
CA ALA A 167 -3.81 -18.50 -0.03
C ALA A 167 -4.27 -17.33 0.84
N LYS A 168 -3.56 -16.20 0.76
CA LYS A 168 -3.92 -15.04 1.57
C LYS A 168 -5.34 -14.57 1.31
N LYS A 169 -5.87 -14.83 0.13
CA LYS A 169 -7.23 -14.41 -0.21
C LYS A 169 -8.30 -15.39 0.23
N GLN A 170 -7.93 -16.53 0.82
CA GLN A 170 -8.89 -17.47 1.37
C GLN A 170 -9.15 -17.08 2.82
N SER A 171 -10.18 -16.26 3.02
CA SER A 171 -10.44 -15.66 4.32
C SER A 171 -11.39 -16.48 5.18
N GLY A 172 -11.95 -17.57 4.66
CA GLY A 172 -12.92 -18.34 5.41
C GLY A 172 -12.30 -19.06 6.60
N GLY A 173 -13.15 -19.76 7.32
CA GLY A 173 -12.68 -20.55 8.45
C GLY A 173 -12.87 -19.81 9.76
N LYS A 174 -12.80 -20.56 10.87
CA LYS A 174 -12.91 -19.93 12.18
C LYS A 174 -11.78 -20.37 13.11
N VAL A 175 -11.21 -19.37 13.79
CA VAL A 175 -10.16 -19.66 14.75
C VAL A 175 -10.72 -20.54 15.85
N ALA A 176 -9.91 -21.51 16.29
CA ALA A 176 -10.27 -22.23 17.49
C ALA A 176 -10.47 -21.19 18.58
N ASP A 177 -11.59 -21.27 19.27
CA ASP A 177 -11.87 -20.27 20.28
C ASP A 177 -12.14 -20.94 21.63
N TYR A 178 -11.99 -22.26 21.69
CA TYR A 178 -12.29 -23.02 22.88
C TYR A 178 -11.28 -22.73 24.00
N SER A 186 -5.68 -14.80 16.05
CA SER A 186 -6.23 -13.79 15.15
C SER A 186 -6.45 -14.34 13.73
N PRO A 187 -7.61 -14.03 13.13
CA PRO A 187 -7.90 -14.49 11.76
C PRO A 187 -7.10 -13.82 10.64
N ASP A 188 -6.30 -12.78 10.90
CA ASP A 188 -5.60 -12.14 9.79
C ASP A 188 -4.10 -12.46 9.77
N LEU A 189 -3.60 -13.25 10.72
CA LEU A 189 -2.21 -13.73 10.67
C LEU A 189 -2.03 -14.90 9.70
N TRP A 190 -0.98 -14.84 8.90
CA TRP A 190 -0.71 -15.87 7.90
C TRP A 190 0.77 -15.87 7.55
N GLY A 191 1.47 -16.96 7.83
CA GLY A 191 2.88 -17.06 7.51
C GLY A 191 3.24 -18.44 7.01
N VAL A 192 4.21 -18.51 6.10
CA VAL A 192 4.81 -19.75 5.62
C VAL A 192 6.32 -19.58 5.64
N SER A 193 7.01 -20.60 6.15
CA SER A 193 8.46 -20.62 6.18
C SER A 193 8.93 -21.89 5.52
N VAL A 194 10.00 -21.77 4.75
CA VAL A 194 10.63 -22.88 4.06
C VAL A 194 12.02 -23.06 4.63
N CYS A 195 12.40 -24.30 4.90
CA CYS A 195 13.79 -24.64 5.15
C CYS A 195 14.09 -25.91 4.37
N THR A 196 14.99 -25.80 3.38
CA THR A 196 15.36 -26.97 2.60
C THR A 196 16.31 -27.86 3.40
N VAL A 197 16.54 -29.06 2.87
CA VAL A 197 17.47 -30.01 3.47
C VAL A 197 18.91 -29.53 3.38
N ASP A 198 19.17 -28.43 2.69
CA ASP A 198 20.49 -27.83 2.68
C ASP A 198 20.56 -26.55 3.49
N GLY A 199 19.47 -26.18 4.14
CA GLY A 199 19.47 -25.01 4.98
C GLY A 199 19.10 -23.72 4.28
N GLN A 200 18.62 -23.77 3.04
CA GLN A 200 18.18 -22.55 2.37
C GLN A 200 16.84 -22.11 2.94
N ARG A 201 16.71 -20.83 3.25
CA ARG A 201 15.60 -20.34 4.05
C ARG A 201 14.80 -19.30 3.29
N HIS A 202 13.50 -19.30 3.50
CA HIS A 202 12.64 -18.25 2.98
C HIS A 202 11.40 -18.16 3.84
N SER A 203 10.89 -16.95 4.01
CA SER A 203 9.67 -16.72 4.78
C SER A 203 8.84 -15.65 4.09
N THR A 204 7.51 -15.77 4.22
CA THR A 204 6.59 -14.73 3.81
C THR A 204 5.48 -14.64 4.84
N GLY A 205 5.11 -13.42 5.18
CA GLY A 205 4.07 -13.21 6.16
C GLY A 205 4.57 -13.28 7.60
N ASP A 206 3.65 -13.66 8.47
CA ASP A 206 3.86 -13.57 9.91
C ASP A 206 4.58 -14.81 10.41
N THR A 207 5.87 -14.87 10.12
CA THR A 207 6.64 -16.07 10.35
C THR A 207 7.50 -16.04 11.60
N LYS A 208 7.53 -14.92 12.32
CA LYS A 208 8.24 -14.80 13.59
C LYS A 208 7.29 -14.50 14.74
N VAL A 209 6.01 -14.83 14.57
CA VAL A 209 5.00 -14.68 15.61
C VAL A 209 4.85 -16.04 16.28
N PRO A 210 5.14 -16.16 17.57
CA PRO A 210 5.04 -17.48 18.21
C PRO A 210 3.61 -17.96 18.32
N PHE A 211 3.45 -19.27 18.16
CA PHE A 211 2.16 -19.93 18.31
C PHE A 211 2.43 -21.34 18.82
N CYS A 212 1.41 -21.98 19.32
CA CYS A 212 1.65 -23.29 19.92
C CYS A 212 1.55 -24.38 18.88
N LEU A 213 2.37 -25.41 19.07
CA LEU A 213 2.37 -26.53 18.14
C LEU A 213 1.03 -27.22 18.17
N GLN A 214 0.46 -27.36 19.37
CA GLN A 214 -0.76 -28.15 19.59
C GLN A 214 -0.49 -29.52 18.97
N SER A 215 -1.33 -30.02 18.06
CA SER A 215 -1.15 -31.37 17.55
C SER A 215 -0.04 -31.48 16.51
N CYS A 216 0.54 -30.37 16.05
CA CYS A 216 1.77 -30.47 15.26
C CYS A 216 2.92 -31.06 16.08
N VAL A 217 2.82 -31.08 17.42
CA VAL A 217 3.86 -31.68 18.25
C VAL A 217 3.78 -33.21 18.26
N LYS A 218 2.62 -33.77 17.90
CA LYS A 218 2.44 -35.22 17.95
C LYS A 218 3.47 -35.99 17.13
N PRO A 219 3.79 -35.61 15.89
CA PRO A 219 4.85 -36.35 15.18
C PRO A 219 6.20 -36.16 15.80
N LEU A 220 6.45 -34.97 16.39
CA LEU A 220 7.74 -34.68 17.00
C LEU A 220 7.95 -35.55 18.24
N LYS A 221 6.94 -35.64 19.11
CA LYS A 221 7.15 -36.45 20.30
C LYS A 221 7.12 -37.93 19.98
N TYR A 222 6.37 -38.34 18.94
CA TYR A 222 6.42 -39.72 18.47
C TYR A 222 7.80 -40.07 17.95
N ALA A 223 8.42 -39.15 17.19
CA ALA A 223 9.77 -39.40 16.68
C ALA A 223 10.75 -39.54 17.83
N ILE A 224 10.63 -38.69 18.85
CA ILE A 224 11.50 -38.78 20.03
C ILE A 224 11.37 -40.16 20.67
N ALA A 225 10.12 -40.60 20.88
CA ALA A 225 9.92 -41.89 21.54
C ALA A 225 10.51 -43.02 20.70
N VAL A 226 10.28 -43.00 19.38
CA VAL A 226 10.83 -44.07 18.54
C VAL A 226 12.33 -43.96 18.50
N ASN A 227 12.86 -42.74 18.50
CA ASN A 227 14.30 -42.55 18.53
C ASN A 227 14.90 -43.13 19.81
N ASP A 228 14.28 -42.88 20.97
CA ASP A 228 14.87 -43.31 22.23
C ASP A 228 14.55 -44.77 22.57
N LEU A 229 13.44 -45.30 22.08
CA LEU A 229 12.96 -46.60 22.53
C LEU A 229 12.81 -47.62 21.43
N GLY A 230 12.84 -47.22 20.16
CA GLY A 230 12.70 -48.16 19.07
C GLY A 230 11.24 -48.34 18.64
N THR A 231 11.08 -48.80 17.40
CA THR A 231 9.75 -49.00 16.83
C THR A 231 8.96 -50.07 17.58
N GLU A 232 9.60 -51.20 17.90
CA GLU A 232 8.88 -52.34 18.44
C GLU A 232 8.26 -52.01 19.79
N TYR A 233 9.02 -51.32 20.65
CA TYR A 233 8.51 -50.93 21.96
C TYR A 233 7.38 -49.94 21.82
N VAL A 234 7.61 -48.85 21.10
CA VAL A 234 6.61 -47.79 20.99
C VAL A 234 5.28 -48.36 20.50
N HIS A 235 5.36 -49.29 19.55
CA HIS A 235 4.16 -49.85 18.95
C HIS A 235 3.64 -51.10 19.68
N ARG A 236 4.20 -51.45 20.84
CA ARG A 236 3.42 -52.28 21.76
C ARG A 236 2.26 -51.49 22.32
N TYR A 237 2.39 -50.17 22.36
CA TYR A 237 1.44 -49.30 23.04
C TYR A 237 0.57 -48.49 22.09
N VAL A 238 0.92 -48.39 20.82
CA VAL A 238 0.17 -47.56 19.89
C VAL A 238 0.25 -48.21 18.52
N GLY A 239 -0.85 -48.18 17.79
CA GLY A 239 -0.91 -48.75 16.46
C GLY A 239 -0.21 -47.87 15.43
N LYS A 240 -0.28 -48.32 14.16
CA LYS A 240 0.43 -47.62 13.10
C LYS A 240 -0.44 -47.42 11.85
N GLU A 241 -1.75 -47.31 12.01
CA GLU A 241 -2.67 -47.20 10.89
C GLU A 241 -3.72 -46.13 11.18
N PRO A 242 -4.28 -45.51 10.16
CA PRO A 242 -5.48 -44.70 10.39
C PRO A 242 -6.67 -45.59 10.72
N SER A 243 -7.61 -45.00 11.45
CA SER A 243 -8.72 -45.79 11.99
C SER A 243 -9.81 -46.02 10.95
N GLY A 244 -10.08 -45.05 10.09
CA GLY A 244 -11.27 -45.03 9.27
C GLY A 244 -12.15 -43.83 9.59
N LEU A 245 -12.88 -43.34 8.59
CA LEU A 245 -13.46 -41.98 8.66
C LEU A 245 -14.63 -41.85 9.63
N ARG A 246 -15.15 -42.95 10.15
CA ARG A 246 -15.93 -42.89 11.37
C ARG A 246 -15.61 -44.13 12.20
N PHE A 247 -14.30 -44.35 12.36
CA PHE A 247 -13.71 -44.91 13.57
C PHE A 247 -12.83 -43.86 14.23
N ASN A 248 -12.92 -42.60 13.78
CA ASN A 248 -12.26 -41.45 14.39
C ASN A 248 -12.80 -41.13 15.78
N LYS A 249 -13.94 -41.74 16.17
CA LYS A 249 -14.60 -41.57 17.45
C LYS A 249 -14.12 -42.55 18.53
N LEU A 250 -13.47 -43.65 18.15
CA LEU A 250 -13.01 -44.65 19.11
C LEU A 250 -11.61 -44.31 19.59
N PHE A 251 -11.35 -44.57 20.88
CA PHE A 251 -10.03 -44.32 21.44
C PHE A 251 -9.05 -45.44 21.14
N LEU A 252 -9.57 -46.67 21.01
CA LEU A 252 -8.73 -47.84 20.87
C LEU A 252 -9.18 -48.61 19.67
N ASN A 253 -8.21 -49.24 19.04
CA ASN A 253 -8.51 -50.20 17.99
C ASN A 253 -8.90 -51.53 18.61
N GLU A 254 -8.80 -52.53 17.76
CA GLU A 254 -9.25 -53.88 18.01
C GLU A 254 -8.34 -54.64 18.97
N ASP A 255 -7.05 -54.27 19.04
CA ASP A 255 -6.09 -54.77 20.00
C ASP A 255 -5.96 -53.91 21.26
N ASP A 256 -6.90 -52.98 21.50
CA ASP A 256 -6.89 -52.11 22.69
C ASP A 256 -5.65 -51.22 22.78
N LYS A 257 -5.05 -50.90 21.63
CA LYS A 257 -4.07 -49.84 21.47
C LYS A 257 -4.74 -48.68 20.76
N PRO A 258 -4.36 -47.43 21.07
CA PRO A 258 -4.80 -46.31 20.22
C PRO A 258 -4.37 -46.54 18.78
N HIS A 259 -5.09 -45.92 17.85
CA HIS A 259 -4.97 -46.32 16.45
C HIS A 259 -3.58 -45.99 15.89
N ASN A 260 -3.04 -44.84 16.25
CA ASN A 260 -1.79 -44.32 15.72
C ASN A 260 -1.33 -43.16 16.62
N PRO A 261 -0.09 -42.69 16.49
CA PRO A 261 0.37 -41.60 17.36
C PRO A 261 -0.24 -40.24 17.03
N MET A 262 -0.93 -40.10 15.90
CA MET A 262 -1.39 -38.79 15.50
C MET A 262 -2.74 -38.42 16.06
N VAL A 263 -3.46 -39.39 16.67
CA VAL A 263 -4.72 -39.07 17.33
C VAL A 263 -4.44 -38.84 18.79
N ASN A 264 -5.38 -38.17 19.47
CA ASN A 264 -5.18 -37.74 20.86
C ASN A 264 -4.90 -38.94 21.76
N ALA A 265 -5.71 -40.01 21.65
CA ALA A 265 -5.45 -41.18 22.50
C ALA A 265 -4.05 -41.72 22.25
N GLY A 266 -3.61 -41.76 20.98
CA GLY A 266 -2.28 -42.29 20.68
C GLY A 266 -1.18 -41.36 21.16
N ALA A 267 -1.38 -40.05 21.00
CA ALA A 267 -0.40 -39.08 21.46
C ALA A 267 -0.30 -39.09 22.98
N ILE A 268 -1.42 -39.32 23.67
CA ILE A 268 -1.38 -39.42 25.12
C ILE A 268 -0.53 -40.62 25.54
N VAL A 269 -0.72 -41.76 24.87
CA VAL A 269 0.11 -42.93 25.19
C VAL A 269 1.57 -42.65 24.85
N VAL A 270 1.83 -42.03 23.69
CA VAL A 270 3.20 -41.74 23.30
C VAL A 270 3.88 -40.85 24.33
N THR A 271 3.16 -39.85 24.83
CA THR A 271 3.66 -38.98 25.89
C THR A 271 4.08 -39.79 27.12
N SER A 272 3.35 -40.86 27.42
CA SER A 272 3.69 -41.66 28.58
C SER A 272 4.96 -42.51 28.38
N LEU A 273 5.53 -42.55 27.18
CA LEU A 273 6.70 -43.38 26.92
C LEU A 273 8.01 -42.61 27.05
N ILE A 274 7.96 -41.28 26.93
CA ILE A 274 9.15 -40.46 26.83
C ILE A 274 9.74 -40.24 28.23
N LYS A 275 11.02 -40.58 28.39
CA LYS A 275 11.77 -40.28 29.61
C LYS A 275 11.06 -40.76 30.87
N GLN A 276 10.67 -42.03 30.87
CA GLN A 276 10.04 -42.60 32.05
C GLN A 276 11.02 -42.60 33.21
N GLY A 277 10.48 -42.51 34.43
CA GLY A 277 11.29 -42.56 35.62
C GLY A 277 11.71 -41.22 36.19
N VAL A 278 11.87 -40.20 35.34
CA VAL A 278 12.12 -38.85 35.84
C VAL A 278 10.79 -38.11 35.95
N ASN A 279 10.77 -36.99 36.68
CA ASN A 279 9.55 -36.23 36.86
C ASN A 279 9.21 -35.43 35.60
N ASN A 280 8.04 -34.80 35.61
CA ASN A 280 7.54 -34.15 34.41
C ASN A 280 8.37 -32.92 34.05
N ALA A 281 8.93 -32.24 35.06
CA ALA A 281 9.76 -31.07 34.78
C ALA A 281 11.03 -31.45 34.01
N GLU A 282 11.66 -32.56 34.38
CA GLU A 282 12.78 -33.08 33.61
C GLU A 282 12.34 -33.57 32.24
N LYS A 283 11.27 -34.38 32.19
CA LYS A 283 10.70 -34.83 30.93
C LYS A 283 10.47 -33.68 29.97
N PHE A 284 9.88 -32.59 30.45
CA PHE A 284 9.63 -31.44 29.61
C PHE A 284 10.94 -30.81 29.13
N ASP A 285 11.90 -30.61 30.05
CA ASP A 285 13.22 -30.09 29.67
C ASP A 285 13.84 -30.94 28.57
N TYR A 286 13.79 -32.25 28.74
CA TYR A 286 14.37 -33.17 27.77
C TYR A 286 13.70 -33.03 26.40
N VAL A 287 12.37 -32.94 26.36
CA VAL A 287 11.68 -32.75 25.09
C VAL A 287 12.03 -31.39 24.50
N MET A 288 12.13 -30.35 25.34
CA MET A 288 12.53 -29.03 24.86
C MET A 288 13.95 -29.07 24.28
N GLN A 289 14.87 -29.76 24.95
CA GLN A 289 16.22 -29.89 24.42
C GLN A 289 16.21 -30.56 23.06
N PHE A 290 15.38 -31.60 22.92
CA PHE A 290 15.26 -32.34 21.67
C PHE A 290 14.68 -31.44 20.57
N LEU A 291 13.63 -30.68 20.90
CA LEU A 291 13.05 -29.76 19.93
C LEU A 291 14.02 -28.64 19.55
N ASN A 292 14.86 -28.19 20.49
CA ASN A 292 15.92 -27.24 20.16
C ASN A 292 16.84 -27.80 19.08
N LYS A 293 17.30 -29.05 19.25
CA LYS A 293 18.13 -29.67 18.23
C LYS A 293 17.39 -29.75 16.89
N MET A 294 16.11 -30.17 16.92
CA MET A 294 15.33 -30.26 15.68
C MET A 294 15.24 -28.93 14.98
N ALA A 295 15.16 -27.84 15.74
CA ALA A 295 15.02 -26.52 15.14
C ALA A 295 16.36 -25.83 14.94
N GLY A 296 17.48 -26.56 15.07
CA GLY A 296 18.76 -25.93 14.94
C GLY A 296 18.90 -24.74 15.89
N ASN A 297 18.25 -24.85 17.06
CA ASN A 297 18.30 -23.87 18.13
C ASN A 297 17.55 -22.59 17.82
N GLU A 298 16.65 -22.61 16.84
CA GLU A 298 15.77 -21.45 16.66
C GLU A 298 14.61 -21.53 17.66
N TYR A 299 13.68 -20.59 17.53
CA TYR A 299 12.74 -20.33 18.62
C TYR A 299 11.91 -21.56 19.00
N VAL A 300 12.06 -22.00 20.24
CA VAL A 300 11.11 -22.91 20.87
C VAL A 300 10.71 -22.30 22.20
N GLY A 301 9.40 -22.18 22.43
CA GLY A 301 8.95 -21.61 23.67
C GLY A 301 7.83 -22.36 24.36
N PHE A 302 7.13 -21.66 25.25
CA PHE A 302 6.07 -22.28 26.04
C PHE A 302 5.03 -21.23 26.39
N SER A 303 3.77 -21.54 26.10
CA SER A 303 2.64 -20.65 26.39
C SER A 303 1.88 -21.12 27.63
N ASN A 304 2.21 -20.55 28.79
CA ASN A 304 1.52 -20.93 30.01
C ASN A 304 0.02 -20.67 29.94
N ALA A 305 -0.38 -19.59 29.26
CA ALA A 305 -1.80 -19.31 29.08
C ALA A 305 -2.49 -20.45 28.36
N THR A 306 -1.94 -20.89 27.23
CA THR A 306 -2.51 -22.03 26.52
C THR A 306 -2.48 -23.27 27.42
N PHE A 307 -1.42 -23.43 28.20
CA PHE A 307 -1.32 -24.58 29.09
C PHE A 307 -2.46 -24.59 30.11
N GLN A 308 -2.72 -23.45 30.76
CA GLN A 308 -3.81 -23.38 31.73
C GLN A 308 -5.17 -23.64 31.09
N SER A 309 -5.40 -23.05 29.92
CA SER A 309 -6.69 -23.23 29.28
C SER A 309 -6.85 -24.66 28.79
N GLU A 310 -5.80 -25.24 28.23
CA GLU A 310 -5.85 -26.64 27.82
C GLU A 310 -6.18 -27.54 29.00
N ARG A 311 -5.60 -27.26 30.16
CA ARG A 311 -5.80 -28.17 31.29
C ARG A 311 -7.15 -27.96 31.96
N GLU A 312 -7.71 -26.75 31.93
CA GLU A 312 -9.03 -26.57 32.51
C GLU A 312 -10.12 -27.00 31.56
N SER A 313 -9.79 -27.20 30.30
CA SER A 313 -10.75 -27.53 29.26
C SER A 313 -10.47 -28.92 28.70
N GLY A 314 -9.77 -29.77 29.44
CA GLY A 314 -9.42 -31.04 28.88
C GLY A 314 -10.25 -32.21 29.36
N ASP A 315 -11.57 -32.03 29.42
CA ASP A 315 -12.45 -33.10 29.86
C ASP A 315 -12.37 -34.29 28.93
N ARG A 316 -12.34 -34.06 27.62
CA ARG A 316 -12.22 -35.20 26.71
C ARG A 316 -10.89 -35.92 26.92
N ASN A 317 -9.82 -35.17 27.19
CA ASN A 317 -8.52 -35.80 27.41
C ASN A 317 -8.49 -36.58 28.72
N PHE A 318 -9.15 -36.07 29.75
CA PHE A 318 -9.30 -36.86 30.97
C PHE A 318 -10.13 -38.11 30.71
N ALA A 319 -11.16 -37.98 29.88
CA ALA A 319 -11.95 -39.14 29.50
C ALA A 319 -11.08 -40.17 28.78
N ILE A 320 -10.23 -39.71 27.85
CA ILE A 320 -9.30 -40.62 27.15
C ILE A 320 -8.32 -41.21 28.13
N GLY A 321 -7.76 -40.37 29.00
CA GLY A 321 -6.78 -40.85 29.97
C GLY A 321 -7.35 -41.94 30.87
N TYR A 322 -8.55 -41.73 31.40
CA TYR A 322 -9.15 -42.75 32.28
C TYR A 322 -9.48 -44.01 31.49
N TYR A 323 -9.95 -43.86 30.24
CA TYR A 323 -10.22 -45.02 29.39
C TYR A 323 -8.95 -45.84 29.16
N LEU A 324 -7.83 -45.17 28.87
CA LEU A 324 -6.57 -45.86 28.64
C LEU A 324 -6.09 -46.55 29.91
N LYS A 325 -6.21 -45.88 31.06
CA LYS A 325 -5.82 -46.46 32.33
C LYS A 325 -6.60 -47.74 32.61
N GLU A 326 -7.92 -47.68 32.50
CA GLU A 326 -8.74 -48.85 32.79
C GLU A 326 -8.38 -50.00 31.85
N LYS A 327 -8.05 -49.68 30.60
CA LYS A 327 -7.73 -50.70 29.61
C LYS A 327 -6.24 -51.06 29.55
N LYS A 328 -5.44 -50.72 30.59
CA LYS A 328 -4.03 -51.15 30.72
C LYS A 328 -3.17 -50.67 29.55
N CYS A 329 -3.37 -49.44 29.10
CA CYS A 329 -2.73 -48.95 27.88
C CYS A 329 -1.40 -48.23 28.10
N PHE A 330 -1.06 -47.91 29.35
CA PHE A 330 0.14 -47.17 29.66
C PHE A 330 1.25 -48.12 30.08
N PRO A 331 2.52 -47.70 29.98
CA PRO A 331 3.59 -48.52 30.55
C PRO A 331 3.41 -48.63 32.06
N GLU A 332 3.79 -49.80 32.59
CA GLU A 332 3.69 -50.07 34.00
C GLU A 332 4.35 -48.95 34.80
N GLY A 333 3.68 -48.52 35.86
CA GLY A 333 4.21 -47.46 36.69
C GLY A 333 3.88 -46.06 36.22
N THR A 334 2.86 -45.89 35.37
CA THR A 334 2.48 -44.59 34.84
C THR A 334 1.52 -43.87 35.78
N ASP A 335 1.79 -42.60 36.05
CA ASP A 335 0.80 -41.73 36.70
C ASP A 335 -0.01 -41.05 35.61
N MET A 336 -1.18 -41.62 35.29
CA MET A 336 -1.95 -41.13 34.16
C MET A 336 -2.30 -39.65 34.31
N VAL A 337 -2.72 -39.25 35.51
CA VAL A 337 -3.15 -37.87 35.71
C VAL A 337 -1.98 -36.91 35.46
N GLY A 338 -0.77 -37.30 35.86
CA GLY A 338 0.41 -36.50 35.57
C GLY A 338 0.74 -36.46 34.08
N ILE A 339 0.57 -37.59 33.39
CA ILE A 339 0.83 -37.66 31.96
C ILE A 339 -0.06 -36.68 31.20
N LEU A 340 -1.33 -36.59 31.60
CA LEU A 340 -2.21 -35.62 30.96
C LEU A 340 -1.66 -34.21 31.09
N ASP A 341 -1.10 -33.90 32.27
CA ASP A 341 -0.52 -32.59 32.50
C ASP A 341 0.72 -32.36 31.66
N PHE A 342 1.59 -33.38 31.58
CA PHE A 342 2.72 -33.32 30.66
C PHE A 342 2.20 -33.12 29.24
N TYR A 343 1.19 -33.90 28.87
CA TYR A 343 0.59 -33.81 27.54
C TYR A 343 0.10 -32.39 27.26
N PHE A 344 -0.60 -31.78 28.21
CA PHE A 344 -1.03 -30.38 28.04
C PHE A 344 0.16 -29.46 27.84
N GLN A 345 1.25 -29.70 28.55
CA GLN A 345 2.44 -28.88 28.35
C GLN A 345 2.95 -28.99 26.92
N LEU A 346 3.00 -30.22 26.39
CA LEU A 346 3.57 -30.42 25.06
C LEU A 346 2.74 -29.74 23.98
N CYS A 347 1.41 -29.67 24.12
CA CYS A 347 0.65 -28.99 23.08
C CYS A 347 0.70 -27.48 23.24
N SER A 348 1.26 -26.99 24.34
CA SER A 348 1.44 -25.58 24.54
C SER A 348 2.85 -25.11 24.23
N ILE A 349 3.72 -26.02 23.78
CA ILE A 349 5.04 -25.59 23.35
C ILE A 349 4.89 -24.63 22.18
N GLU A 350 5.67 -23.55 22.20
CA GLU A 350 5.55 -22.50 21.21
C GLU A 350 6.67 -22.60 20.20
N VAL A 351 6.33 -22.30 18.94
CA VAL A 351 7.28 -22.17 17.85
C VAL A 351 6.87 -20.94 17.06
N THR A 352 7.70 -20.58 16.08
CA THR A 352 7.32 -19.71 14.99
C THR A 352 7.27 -20.53 13.71
N CYS A 353 6.80 -19.92 12.63
CA CYS A 353 6.86 -20.60 11.34
C CYS A 353 8.29 -20.93 10.99
N GLU A 354 9.22 -20.01 11.25
CA GLU A 354 10.61 -20.20 10.87
C GLU A 354 11.24 -21.36 11.63
N SER A 355 11.12 -21.39 12.95
CA SER A 355 11.78 -22.45 13.69
C SER A 355 11.10 -23.79 13.42
N ALA A 356 9.77 -23.78 13.28
CA ALA A 356 9.09 -25.03 12.97
C ALA A 356 9.48 -25.55 11.59
N SER A 357 9.74 -24.66 10.63
CA SER A 357 10.19 -25.13 9.31
C SER A 357 11.51 -25.88 9.42
N VAL A 358 12.40 -25.48 10.32
CA VAL A 358 13.64 -26.22 10.50
C VAL A 358 13.35 -27.60 11.08
N MET A 359 12.41 -27.67 12.03
CA MET A 359 11.98 -28.95 12.60
C MET A 359 11.46 -29.87 11.50
N ALA A 360 10.55 -29.36 10.66
CA ALA A 360 10.06 -30.12 9.51
C ALA A 360 11.21 -30.48 8.57
N ALA A 361 12.17 -29.58 8.40
CA ALA A 361 13.31 -29.85 7.53
C ALA A 361 14.20 -30.96 8.09
N THR A 362 14.31 -31.06 9.41
CA THR A 362 15.03 -32.17 10.02
C THR A 362 14.38 -33.51 9.66
N LEU A 363 13.05 -33.55 9.66
CA LEU A 363 12.31 -34.73 9.21
C LEU A 363 12.45 -34.92 7.70
N ALA A 364 12.53 -33.83 6.93
CA ALA A 364 12.78 -33.98 5.50
C ALA A 364 14.18 -34.51 5.20
N ASN A 365 15.11 -34.37 6.14
CA ASN A 365 16.52 -34.61 5.90
C ASN A 365 17.04 -35.85 6.64
N GLY A 366 16.20 -36.87 6.76
CA GLY A 366 16.60 -38.12 7.39
C GLY A 366 16.98 -38.00 8.86
N GLY A 367 16.54 -36.96 9.54
CA GLY A 367 16.86 -36.81 10.94
C GLY A 367 18.06 -35.97 11.23
N PHE A 368 18.71 -35.41 10.22
CA PHE A 368 19.80 -34.47 10.43
C PHE A 368 19.26 -33.07 10.32
N CYS A 369 19.62 -32.23 11.24
CA CYS A 369 19.13 -30.86 11.20
C CYS A 369 19.91 -30.09 10.15
N PRO A 370 19.23 -29.43 9.20
CA PRO A 370 19.95 -28.91 8.04
C PRO A 370 20.82 -27.70 8.33
N ILE A 371 20.50 -26.89 9.34
CA ILE A 371 21.29 -25.68 9.57
C ILE A 371 22.38 -25.89 10.61
N THR A 372 22.47 -27.08 11.18
CA THR A 372 23.58 -27.42 12.06
C THR A 372 24.35 -28.67 11.65
N GLY A 373 23.77 -29.55 10.82
CA GLY A 373 24.41 -30.81 10.50
C GLY A 373 24.35 -31.87 11.58
N GLU A 374 23.66 -31.60 12.69
CA GLU A 374 23.64 -32.52 13.82
C GLU A 374 22.63 -33.63 13.58
N ARG A 375 23.03 -34.86 13.92
CA ARG A 375 22.10 -35.99 13.90
C ARG A 375 21.17 -35.88 15.10
N VAL A 376 19.88 -35.69 14.83
CA VAL A 376 18.90 -35.43 15.87
C VAL A 376 17.98 -36.61 16.09
N LEU A 377 17.52 -37.25 15.01
CA LEU A 377 16.66 -38.41 15.12
C LEU A 377 17.23 -39.55 14.29
N SER A 378 16.99 -40.77 14.75
CA SER A 378 17.37 -41.95 13.99
C SER A 378 16.54 -42.00 12.70
N PRO A 379 17.08 -42.62 11.65
CA PRO A 379 16.29 -42.77 10.41
C PRO A 379 14.98 -43.47 10.64
N GLU A 380 14.99 -44.47 11.52
CA GLU A 380 13.77 -45.20 11.88
C GLU A 380 12.73 -44.27 12.48
N ALA A 381 13.13 -43.42 13.43
CA ALA A 381 12.21 -42.45 13.98
C ALA A 381 11.62 -41.55 12.89
N VAL A 382 12.45 -41.11 11.94
CA VAL A 382 11.98 -40.19 10.90
C VAL A 382 11.07 -40.90 9.90
N ARG A 383 11.47 -42.10 9.44
CA ARG A 383 10.65 -42.84 8.49
C ARG A 383 9.27 -43.13 9.07
N ASN A 384 9.24 -43.67 10.30
CA ASN A 384 7.98 -43.96 10.97
C ASN A 384 7.12 -42.71 11.08
N THR A 385 7.72 -41.58 11.44
CA THR A 385 6.94 -40.37 11.59
C THR A 385 6.37 -39.89 10.27
N LEU A 386 7.19 -39.89 9.22
CA LEU A 386 6.69 -39.49 7.90
C LEU A 386 5.61 -40.44 7.42
N SER A 387 5.77 -41.76 7.67
CA SER A 387 4.74 -42.71 7.24
C SER A 387 3.40 -42.41 7.88
N LEU A 388 3.42 -42.07 9.19
CA LEU A 388 2.19 -41.85 9.94
C LEU A 388 1.64 -40.45 9.73
N MET A 389 2.49 -39.47 9.37
CA MET A 389 1.98 -38.18 8.91
C MET A 389 1.28 -38.30 7.56
N HIS A 390 1.77 -39.20 6.70
CA HIS A 390 1.11 -39.42 5.41
C HIS A 390 -0.37 -39.75 5.59
N SER A 391 -0.68 -40.75 6.42
CA SER A 391 -2.02 -41.30 6.50
C SER A 391 -2.87 -40.77 7.65
N CYS A 392 -2.26 -40.13 8.65
CA CYS A 392 -2.97 -39.77 9.87
C CYS A 392 -2.76 -38.33 10.32
N GLY A 393 -2.19 -37.46 9.48
CA GLY A 393 -1.75 -36.19 10.01
C GLY A 393 -2.73 -35.06 10.00
N MET A 394 -3.85 -35.20 9.30
CA MET A 394 -4.70 -34.06 8.99
C MET A 394 -6.15 -34.33 9.39
N TYR A 395 -6.35 -35.06 10.48
CA TYR A 395 -7.68 -35.41 11.02
C TYR A 395 -8.50 -36.12 9.94
N ASP A 396 -9.81 -35.86 9.87
CA ASP A 396 -10.67 -36.50 8.89
C ASP A 396 -10.32 -36.15 7.46
N PHE A 397 -9.46 -35.16 7.25
CA PHE A 397 -8.96 -34.85 5.91
C PHE A 397 -7.72 -35.66 5.54
N SER A 398 -7.25 -36.56 6.41
CA SER A 398 -5.97 -37.21 6.14
C SER A 398 -5.99 -38.00 4.84
N GLY A 399 -7.09 -38.71 4.55
CA GLY A 399 -7.16 -39.51 3.33
C GLY A 399 -7.18 -38.65 2.08
N GLN A 400 -8.04 -37.62 2.06
CA GLN A 400 -8.11 -36.69 0.94
C GLN A 400 -6.78 -35.98 0.74
N PHE A 401 -6.15 -35.60 1.85
CA PHE A 401 -4.86 -34.92 1.79
C PHE A 401 -3.78 -35.83 1.23
N ALA A 402 -3.73 -37.09 1.71
CA ALA A 402 -2.75 -38.03 1.16
C ALA A 402 -2.97 -38.25 -0.33
N PHE A 403 -4.22 -38.36 -0.75
CA PHE A 403 -4.49 -38.56 -2.16
C PHE A 403 -4.08 -37.35 -2.99
N HIS A 404 -4.52 -36.15 -2.58
CA HIS A 404 -4.44 -34.97 -3.44
C HIS A 404 -3.13 -34.22 -3.31
N VAL A 405 -2.59 -34.14 -2.09
CA VAL A 405 -1.34 -33.45 -1.83
C VAL A 405 -0.16 -34.42 -1.79
N GLY A 406 -0.37 -35.60 -1.21
CA GLY A 406 0.66 -36.62 -1.14
C GLY A 406 1.89 -36.19 -0.38
N LEU A 407 1.76 -35.40 0.68
CA LEU A 407 2.93 -35.06 1.47
C LEU A 407 2.66 -35.36 2.93
N PRO A 408 3.66 -35.88 3.66
CA PRO A 408 3.52 -36.00 5.11
C PRO A 408 3.34 -34.61 5.72
N ALA A 409 2.27 -34.45 6.50
CA ALA A 409 1.97 -33.17 7.11
C ALA A 409 1.25 -33.39 8.44
N LYS A 410 1.30 -32.39 9.31
CA LYS A 410 0.52 -32.50 10.54
C LYS A 410 -0.05 -31.15 10.92
N SER A 411 -1.36 -31.10 11.16
CA SER A 411 -2.00 -29.85 11.51
C SER A 411 -2.23 -29.74 13.01
N GLY A 412 -2.45 -28.50 13.45
CA GLY A 412 -2.75 -28.22 14.84
C GLY A 412 -3.82 -27.14 14.95
N VAL A 413 -4.48 -27.12 16.11
CA VAL A 413 -5.66 -26.31 16.28
C VAL A 413 -5.34 -24.82 16.34
N ALA A 414 -4.09 -24.45 16.63
CA ALA A 414 -3.66 -23.06 16.56
C ALA A 414 -3.52 -22.55 15.12
N GLY A 415 -3.74 -23.42 14.12
CA GLY A 415 -3.63 -23.04 12.73
C GLY A 415 -2.37 -23.49 12.01
N GLY A 416 -1.51 -24.29 12.67
CA GLY A 416 -0.26 -24.70 12.05
C GLY A 416 -0.41 -25.91 11.15
N ILE A 417 0.40 -25.95 10.09
CA ILE A 417 0.58 -27.17 9.30
C ILE A 417 2.07 -27.40 9.13
N LEU A 418 2.58 -28.39 9.84
CA LEU A 418 3.97 -28.83 9.68
C LEU A 418 4.04 -29.72 8.46
N LEU A 419 4.81 -29.29 7.46
CA LEU A 419 4.81 -29.94 6.15
C LEU A 419 6.22 -30.43 5.81
N VAL A 420 6.33 -31.67 5.36
CA VAL A 420 7.61 -32.26 5.00
C VAL A 420 7.56 -32.64 3.53
N VAL A 421 8.50 -32.12 2.75
CA VAL A 421 8.75 -32.68 1.42
C VAL A 421 10.01 -33.53 1.51
N PRO A 422 9.89 -34.84 1.63
CA PRO A 422 11.08 -35.69 1.86
C PRO A 422 12.16 -35.38 0.86
N ASN A 423 13.40 -35.29 1.36
CA ASN A 423 14.63 -35.05 0.61
C ASN A 423 14.70 -33.64 0.02
N VAL A 424 13.71 -32.78 0.26
CA VAL A 424 13.72 -31.46 -0.35
C VAL A 424 13.67 -30.37 0.71
N MET A 425 12.60 -30.32 1.51
CA MET A 425 12.46 -29.21 2.45
C MET A 425 11.46 -29.55 3.54
N GLY A 426 11.49 -28.73 4.60
CA GLY A 426 10.45 -28.71 5.61
C GLY A 426 9.76 -27.37 5.54
N MET A 427 8.48 -27.33 5.94
CA MET A 427 7.74 -26.08 5.95
C MET A 427 6.85 -26.01 7.19
N MET A 428 6.61 -24.79 7.66
CA MET A 428 5.53 -24.51 8.60
C MET A 428 4.64 -23.45 7.98
N CYS A 429 3.36 -23.79 7.82
CA CYS A 429 2.34 -22.82 7.46
C CYS A 429 1.50 -22.54 8.70
N TRP A 430 1.19 -21.27 8.91
CA TRP A 430 0.43 -20.93 10.11
C TRP A 430 -0.62 -19.91 9.75
N SER A 431 -1.87 -20.27 10.01
CA SER A 431 -2.99 -19.34 9.91
C SER A 431 -4.12 -19.84 10.79
N PRO A 432 -4.50 -19.08 11.81
CA PRO A 432 -5.39 -19.62 12.87
C PRO A 432 -6.76 -20.05 12.36
N PRO A 433 -7.39 -19.39 11.37
CA PRO A 433 -8.75 -19.83 10.99
C PRO A 433 -8.76 -21.25 10.44
N LEU A 434 -9.56 -22.11 11.08
CA LEU A 434 -9.64 -23.52 10.75
C LEU A 434 -10.92 -23.82 9.99
N ASP A 435 -10.87 -24.84 9.14
CA ASP A 435 -12.06 -25.28 8.45
C ASP A 435 -12.84 -26.26 9.34
N LYS A 436 -13.91 -26.83 8.78
CA LYS A 436 -14.81 -27.72 9.51
C LYS A 436 -14.11 -28.95 10.04
N MET A 437 -12.97 -29.34 9.45
CA MET A 437 -12.24 -30.52 9.88
C MET A 437 -11.13 -30.21 10.87
N GLY A 438 -10.89 -28.94 11.17
CA GLY A 438 -9.88 -28.54 12.13
C GLY A 438 -8.56 -28.11 11.53
N ASN A 439 -8.44 -28.11 10.21
CA ASN A 439 -7.22 -27.75 9.52
C ASN A 439 -7.26 -26.30 9.04
N SER A 440 -6.11 -25.64 9.13
CA SER A 440 -6.02 -24.24 8.74
C SER A 440 -6.39 -24.08 7.27
N VAL A 441 -7.41 -23.24 7.05
CA VAL A 441 -7.97 -23.03 5.71
C VAL A 441 -6.88 -22.61 4.73
N LYS A 442 -6.10 -21.58 5.11
CA LYS A 442 -5.05 -21.07 4.24
C LYS A 442 -3.94 -22.11 4.02
N GLY A 443 -3.53 -22.79 5.10
CA GLY A 443 -2.48 -23.77 4.95
C GLY A 443 -2.87 -24.87 3.98
N ILE A 444 -4.10 -25.38 4.12
CA ILE A 444 -4.59 -26.46 3.25
C ILE A 444 -4.62 -25.98 1.81
N HIS A 445 -5.04 -24.73 1.61
CA HIS A 445 -5.08 -24.14 0.28
C HIS A 445 -3.68 -24.03 -0.29
N PHE A 446 -2.74 -23.52 0.52
CA PHE A 446 -1.33 -23.46 0.11
C PHE A 446 -0.78 -24.83 -0.25
N CYS A 447 -1.13 -25.87 0.51
CA CYS A 447 -0.53 -27.19 0.27
C CYS A 447 -1.10 -27.83 -0.99
N HIS A 448 -2.35 -27.54 -1.31
CA HIS A 448 -2.89 -27.98 -2.59
C HIS A 448 -2.20 -27.28 -3.74
N ASP A 449 -2.06 -25.95 -3.65
CA ASP A 449 -1.42 -25.18 -4.71
C ASP A 449 0.01 -25.62 -4.90
N LEU A 450 0.72 -25.89 -3.80
CA LEU A 450 2.14 -26.18 -3.87
C LEU A 450 2.40 -27.43 -4.70
N VAL A 451 1.60 -28.47 -4.48
CA VAL A 451 1.79 -29.71 -5.21
C VAL A 451 1.15 -29.64 -6.58
N SER A 452 0.15 -28.77 -6.73
CA SER A 452 -0.41 -28.52 -8.05
C SER A 452 0.63 -27.87 -8.95
N LEU A 453 1.53 -27.08 -8.35
CA LEU A 453 2.58 -26.36 -9.07
C LEU A 453 3.85 -27.19 -9.25
N CYS A 454 4.27 -27.93 -8.23
CA CYS A 454 5.54 -28.63 -8.27
C CYS A 454 5.33 -30.13 -8.13
N ASN A 455 6.27 -30.89 -8.68
CA ASN A 455 6.15 -32.34 -8.69
C ASN A 455 6.66 -32.89 -7.36
N PHE A 456 6.11 -32.36 -6.27
CA PHE A 456 6.45 -32.75 -4.91
C PHE A 456 5.53 -33.84 -4.37
N HIS A 457 4.40 -34.13 -5.03
CA HIS A 457 3.53 -35.21 -4.59
C HIS A 457 4.35 -36.47 -4.44
N ASN A 458 4.09 -37.18 -3.33
CA ASN A 458 4.78 -38.43 -3.05
C ASN A 458 4.83 -39.35 -4.26
N TYR A 459 3.77 -39.36 -5.07
CA TYR A 459 3.68 -40.24 -6.21
C TYR A 459 3.63 -39.50 -7.55
N ASP A 460 4.09 -38.24 -7.59
CA ASP A 460 4.55 -37.67 -8.85
C ASP A 460 5.77 -38.45 -9.30
N ASN A 461 5.99 -38.48 -10.60
CA ASN A 461 7.20 -39.07 -11.15
C ASN A 461 8.23 -37.96 -11.39
N LEU A 462 9.50 -38.26 -11.08
CA LEU A 462 10.59 -37.28 -11.16
C LEU A 462 11.09 -37.02 -12.57
N ARG A 463 10.73 -37.88 -13.52
CA ARG A 463 11.18 -37.81 -14.90
C ARG A 463 10.10 -37.33 -15.86
N HIS A 464 8.88 -37.82 -15.69
CA HIS A 464 7.72 -37.43 -16.49
C HIS A 464 6.68 -36.84 -15.56
N PHE A 465 6.57 -35.52 -15.51
CA PHE A 465 5.66 -34.89 -14.55
C PHE A 465 4.78 -33.82 -15.20
N ALA A 466 4.50 -33.96 -16.50
CA ALA A 466 3.51 -33.12 -17.20
C ALA A 466 3.97 -31.67 -17.10
N LYS A 467 3.10 -30.73 -16.74
CA LYS A 467 3.44 -29.31 -16.71
C LYS A 467 3.90 -28.81 -15.35
N LYS A 468 4.00 -29.68 -14.36
CA LYS A 468 4.47 -29.22 -13.07
C LYS A 468 5.92 -28.75 -13.20
N LEU A 469 6.26 -27.75 -12.40
CA LEU A 469 7.63 -27.33 -12.23
C LEU A 469 8.37 -28.28 -11.30
N ASP A 470 9.65 -28.54 -11.59
CA ASP A 470 10.50 -29.29 -10.66
C ASP A 470 11.58 -28.35 -10.15
N PRO A 471 11.44 -27.81 -8.94
CA PRO A 471 12.43 -26.86 -8.42
C PRO A 471 13.79 -27.49 -8.15
N ARG A 472 13.92 -28.81 -8.22
CA ARG A 472 15.24 -29.42 -8.06
C ARG A 472 16.11 -29.27 -9.29
N ARG A 473 15.57 -28.74 -10.35
CA ARG A 473 16.24 -28.64 -11.64
C ARG A 473 16.64 -27.23 -12.00
N GLU A 474 17.46 -27.14 -13.05
CA GLU A 474 17.96 -25.88 -13.59
C GLU A 474 17.29 -25.48 -14.91
N PRO B 66 22.22 15.54 -19.74
CA PRO B 66 20.88 16.06 -19.47
C PRO B 66 20.63 16.30 -17.99
N SER B 67 19.43 16.76 -17.61
CA SER B 67 19.02 16.87 -16.21
C SER B 67 17.56 17.29 -16.09
N LEU B 68 16.83 16.70 -15.15
CA LEU B 68 15.36 16.85 -15.16
C LEU B 68 14.97 18.27 -14.80
N GLU B 69 15.63 18.85 -13.79
CA GLU B 69 15.40 20.25 -13.44
C GLU B 69 15.75 21.18 -14.59
N ASP B 70 16.81 20.83 -15.35
CA ASP B 70 17.27 21.63 -16.48
C ASP B 70 16.25 21.63 -17.62
N LEU B 71 15.86 20.45 -18.09
CA LEU B 71 14.91 20.36 -19.20
C LEU B 71 13.62 21.06 -18.86
N LEU B 72 13.20 20.90 -17.62
CA LEU B 72 11.99 21.51 -17.14
C LEU B 72 12.10 23.02 -17.14
N PHE B 73 13.23 23.51 -16.66
CA PHE B 73 13.49 24.94 -16.66
C PHE B 73 13.35 25.51 -18.06
N TYR B 74 13.91 24.82 -19.07
CA TYR B 74 13.85 25.31 -20.44
C TYR B 74 12.43 25.25 -21.01
N THR B 75 11.67 24.22 -20.63
CA THR B 75 10.29 24.15 -21.11
C THR B 75 9.47 25.32 -20.58
N ILE B 76 9.76 25.77 -19.36
CA ILE B 76 9.09 26.95 -18.81
C ILE B 76 9.80 28.25 -19.23
N ALA B 77 11.10 28.18 -19.53
CA ALA B 77 11.87 29.38 -19.85
C ALA B 77 11.46 30.01 -21.16
N GLU B 78 11.04 29.20 -22.15
CA GLU B 78 10.66 29.68 -23.48
C GLU B 78 11.86 30.23 -24.24
N GLY B 79 13.03 29.62 -24.04
CA GLY B 79 14.25 30.17 -24.60
C GLY B 79 14.81 31.34 -23.84
N GLN B 80 13.97 32.04 -23.09
CA GLN B 80 14.35 33.24 -22.35
C GLN B 80 15.41 32.93 -21.28
N GLU B 81 16.07 34.01 -20.84
CA GLU B 81 17.18 33.99 -19.88
C GLU B 81 16.78 33.48 -18.51
N LYS B 82 15.68 34.01 -17.97
CA LYS B 82 15.29 33.75 -16.60
C LYS B 82 13.78 33.58 -16.53
N ILE B 83 13.31 32.90 -15.49
CA ILE B 83 11.87 32.69 -15.30
C ILE B 83 11.42 33.59 -14.16
N PRO B 84 10.54 34.56 -14.40
CA PRO B 84 9.94 35.29 -13.28
C PRO B 84 9.15 34.34 -12.40
N VAL B 85 9.17 34.60 -11.09
CA VAL B 85 8.55 33.66 -10.15
C VAL B 85 7.05 33.57 -10.37
N HIS B 86 6.39 34.70 -10.66
CA HIS B 86 4.96 34.69 -10.92
C HIS B 86 4.62 33.84 -12.13
N LYS B 87 5.48 33.84 -13.15
CA LYS B 87 5.24 33.04 -14.34
C LYS B 87 5.33 31.56 -14.04
N PHE B 88 6.19 31.17 -13.10
CA PHE B 88 6.23 29.76 -12.69
C PHE B 88 4.99 29.39 -11.89
N ILE B 89 4.53 30.29 -11.01
CA ILE B 89 3.32 30.02 -10.22
C ILE B 89 2.12 29.89 -11.13
N THR B 90 1.95 30.82 -12.06
CA THR B 90 0.80 30.76 -12.97
C THR B 90 0.87 29.50 -13.83
N ALA B 91 2.07 29.13 -14.26
CA ALA B 91 2.24 27.94 -15.05
C ALA B 91 1.88 26.70 -14.24
N LEU B 92 2.21 26.70 -12.95
CA LEU B 92 1.94 25.52 -12.12
C LEU B 92 0.44 25.35 -11.85
N LYS B 93 -0.27 26.46 -11.54
CA LYS B 93 -1.70 26.38 -11.27
C LYS B 93 -2.45 25.92 -12.51
N SER B 94 -1.88 26.27 -13.67
CA SER B 94 -2.34 25.88 -14.99
C SER B 94 -2.48 24.38 -15.13
N THR B 95 -1.60 23.62 -14.47
CA THR B 95 -1.72 22.16 -14.44
C THR B 95 -2.84 21.69 -13.53
N GLY B 96 -3.34 22.57 -12.65
CA GLY B 96 -4.38 22.22 -11.71
C GLY B 96 -3.91 22.00 -10.29
N LEU B 97 -2.61 21.81 -10.07
CA LEU B 97 -2.12 21.71 -8.71
C LEU B 97 -2.22 23.07 -8.06
N ARG B 98 -2.48 23.07 -6.76
CA ARG B 98 -2.40 24.29 -5.98
C ARG B 98 -1.02 24.45 -5.36
N THR B 99 -0.60 25.71 -5.19
CA THR B 99 0.69 25.97 -4.57
C THR B 99 0.76 25.43 -3.14
N SER B 100 -0.38 25.24 -2.48
CA SER B 100 -0.41 24.66 -1.14
C SER B 100 -0.36 23.13 -1.15
N ASP B 101 -0.28 22.49 -2.31
CA ASP B 101 -0.21 21.04 -2.37
C ASP B 101 0.88 20.52 -1.42
N PRO B 102 0.55 19.65 -0.47
CA PRO B 102 1.55 19.18 0.50
C PRO B 102 2.79 18.54 -0.13
N ARG B 103 2.67 17.94 -1.32
CA ARG B 103 3.81 17.32 -2.01
C ARG B 103 4.73 18.36 -2.66
N LEU B 104 4.33 19.62 -2.65
CA LEU B 104 5.11 20.70 -3.21
C LEU B 104 5.71 21.59 -2.12
N LYS B 105 5.68 21.15 -0.86
CA LYS B 105 6.04 22.03 0.25
C LYS B 105 7.50 22.48 0.18
N GLU B 106 8.42 21.54 -0.05
CA GLU B 106 9.83 21.90 -0.13
C GLU B 106 10.06 22.95 -1.20
N CYS B 107 9.39 22.81 -2.34
CA CYS B 107 9.53 23.79 -3.41
C CYS B 107 8.97 25.14 -3.01
N MET B 108 7.80 25.16 -2.37
CA MET B 108 7.24 26.43 -1.93
C MET B 108 8.05 27.02 -0.79
N ASP B 109 8.60 26.18 0.10
CA ASP B 109 9.48 26.68 1.14
C ASP B 109 10.71 27.36 0.53
N MET B 110 11.31 26.72 -0.48
CA MET B 110 12.48 27.26 -1.16
C MET B 110 12.13 28.56 -1.87
N LEU B 111 10.94 28.63 -2.48
CA LEU B 111 10.50 29.85 -3.11
C LEU B 111 10.32 30.96 -2.07
N ARG B 112 9.74 30.63 -0.91
CA ARG B 112 9.56 31.65 0.12
C ARG B 112 10.92 32.17 0.63
N LEU B 113 11.88 31.27 0.80
CA LEU B 113 13.21 31.71 1.22
C LEU B 113 13.84 32.62 0.16
N THR B 114 13.69 32.26 -1.10
CA THR B 114 14.23 33.06 -2.20
C THR B 114 13.50 34.40 -2.34
N LEU B 115 12.21 34.46 -1.98
CA LEU B 115 11.52 35.74 -2.19
C LEU B 115 11.87 36.79 -1.15
N GLN B 116 12.87 36.49 -0.33
CA GLN B 116 13.52 37.44 0.58
C GLN B 116 14.92 37.85 0.14
N THR B 117 15.73 36.87 -0.30
CA THR B 117 17.14 37.05 -0.65
C THR B 117 17.37 38.17 -1.65
N THR B 118 16.71 38.07 -2.79
CA THR B 118 16.95 38.80 -4.04
C THR B 118 15.65 39.53 -4.26
N SER B 119 15.51 40.67 -3.61
CA SER B 119 14.33 41.44 -3.90
C SER B 119 14.64 42.41 -5.05
N ASP B 120 15.88 42.28 -5.62
CA ASP B 120 16.28 42.65 -6.98
C ASP B 120 16.06 41.40 -7.83
N GLY B 121 14.80 41.15 -8.16
CA GLY B 121 14.43 39.98 -8.95
C GLY B 121 13.22 40.32 -9.81
N VAL B 122 12.14 39.55 -9.66
CA VAL B 122 12.09 38.43 -8.71
C VAL B 122 12.25 37.13 -9.51
N MET B 123 13.42 36.97 -10.12
CA MET B 123 13.58 36.03 -11.23
C MET B 123 14.59 34.94 -10.89
N LEU B 124 14.33 33.75 -11.39
CA LEU B 124 15.10 32.56 -11.10
C LEU B 124 15.90 32.16 -12.34
N ASP B 125 17.22 32.17 -12.22
CA ASP B 125 18.03 31.56 -13.27
C ASP B 125 17.96 30.04 -13.11
N LYS B 126 18.51 29.34 -14.11
CA LYS B 126 18.48 27.88 -14.09
C LYS B 126 19.01 27.33 -12.77
N ASP B 127 20.08 27.95 -12.26
CA ASP B 127 20.65 27.56 -10.98
C ASP B 127 19.63 27.71 -9.85
N LEU B 128 18.99 28.87 -9.75
CA LEU B 128 18.09 29.15 -8.64
C LEU B 128 16.78 28.36 -8.77
N PHE B 129 16.24 28.29 -9.99
CA PHE B 129 15.08 27.44 -10.26
C PHE B 129 15.36 26.01 -9.83
N LYS B 130 16.53 25.49 -10.21
CA LYS B 130 16.91 24.14 -9.85
C LYS B 130 16.96 23.99 -8.34
N LYS B 131 17.46 25.01 -7.66
CA LYS B 131 17.49 25.01 -6.20
C LYS B 131 16.10 24.85 -5.62
N CYS B 132 15.09 25.45 -6.27
CA CYS B 132 13.76 25.44 -5.69
C CYS B 132 12.98 24.17 -6.02
N VAL B 133 13.02 23.71 -7.28
CA VAL B 133 12.12 22.65 -7.72
C VAL B 133 12.71 21.26 -7.57
N GLN B 134 13.97 21.14 -7.17
CA GLN B 134 14.65 19.87 -7.36
C GLN B 134 14.07 18.78 -6.44
N SER B 135 13.59 19.13 -5.23
CA SER B 135 13.11 18.06 -4.36
C SER B 135 11.68 17.64 -4.69
N ASN B 136 10.98 18.39 -5.55
CA ASN B 136 9.64 18.06 -6.03
C ASN B 136 9.65 17.91 -7.54
N ILE B 137 10.80 17.50 -8.09
CA ILE B 137 11.02 17.56 -9.53
C ILE B 137 10.16 16.56 -10.28
N VAL B 138 9.95 15.38 -9.72
CA VAL B 138 9.20 14.33 -10.39
C VAL B 138 7.74 14.77 -10.59
N LEU B 139 7.11 15.23 -9.50
CA LEU B 139 5.73 15.69 -9.58
C LEU B 139 5.59 16.89 -10.50
N LEU B 140 6.55 17.83 -10.43
CA LEU B 140 6.46 19.05 -11.21
C LEU B 140 6.61 18.79 -12.71
N THR B 141 7.50 17.88 -13.09
CA THR B 141 7.64 17.54 -14.50
C THR B 141 6.39 16.86 -14.99
N GLN B 142 5.93 15.92 -14.20
CA GLN B 142 4.78 15.13 -14.57
C GLN B 142 3.57 16.03 -14.75
N ALA B 143 3.47 17.06 -13.90
CA ALA B 143 2.42 18.07 -14.05
C ALA B 143 2.61 18.89 -15.31
N PHE B 144 3.85 19.32 -15.55
CA PHE B 144 4.13 20.25 -16.63
C PHE B 144 4.22 19.56 -17.99
N ARG B 145 4.56 18.28 -18.03
CA ARG B 145 4.52 17.50 -19.26
C ARG B 145 3.15 16.83 -19.54
N ARG B 146 2.03 17.39 -19.05
CA ARG B 146 0.68 16.89 -19.35
C ARG B 146 0.54 15.40 -19.06
N LYS B 147 1.17 14.95 -17.98
CA LYS B 147 1.12 13.54 -17.64
C LYS B 147 0.05 13.22 -16.61
N PHE B 148 -0.73 14.21 -16.17
CA PHE B 148 -1.76 13.97 -15.16
C PHE B 148 -3.00 13.34 -15.79
N VAL B 149 -3.85 12.79 -14.93
CA VAL B 149 -4.97 11.99 -15.42
C VAL B 149 -5.87 12.82 -16.32
N ILE B 150 -5.96 14.13 -16.07
CA ILE B 150 -6.63 15.05 -16.98
C ILE B 150 -5.60 16.05 -17.47
N PRO B 151 -5.03 15.83 -18.67
CA PRO B 151 -3.96 16.73 -19.14
C PRO B 151 -4.43 18.16 -19.31
N ASP B 152 -5.56 18.35 -19.99
CA ASP B 152 -6.09 19.70 -20.21
C ASP B 152 -7.10 20.04 -19.12
N PHE B 153 -6.56 20.27 -17.92
CA PHE B 153 -7.40 20.47 -16.75
C PHE B 153 -8.16 21.79 -16.82
N MET B 154 -7.56 22.83 -17.41
CA MET B 154 -8.26 24.11 -17.53
C MET B 154 -9.48 23.97 -18.43
N SER B 155 -9.35 23.26 -19.56
CA SER B 155 -10.54 22.94 -20.35
C SER B 155 -11.57 22.22 -19.51
N PHE B 156 -11.13 21.24 -18.72
CA PHE B 156 -12.05 20.43 -17.94
C PHE B 156 -12.81 21.27 -16.91
N THR B 157 -12.10 22.16 -16.19
CA THR B 157 -12.80 22.94 -15.17
C THR B 157 -13.83 23.89 -15.80
N SER B 158 -13.62 24.31 -17.04
CA SER B 158 -14.64 25.17 -17.64
C SER B 158 -15.88 24.36 -17.97
N HIS B 159 -15.74 23.07 -18.26
CA HIS B 159 -16.90 22.19 -18.38
C HIS B 159 -17.62 22.02 -17.04
N ILE B 160 -16.84 21.78 -15.97
CA ILE B 160 -17.41 21.71 -14.62
C ILE B 160 -18.16 23.00 -14.30
N ASP B 161 -17.60 24.14 -14.69
CA ASP B 161 -18.27 25.41 -14.44
C ASP B 161 -19.60 25.50 -15.16
N GLU B 162 -19.65 25.06 -16.43
CA GLU B 162 -20.92 25.09 -17.14
C GLU B 162 -21.93 24.15 -16.50
N LEU B 163 -21.48 22.93 -16.13
CA LEU B 163 -22.34 21.99 -15.41
C LEU B 163 -22.83 22.61 -14.11
N TYR B 164 -21.93 23.27 -13.38
CA TYR B 164 -22.30 23.94 -12.15
C TYR B 164 -23.41 24.95 -12.41
N GLU B 165 -23.23 25.80 -13.43
CA GLU B 165 -24.20 26.83 -13.74
C GLU B 165 -25.53 26.21 -14.18
N SER B 166 -25.48 25.08 -14.86
CA SER B 166 -26.74 24.44 -15.26
C SER B 166 -27.49 23.88 -14.06
N ALA B 167 -26.80 23.21 -13.14
CA ALA B 167 -27.48 22.72 -11.93
C ALA B 167 -27.93 23.88 -11.04
N LYS B 168 -27.22 25.00 -11.09
CA LYS B 168 -27.60 26.17 -10.29
C LYS B 168 -28.99 26.66 -10.64
N LYS B 169 -29.46 26.38 -11.85
CA LYS B 169 -30.80 26.83 -12.23
C LYS B 169 -31.90 25.89 -11.76
N GLN B 170 -31.55 24.73 -11.17
CA GLN B 170 -32.54 23.81 -10.61
C GLN B 170 -32.76 24.18 -9.13
N SER B 171 -33.76 25.02 -8.89
CA SER B 171 -33.97 25.61 -7.57
C SER B 171 -34.88 24.80 -6.67
N GLY B 172 -35.45 23.70 -7.17
CA GLY B 172 -36.38 22.88 -6.40
C GLY B 172 -35.74 22.16 -5.22
N GLY B 173 -36.54 21.36 -4.53
CA GLY B 173 -36.09 20.60 -3.40
C GLY B 173 -36.44 21.26 -2.07
N LYS B 174 -36.36 20.48 -0.99
CA LYS B 174 -36.65 20.99 0.34
C LYS B 174 -35.45 20.74 1.24
N VAL B 175 -34.99 21.81 1.91
CA VAL B 175 -33.90 21.67 2.87
C VAL B 175 -34.40 20.80 4.03
N ALA B 176 -33.56 19.84 4.44
CA ALA B 176 -33.88 19.03 5.61
C ALA B 176 -34.13 19.94 6.81
N ASP B 177 -35.23 19.69 7.51
CA ASP B 177 -35.60 20.55 8.62
C ASP B 177 -35.87 19.79 9.91
N TYR B 178 -35.66 18.47 9.94
CA TYR B 178 -36.01 17.69 11.11
C TYR B 178 -35.14 18.01 12.32
N ILE B 179 -34.02 18.71 12.13
CA ILE B 179 -33.27 19.31 13.24
C ILE B 179 -32.95 20.76 12.87
N PRO B 180 -32.88 21.68 13.84
CA PRO B 180 -32.72 23.11 13.51
C PRO B 180 -31.36 23.46 12.90
N GLN B 181 -30.37 22.55 12.96
CA GLN B 181 -29.07 22.82 12.36
C GLN B 181 -29.09 22.62 10.86
N LEU B 182 -30.01 21.80 10.35
CA LEU B 182 -30.14 21.63 8.92
C LEU B 182 -31.03 22.70 8.31
N ALA B 183 -32.11 23.07 9.01
CA ALA B 183 -33.00 24.11 8.52
C ALA B 183 -32.30 25.48 8.46
N LYS B 184 -31.20 25.65 9.21
CA LYS B 184 -30.50 26.94 9.19
C LYS B 184 -29.86 27.21 7.84
N PHE B 185 -29.58 26.15 7.08
CA PHE B 185 -28.78 26.29 5.87
C PHE B 185 -29.61 26.85 4.72
N SER B 186 -28.99 27.76 3.97
CA SER B 186 -29.65 28.43 2.86
C SER B 186 -29.98 27.43 1.74
N PRO B 187 -31.15 27.53 1.12
CA PRO B 187 -31.43 26.71 -0.08
C PRO B 187 -30.60 27.13 -1.28
N ASP B 188 -29.82 28.20 -1.17
CA ASP B 188 -29.06 28.77 -2.27
C ASP B 188 -27.60 28.38 -2.27
N LEU B 189 -27.12 27.73 -1.22
CA LEU B 189 -25.73 27.29 -1.21
C LEU B 189 -25.57 26.12 -2.18
N TRP B 190 -24.52 26.18 -2.98
CA TRP B 190 -24.27 25.19 -4.02
C TRP B 190 -22.78 25.19 -4.29
N GLY B 191 -22.14 24.06 -4.06
CA GLY B 191 -20.71 23.95 -4.30
C GLY B 191 -20.34 22.61 -4.90
N VAL B 192 -19.34 22.65 -5.75
CA VAL B 192 -18.77 21.45 -6.35
C VAL B 192 -17.27 21.55 -6.23
N SER B 193 -16.64 20.48 -5.77
CA SER B 193 -15.20 20.44 -5.71
C SER B 193 -14.69 19.17 -6.34
N VAL B 194 -13.64 19.33 -7.12
CA VAL B 194 -12.97 18.24 -7.81
C VAL B 194 -11.57 18.11 -7.25
N CYS B 195 -11.15 16.88 -7.00
CA CYS B 195 -9.74 16.57 -6.78
C CYS B 195 -9.42 15.30 -7.55
N THR B 196 -8.54 15.40 -8.55
CA THR B 196 -8.18 14.24 -9.37
C THR B 196 -7.26 13.29 -8.58
N VAL B 197 -7.05 12.10 -9.13
CA VAL B 197 -6.15 11.14 -8.49
C VAL B 197 -4.70 11.62 -8.52
N ASP B 198 -4.42 12.71 -9.24
CA ASP B 198 -3.10 13.34 -9.25
C ASP B 198 -3.05 14.61 -8.43
N GLY B 199 -4.13 14.98 -7.76
CA GLY B 199 -4.12 16.16 -6.93
C GLY B 199 -4.49 17.45 -7.63
N GLN B 200 -4.99 17.39 -8.87
CA GLN B 200 -5.46 18.61 -9.53
C GLN B 200 -6.80 19.03 -8.92
N ARG B 201 -6.93 20.32 -8.64
CA ARG B 201 -8.02 20.84 -7.82
C ARG B 201 -8.85 21.87 -8.58
N HIS B 202 -10.16 21.83 -8.37
CA HIS B 202 -11.02 22.87 -8.89
C HIS B 202 -12.27 22.95 -8.04
N SER B 203 -12.75 24.17 -7.87
CA SER B 203 -13.97 24.40 -7.10
C SER B 203 -14.76 25.53 -7.74
N THR B 204 -16.07 25.42 -7.66
CA THR B 204 -16.95 26.51 -8.04
C THR B 204 -18.10 26.50 -7.06
N GLY B 205 -18.52 27.69 -6.64
CA GLY B 205 -19.56 27.84 -5.65
C GLY B 205 -19.09 27.82 -4.21
N ASP B 206 -19.97 27.40 -3.32
CA ASP B 206 -19.77 27.48 -1.87
C ASP B 206 -19.02 26.25 -1.36
N THR B 207 -17.72 26.24 -1.65
CA THR B 207 -16.93 25.04 -1.44
C THR B 207 -16.07 25.08 -0.18
N LYS B 208 -16.06 26.20 0.56
CA LYS B 208 -15.35 26.27 1.83
C LYS B 208 -16.31 26.56 2.98
N VAL B 209 -17.58 26.24 2.81
CA VAL B 209 -18.59 26.38 3.84
C VAL B 209 -18.75 25.03 4.50
N PRO B 210 -18.44 24.88 5.78
CA PRO B 210 -18.56 23.56 6.42
C PRO B 210 -20.01 23.15 6.57
N PHE B 211 -20.23 21.85 6.38
CA PHE B 211 -21.51 21.18 6.57
C PHE B 211 -21.19 19.76 7.02
N CYS B 212 -22.18 19.07 7.55
CA CYS B 212 -21.91 17.75 8.10
C CYS B 212 -22.06 16.67 7.04
N LEU B 213 -21.23 15.65 7.18
CA LEU B 213 -21.23 14.55 6.23
C LEU B 213 -22.56 13.81 6.29
N GLN B 214 -23.11 13.64 7.49
CA GLN B 214 -24.31 12.84 7.72
C GLN B 214 -24.06 11.48 7.08
N SER B 215 -24.91 11.00 6.18
CA SER B 215 -24.74 9.65 5.67
C SER B 215 -23.62 9.53 4.65
N CYS B 216 -23.02 10.65 4.22
CA CYS B 216 -21.81 10.55 3.41
C CYS B 216 -20.67 9.93 4.21
N VAL B 217 -20.77 9.88 5.54
CA VAL B 217 -19.72 9.26 6.35
C VAL B 217 -19.80 7.74 6.35
N LYS B 218 -20.96 7.18 6.00
CA LYS B 218 -21.14 5.73 6.03
C LYS B 218 -20.09 4.99 5.20
N PRO B 219 -19.78 5.42 3.97
CA PRO B 219 -18.71 4.72 3.25
C PRO B 219 -17.35 4.93 3.88
N LEU B 220 -17.10 6.10 4.48
CA LEU B 220 -15.79 6.35 5.09
C LEU B 220 -15.56 5.44 6.28
N LYS B 221 -16.55 5.31 7.16
CA LYS B 221 -16.33 4.43 8.32
C LYS B 221 -16.38 2.96 7.93
N TYR B 222 -17.17 2.60 6.91
CA TYR B 222 -17.13 1.22 6.44
C TYR B 222 -15.75 0.91 5.89
N ALA B 223 -15.15 1.86 5.15
CA ALA B 223 -13.81 1.66 4.63
C ALA B 223 -12.82 1.47 5.78
N ILE B 224 -12.95 2.28 6.85
CA ILE B 224 -12.07 2.13 8.01
C ILE B 224 -12.19 0.73 8.59
N ALA B 225 -13.43 0.28 8.78
CA ALA B 225 -13.67 -1.03 9.38
C ALA B 225 -13.08 -2.15 8.52
N VAL B 226 -13.26 -2.07 7.20
CA VAL B 226 -12.67 -3.11 6.36
C VAL B 226 -11.15 -3.01 6.37
N ASN B 227 -10.64 -1.78 6.38
CA ASN B 227 -9.20 -1.57 6.42
C ASN B 227 -8.57 -2.17 7.67
N ASP B 228 -9.23 -2.02 8.83
CA ASP B 228 -8.68 -2.47 10.10
C ASP B 228 -8.94 -3.95 10.39
N LEU B 229 -10.02 -4.51 9.84
CA LEU B 229 -10.50 -5.83 10.23
C LEU B 229 -10.67 -6.79 9.07
N GLY B 230 -10.65 -6.33 7.83
CA GLY B 230 -10.80 -7.21 6.70
C GLY B 230 -12.26 -7.38 6.29
N THR B 231 -12.44 -7.78 5.03
CA THR B 231 -13.76 -7.95 4.44
C THR B 231 -14.55 -9.03 5.15
N GLU B 232 -13.92 -10.19 5.39
CA GLU B 232 -14.68 -11.33 5.88
C GLU B 232 -15.24 -11.06 7.27
N TYR B 233 -14.44 -10.47 8.15
CA TYR B 233 -14.95 -10.19 9.49
C TYR B 233 -16.09 -9.17 9.45
N VAL B 234 -15.87 -8.04 8.76
CA VAL B 234 -16.86 -6.96 8.72
C VAL B 234 -18.20 -7.49 8.24
N HIS B 235 -18.19 -8.34 7.23
CA HIS B 235 -19.43 -8.83 6.67
C HIS B 235 -19.97 -10.07 7.39
N ARG B 236 -19.40 -10.41 8.55
CA ARG B 236 -20.15 -11.23 9.50
C ARG B 236 -21.30 -10.47 10.10
N TYR B 237 -21.21 -9.15 10.13
CA TYR B 237 -22.15 -8.32 10.82
C TYR B 237 -23.07 -7.52 9.89
N VAL B 238 -22.75 -7.42 8.61
CA VAL B 238 -23.51 -6.58 7.71
C VAL B 238 -23.42 -7.20 6.32
N GLY B 239 -24.50 -7.13 5.57
CA GLY B 239 -24.55 -7.68 4.24
C GLY B 239 -23.83 -6.81 3.22
N LYS B 240 -23.95 -7.23 1.96
CA LYS B 240 -23.22 -6.58 0.86
C LYS B 240 -24.12 -6.31 -0.33
N GLU B 241 -25.42 -6.10 -0.11
CA GLU B 241 -26.38 -5.95 -1.19
C GLU B 241 -27.39 -4.88 -0.89
N PRO B 242 -27.98 -4.26 -1.91
CA PRO B 242 -29.18 -3.46 -1.69
C PRO B 242 -30.33 -4.39 -1.35
N SER B 243 -31.29 -3.86 -0.62
CA SER B 243 -32.37 -4.70 -0.09
C SER B 243 -33.46 -4.92 -1.13
N GLY B 244 -33.77 -3.92 -1.94
CA GLY B 244 -34.98 -3.90 -2.72
C GLY B 244 -35.86 -2.73 -2.28
N LEU B 245 -36.68 -2.19 -3.19
CA LEU B 245 -37.24 -0.86 -2.99
C LEU B 245 -38.35 -0.78 -1.94
N ARG B 246 -38.88 -1.89 -1.45
CA ARG B 246 -39.55 -1.85 -0.14
C ARG B 246 -39.29 -3.15 0.59
N PHE B 247 -38.00 -3.47 0.69
CA PHE B 247 -37.42 -4.04 1.88
C PHE B 247 -36.52 -2.98 2.52
N ASN B 248 -36.67 -1.73 2.03
CA ASN B 248 -35.99 -0.55 2.55
C ASN B 248 -36.48 -0.13 3.94
N LYS B 249 -37.62 -0.66 4.39
CA LYS B 249 -38.19 -0.39 5.71
C LYS B 249 -37.76 -1.41 6.74
N LEU B 250 -37.16 -2.53 6.32
CA LEU B 250 -36.68 -3.56 7.21
C LEU B 250 -35.26 -3.27 7.69
N PHE B 251 -35.01 -3.58 8.97
CA PHE B 251 -33.70 -3.36 9.55
C PHE B 251 -32.71 -4.46 9.20
N LEU B 252 -33.20 -5.69 9.00
CA LEU B 252 -32.34 -6.84 8.80
C LEU B 252 -32.79 -7.61 7.57
N ASN B 253 -31.82 -8.23 6.89
CA ASN B 253 -32.14 -9.17 5.83
C ASN B 253 -32.50 -10.52 6.46
N GLU B 254 -32.53 -11.58 5.65
CA GLU B 254 -32.97 -12.86 6.17
C GLU B 254 -31.93 -13.54 7.03
N ASP B 255 -30.65 -13.18 6.87
CA ASP B 255 -29.59 -13.71 7.73
C ASP B 255 -29.42 -12.90 9.00
N ASP B 256 -30.39 -12.06 9.34
CA ASP B 256 -30.37 -11.26 10.57
C ASP B 256 -29.17 -10.33 10.65
N LYS B 257 -28.59 -9.96 9.50
CA LYS B 257 -27.62 -8.92 9.28
C LYS B 257 -28.31 -7.71 8.64
N PRO B 258 -27.90 -6.49 8.95
CA PRO B 258 -28.33 -5.35 8.13
C PRO B 258 -27.90 -5.54 6.67
N HIS B 259 -28.69 -4.97 5.76
CA HIS B 259 -28.54 -5.36 4.36
C HIS B 259 -27.18 -4.97 3.83
N ASN B 260 -26.70 -3.81 4.23
CA ASN B 260 -25.45 -3.27 3.72
C ASN B 260 -25.04 -2.10 4.63
N PRO B 261 -23.77 -1.68 4.57
CA PRO B 261 -23.31 -0.61 5.47
C PRO B 261 -23.86 0.77 5.15
N MET B 262 -24.53 0.97 4.01
CA MET B 262 -24.96 2.31 3.61
C MET B 262 -26.33 2.68 4.13
N VAL B 263 -27.04 1.75 4.73
CA VAL B 263 -28.29 2.04 5.40
C VAL B 263 -27.98 2.26 6.88
N ASN B 264 -28.93 2.90 7.58
CA ASN B 264 -28.70 3.29 8.97
C ASN B 264 -28.40 2.07 9.84
N ALA B 265 -29.18 1.01 9.72
CA ALA B 265 -28.93 -0.18 10.51
C ALA B 265 -27.53 -0.75 10.25
N GLY B 266 -27.11 -0.77 8.99
CA GLY B 266 -25.79 -1.28 8.64
C GLY B 266 -24.69 -0.36 9.11
N ALA B 267 -24.89 0.95 8.97
CA ALA B 267 -23.91 1.92 9.46
C ALA B 267 -23.78 1.86 10.96
N ILE B 268 -24.90 1.64 11.67
CA ILE B 268 -24.84 1.50 13.12
C ILE B 268 -24.02 0.26 13.50
N VAL B 269 -24.25 -0.86 12.83
CA VAL B 269 -23.45 -2.05 13.14
C VAL B 269 -21.98 -1.80 12.80
N VAL B 270 -21.72 -1.21 11.64
CA VAL B 270 -20.34 -0.93 11.26
C VAL B 270 -19.66 -0.05 12.30
N THR B 271 -20.37 0.96 12.81
CA THR B 271 -19.84 1.79 13.87
C THR B 271 -19.41 0.95 15.06
N SER B 272 -20.14 -0.12 15.34
CA SER B 272 -19.83 -0.95 16.49
C SER B 272 -18.57 -1.78 16.29
N LEU B 273 -18.01 -1.83 15.08
CA LEU B 273 -16.86 -2.68 14.81
C LEU B 273 -15.54 -1.93 14.93
N ILE B 274 -15.56 -0.60 14.85
CA ILE B 274 -14.35 0.19 14.72
C ILE B 274 -13.71 0.34 16.09
N LYS B 275 -12.45 -0.07 16.21
CA LYS B 275 -11.63 0.10 17.42
C LYS B 275 -12.36 -0.41 18.66
N GLN B 276 -12.80 -1.66 18.59
CA GLN B 276 -13.54 -2.25 19.71
C GLN B 276 -12.68 -2.27 20.96
N GLY B 277 -13.33 -2.17 22.12
CA GLY B 277 -12.63 -2.27 23.38
C GLY B 277 -12.17 -0.95 23.94
N VAL B 278 -11.90 0.03 23.08
CA VAL B 278 -11.52 1.36 23.52
C VAL B 278 -12.78 2.21 23.65
N ASN B 279 -12.70 3.28 24.45
CA ASN B 279 -13.89 4.07 24.70
C ASN B 279 -14.18 4.99 23.52
N ASN B 280 -15.32 5.67 23.60
CA ASN B 280 -15.84 6.42 22.46
C ASN B 280 -14.97 7.62 22.14
N ALA B 281 -14.41 8.27 23.16
CA ALA B 281 -13.60 9.45 22.91
C ALA B 281 -12.37 9.11 22.09
N GLU B 282 -11.70 8.00 22.42
CA GLU B 282 -10.60 7.55 21.59
C GLU B 282 -11.08 7.12 20.21
N LYS B 283 -12.13 6.28 20.17
CA LYS B 283 -12.71 5.86 18.89
C LYS B 283 -12.95 7.05 17.97
N PHE B 284 -13.58 8.10 18.50
CA PHE B 284 -13.81 9.31 17.70
C PHE B 284 -12.48 9.94 17.26
N ASP B 285 -11.52 10.10 18.19
CA ASP B 285 -10.20 10.62 17.83
C ASP B 285 -9.59 9.82 16.70
N TYR B 286 -9.70 8.48 16.80
CA TYR B 286 -9.12 7.60 15.80
C TYR B 286 -9.73 7.85 14.42
N VAL B 287 -11.06 7.97 14.37
CA VAL B 287 -11.75 8.22 13.12
C VAL B 287 -11.39 9.60 12.57
N MET B 288 -11.30 10.60 13.45
CA MET B 288 -10.91 11.93 12.97
C MET B 288 -9.50 11.91 12.38
N GLN B 289 -8.55 11.24 13.04
CA GLN B 289 -7.23 11.11 12.45
C GLN B 289 -7.32 10.41 11.10
N PHE B 290 -8.19 9.39 11.01
CA PHE B 290 -8.33 8.65 9.77
C PHE B 290 -8.92 9.54 8.68
N LEU B 291 -9.94 10.33 9.03
CA LEU B 291 -10.52 11.24 8.05
C LEU B 291 -9.53 12.32 7.65
N ASN B 292 -8.70 12.75 8.61
CA ASN B 292 -7.62 13.70 8.30
C ASN B 292 -6.71 13.14 7.23
N LYS B 293 -6.25 11.89 7.40
CA LYS B 293 -5.39 11.31 6.38
C LYS B 293 -6.13 11.29 5.04
N MET B 294 -7.40 10.86 5.05
CA MET B 294 -8.21 10.76 3.84
C MET B 294 -8.34 12.10 3.13
N ALA B 295 -8.44 13.18 3.89
CA ALA B 295 -8.61 14.50 3.30
C ALA B 295 -7.27 15.22 3.10
N GLY B 296 -6.14 14.50 3.20
CA GLY B 296 -4.84 15.13 3.08
C GLY B 296 -4.70 16.29 4.05
N ASN B 297 -5.35 16.18 5.22
CA ASN B 297 -5.31 17.13 6.32
C ASN B 297 -6.04 18.42 6.01
N GLU B 298 -6.91 18.43 5.00
CA GLU B 298 -7.74 19.61 4.84
C GLU B 298 -8.90 19.55 5.85
N TYR B 299 -9.81 20.52 5.75
CA TYR B 299 -10.73 20.80 6.85
C TYR B 299 -11.58 19.59 7.20
N VAL B 300 -11.43 19.11 8.44
CA VAL B 300 -12.37 18.19 9.06
C VAL B 300 -12.74 18.75 10.44
N GLY B 301 -14.04 18.89 10.69
CA GLY B 301 -14.50 19.42 11.95
C GLY B 301 -15.64 18.63 12.60
N PHE B 302 -16.37 19.29 13.49
CA PHE B 302 -17.44 18.67 14.26
C PHE B 302 -18.50 19.71 14.62
N SER B 303 -19.76 19.40 14.33
CA SER B 303 -20.88 20.28 14.69
C SER B 303 -21.54 19.68 15.92
N ASN B 304 -21.16 20.19 17.10
CA ASN B 304 -21.79 19.71 18.34
C ASN B 304 -23.27 20.01 18.36
N ALA B 305 -23.68 21.12 17.76
CA ALA B 305 -25.10 21.43 17.66
C ALA B 305 -25.84 20.34 16.90
N THR B 306 -25.31 19.95 15.72
CA THR B 306 -25.91 18.88 14.96
C THR B 306 -25.92 17.58 15.76
N PHE B 307 -24.85 17.31 16.50
CA PHE B 307 -24.78 16.10 17.30
C PHE B 307 -25.89 16.08 18.36
N GLN B 308 -26.04 17.19 19.10
CA GLN B 308 -27.09 17.26 20.12
C GLN B 308 -28.47 17.08 19.51
N SER B 309 -28.72 17.71 18.35
CA SER B 309 -30.05 17.58 17.74
C SER B 309 -30.27 16.19 17.20
N GLU B 310 -29.26 15.60 16.58
CA GLU B 310 -29.37 14.24 16.07
C GLU B 310 -29.70 13.25 17.18
N ARG B 311 -29.10 13.44 18.36
CA ARG B 311 -29.26 12.45 19.43
C ARG B 311 -30.57 12.58 20.19
N GLU B 312 -31.15 13.78 20.30
CA GLU B 312 -32.45 13.90 20.96
C GLU B 312 -33.60 13.54 20.02
N SER B 313 -33.35 13.49 18.71
CA SER B 313 -34.38 13.25 17.72
C SER B 313 -34.14 11.95 16.96
N GLY B 314 -33.33 11.06 17.51
CA GLY B 314 -32.96 9.84 16.81
C GLY B 314 -33.76 8.65 17.27
N ASP B 315 -35.09 8.82 17.35
CA ASP B 315 -35.95 7.72 17.79
C ASP B 315 -35.83 6.51 16.87
N ARG B 316 -35.88 6.74 15.54
CA ARG B 316 -35.76 5.59 14.65
C ARG B 316 -34.41 4.93 14.83
N ASN B 317 -33.37 5.73 15.09
CA ASN B 317 -32.04 5.15 15.31
C ASN B 317 -31.99 4.37 16.62
N PHE B 318 -32.66 4.85 17.68
CA PHE B 318 -32.78 4.05 18.90
C PHE B 318 -33.62 2.80 18.67
N ALA B 319 -34.68 2.92 17.87
CA ALA B 319 -35.46 1.74 17.53
C ALA B 319 -34.59 0.72 16.82
N ILE B 320 -33.75 1.20 15.89
CA ILE B 320 -32.83 0.31 15.19
C ILE B 320 -31.83 -0.29 16.18
N GLY B 321 -31.28 0.53 17.08
CA GLY B 321 -30.30 0.03 18.04
C GLY B 321 -30.83 -1.08 18.92
N TYR B 322 -32.03 -0.89 19.49
CA TYR B 322 -32.59 -1.93 20.33
C TYR B 322 -32.91 -3.19 19.52
N TYR B 323 -33.42 -3.01 18.30
CA TYR B 323 -33.69 -4.15 17.44
C TYR B 323 -32.42 -4.95 17.13
N LEU B 324 -31.32 -4.26 16.82
CA LEU B 324 -30.06 -4.96 16.52
C LEU B 324 -29.53 -5.68 17.75
N LYS B 325 -29.62 -5.02 18.92
CA LYS B 325 -29.20 -5.64 20.17
C LYS B 325 -29.99 -6.92 20.45
N GLU B 326 -31.33 -6.84 20.39
CA GLU B 326 -32.12 -8.03 20.69
C GLU B 326 -31.80 -9.15 19.72
N LYS B 327 -31.53 -8.82 18.46
CA LYS B 327 -31.20 -9.82 17.48
C LYS B 327 -29.70 -10.13 17.47
N LYS B 328 -28.96 -9.64 18.47
CA LYS B 328 -27.57 -10.00 18.67
C LYS B 328 -26.71 -9.70 17.44
N CYS B 329 -26.89 -8.50 16.87
CA CYS B 329 -26.20 -8.10 15.64
C CYS B 329 -24.85 -7.45 15.90
N PHE B 330 -24.54 -7.15 17.14
CA PHE B 330 -23.34 -6.47 17.53
C PHE B 330 -22.25 -7.44 17.96
N PRO B 331 -20.97 -7.03 17.86
CA PRO B 331 -19.90 -7.86 18.40
C PRO B 331 -20.03 -7.98 19.91
N GLU B 332 -19.62 -9.13 20.43
CA GLU B 332 -19.69 -9.38 21.86
C GLU B 332 -19.07 -8.23 22.64
N GLY B 333 -19.74 -7.81 23.70
CA GLY B 333 -19.24 -6.73 24.53
C GLY B 333 -19.60 -5.33 24.08
N THR B 334 -20.62 -5.18 23.23
CA THR B 334 -21.01 -3.87 22.73
C THR B 334 -21.95 -3.20 23.70
N ASP B 335 -21.70 -1.92 23.98
CA ASP B 335 -22.67 -1.06 24.65
C ASP B 335 -23.46 -0.37 23.56
N MET B 336 -24.64 -0.92 23.24
CA MET B 336 -25.39 -0.40 22.10
C MET B 336 -25.70 1.08 22.24
N VAL B 337 -26.11 1.52 23.44
CA VAL B 337 -26.49 2.92 23.63
C VAL B 337 -25.30 3.86 23.42
N GLY B 338 -24.11 3.43 23.84
CA GLY B 338 -22.92 4.23 23.53
C GLY B 338 -22.57 4.25 22.06
N ILE B 339 -22.77 3.12 21.37
CA ILE B 339 -22.54 3.07 19.92
C ILE B 339 -23.45 4.06 19.20
N LEU B 340 -24.71 4.14 19.60
CA LEU B 340 -25.60 5.12 18.99
C LEU B 340 -25.05 6.53 19.19
N ASP B 341 -24.49 6.81 20.37
CA ASP B 341 -23.95 8.13 20.63
C ASP B 341 -22.75 8.40 19.72
N PHE B 342 -21.87 7.40 19.58
CA PHE B 342 -20.75 7.48 18.66
C PHE B 342 -21.24 7.69 17.23
N TYR B 343 -22.24 6.92 16.82
CA TYR B 343 -22.84 7.04 15.49
C TYR B 343 -23.36 8.45 15.23
N PHE B 344 -24.07 9.04 16.19
CA PHE B 344 -24.51 10.42 16.02
C PHE B 344 -23.33 11.36 15.86
N GLN B 345 -22.25 11.12 16.61
CA GLN B 345 -21.08 11.95 16.43
C GLN B 345 -20.53 11.86 15.02
N LEU B 346 -20.44 10.63 14.50
CA LEU B 346 -19.84 10.44 13.19
C LEU B 346 -20.64 11.15 12.12
N CYS B 347 -21.97 11.27 12.30
CA CYS B 347 -22.78 11.98 11.32
C CYS B 347 -22.71 13.48 11.47
N SER B 348 -22.09 13.95 12.55
CA SER B 348 -21.94 15.38 12.76
C SER B 348 -20.55 15.87 12.41
N ILE B 349 -19.69 14.98 11.91
CA ILE B 349 -18.39 15.42 11.44
C ILE B 349 -18.58 16.38 10.26
N GLU B 350 -17.83 17.47 10.26
CA GLU B 350 -17.99 18.52 9.26
C GLU B 350 -16.87 18.46 8.24
N VAL B 351 -17.21 18.80 7.00
CA VAL B 351 -16.26 18.96 5.91
C VAL B 351 -16.65 20.20 5.11
N THR B 352 -15.79 20.58 4.18
CA THR B 352 -16.20 21.44 3.09
C THR B 352 -16.24 20.61 1.81
N CYS B 353 -16.76 21.22 0.75
CA CYS B 353 -16.73 20.58 -0.56
C CYS B 353 -15.29 20.24 -0.94
N GLU B 354 -14.35 21.14 -0.65
CA GLU B 354 -12.97 20.93 -1.04
C GLU B 354 -12.34 19.76 -0.29
N SER B 355 -12.47 19.72 1.04
CA SER B 355 -11.82 18.66 1.78
C SER B 355 -12.51 17.32 1.53
N ALA B 356 -13.84 17.31 1.46
CA ALA B 356 -14.53 16.06 1.19
C ALA B 356 -14.18 15.51 -0.18
N SER B 357 -13.95 16.41 -1.14
CA SER B 357 -13.51 16.01 -2.48
C SER B 357 -12.18 15.26 -2.41
N VAL B 358 -11.29 15.64 -1.49
CA VAL B 358 -10.03 14.91 -1.33
C VAL B 358 -10.28 13.51 -0.79
N MET B 359 -11.19 13.38 0.18
CA MET B 359 -11.56 12.06 0.69
C MET B 359 -12.07 11.18 -0.45
N ALA B 360 -12.96 11.73 -1.27
CA ALA B 360 -13.45 11.03 -2.45
C ALA B 360 -12.29 10.69 -3.40
N ALA B 361 -11.32 11.59 -3.54
CA ALA B 361 -10.18 11.33 -4.40
C ALA B 361 -9.31 10.20 -3.86
N THR B 362 -9.19 10.09 -2.53
CA THR B 362 -8.51 8.94 -1.96
C THR B 362 -9.21 7.65 -2.36
N LEU B 363 -10.55 7.66 -2.37
CA LEU B 363 -11.30 6.50 -2.84
C LEU B 363 -11.16 6.31 -4.36
N ALA B 364 -11.07 7.39 -5.13
CA ALA B 364 -10.84 7.25 -6.57
C ALA B 364 -9.43 6.73 -6.87
N ASN B 365 -8.51 6.83 -5.90
CA ASN B 365 -7.09 6.58 -6.10
C ASN B 365 -6.60 5.33 -5.35
N GLY B 366 -7.44 4.29 -5.23
CA GLY B 366 -7.06 3.03 -4.61
C GLY B 366 -6.61 3.07 -3.16
N GLY B 367 -6.98 4.11 -2.40
CA GLY B 367 -6.63 4.23 -1.00
C GLY B 367 -5.41 5.10 -0.71
N PHE B 368 -4.83 5.69 -1.74
CA PHE B 368 -3.74 6.65 -1.56
C PHE B 368 -4.32 8.04 -1.67
N CYS B 369 -3.98 8.89 -0.72
CA CYS B 369 -4.51 10.23 -0.77
C CYS B 369 -3.73 11.04 -1.79
N PRO B 370 -4.38 11.64 -2.78
CA PRO B 370 -3.63 12.17 -3.93
C PRO B 370 -2.80 13.40 -3.63
N ILE B 371 -3.11 14.19 -2.60
CA ILE B 371 -2.34 15.42 -2.35
C ILE B 371 -1.23 15.22 -1.33
N THR B 372 -1.11 14.03 -0.76
CA THR B 372 -0.02 13.71 0.15
C THR B 372 0.80 12.51 -0.29
N GLY B 373 0.27 11.65 -1.18
CA GLY B 373 0.93 10.41 -1.54
C GLY B 373 0.84 9.32 -0.51
N GLU B 374 0.08 9.55 0.55
CA GLU B 374 0.04 8.67 1.70
C GLU B 374 -0.94 7.53 1.47
N ARG B 375 -0.53 6.31 1.83
CA ARG B 375 -1.45 5.18 1.82
C ARG B 375 -2.37 5.28 3.03
N VAL B 376 -3.68 5.42 2.78
CA VAL B 376 -4.65 5.62 3.85
C VAL B 376 -5.55 4.42 4.05
N LEU B 377 -6.01 3.80 2.97
CA LEU B 377 -6.88 2.63 3.06
C LEU B 377 -6.30 1.51 2.22
N SER B 378 -6.55 0.27 2.64
CA SER B 378 -6.15 -0.85 1.81
C SER B 378 -6.98 -0.86 0.52
N PRO B 379 -6.44 -1.38 -0.58
CA PRO B 379 -7.23 -1.49 -1.81
C PRO B 379 -8.51 -2.29 -1.61
N GLU B 380 -8.45 -3.32 -0.78
CA GLU B 380 -9.63 -4.08 -0.44
C GLU B 380 -10.71 -3.19 0.17
N ALA B 381 -10.34 -2.35 1.15
CA ALA B 381 -11.31 -1.46 1.75
C ALA B 381 -11.95 -0.53 0.72
N VAL B 382 -11.15 0.01 -0.20
CA VAL B 382 -11.64 0.97 -1.18
C VAL B 382 -12.54 0.29 -2.20
N ARG B 383 -12.12 -0.87 -2.71
CA ARG B 383 -12.94 -1.63 -3.63
C ARG B 383 -14.31 -1.94 -3.03
N ASN B 384 -14.34 -2.47 -1.80
CA ASN B 384 -15.62 -2.79 -1.15
C ASN B 384 -16.49 -1.56 -1.01
N THR B 385 -15.92 -0.46 -0.55
CA THR B 385 -16.70 0.74 -0.34
C THR B 385 -17.26 1.25 -1.66
N LEU B 386 -16.42 1.27 -2.71
CA LEU B 386 -16.88 1.71 -4.02
C LEU B 386 -17.97 0.78 -4.54
N SER B 387 -17.84 -0.54 -4.26
CA SER B 387 -18.86 -1.47 -4.70
C SER B 387 -20.20 -1.15 -4.06
N LEU B 388 -20.19 -0.86 -2.75
CA LEU B 388 -21.45 -0.64 -2.06
C LEU B 388 -21.97 0.77 -2.24
N MET B 389 -21.10 1.73 -2.57
CA MET B 389 -21.62 3.03 -2.97
C MET B 389 -22.31 2.96 -4.33
N HIS B 390 -21.80 2.12 -5.23
CA HIS B 390 -22.43 1.92 -6.54
C HIS B 390 -23.90 1.54 -6.40
N SER B 391 -24.19 0.53 -5.58
CA SER B 391 -25.53 -0.03 -5.53
C SER B 391 -26.38 0.47 -4.37
N CYS B 392 -25.80 1.08 -3.31
CA CYS B 392 -26.59 1.39 -2.11
C CYS B 392 -26.41 2.81 -1.58
N GLY B 393 -25.82 3.72 -2.34
CA GLY B 393 -25.37 4.98 -1.80
C GLY B 393 -26.32 6.14 -1.88
N MET B 394 -27.41 6.00 -2.61
CA MET B 394 -28.26 7.12 -2.96
C MET B 394 -29.70 6.85 -2.53
N TYR B 395 -29.85 6.09 -1.44
CA TYR B 395 -31.13 5.71 -0.88
C TYR B 395 -31.97 5.03 -1.96
N ASP B 396 -33.27 5.30 -1.99
CA ASP B 396 -34.16 4.64 -2.94
C ASP B 396 -33.82 4.98 -4.37
N PHE B 397 -32.99 5.98 -4.61
CA PHE B 397 -32.55 6.32 -5.94
C PHE B 397 -31.34 5.51 -6.39
N SER B 398 -30.88 4.57 -5.56
CA SER B 398 -29.61 3.90 -5.82
C SER B 398 -29.60 3.16 -7.17
N GLY B 399 -30.70 2.47 -7.48
CA GLY B 399 -30.75 1.71 -8.72
C GLY B 399 -30.80 2.61 -9.94
N GLN B 400 -31.63 3.64 -9.88
CA GLN B 400 -31.68 4.62 -10.96
C GLN B 400 -30.31 5.28 -11.15
N PHE B 401 -29.67 5.62 -10.04
CA PHE B 401 -28.38 6.30 -10.09
C PHE B 401 -27.30 5.40 -10.69
N ALA B 402 -27.24 4.14 -10.23
CA ALA B 402 -26.29 3.19 -10.81
C ALA B 402 -26.54 3.03 -12.31
N PHE B 403 -27.80 2.90 -12.71
CA PHE B 403 -28.13 2.72 -14.11
C PHE B 403 -27.74 3.94 -14.94
N HIS B 404 -28.12 5.13 -14.48
CA HIS B 404 -27.95 6.31 -15.31
C HIS B 404 -26.60 7.01 -15.10
N VAL B 405 -26.09 7.06 -13.88
CA VAL B 405 -24.84 7.77 -13.65
C VAL B 405 -23.66 6.81 -13.68
N GLY B 406 -23.87 5.62 -13.15
CA GLY B 406 -22.83 4.62 -13.16
C GLY B 406 -21.61 5.05 -12.41
N LEU B 407 -21.78 5.79 -11.32
CA LEU B 407 -20.63 6.17 -10.53
C LEU B 407 -20.92 5.86 -9.06
N PRO B 408 -19.94 5.36 -8.33
CA PRO B 408 -20.09 5.21 -6.87
C PRO B 408 -20.31 6.57 -6.21
N ALA B 409 -21.37 6.67 -5.42
CA ALA B 409 -21.69 7.93 -4.78
C ALA B 409 -22.36 7.68 -3.44
N LYS B 410 -22.30 8.69 -2.57
CA LYS B 410 -23.04 8.61 -1.33
C LYS B 410 -23.62 9.97 -1.01
N SER B 411 -24.91 10.01 -0.76
CA SER B 411 -25.57 11.24 -0.36
C SER B 411 -25.77 11.28 1.15
N GLY B 412 -26.01 12.49 1.64
CA GLY B 412 -26.35 12.70 3.03
C GLY B 412 -27.34 13.83 3.15
N VAL B 413 -28.01 13.88 4.30
CA VAL B 413 -29.16 14.76 4.47
C VAL B 413 -28.78 16.23 4.49
N ALA B 414 -27.51 16.57 4.74
CA ALA B 414 -27.11 17.97 4.65
C ALA B 414 -27.05 18.47 3.21
N GLY B 415 -27.25 17.59 2.23
CA GLY B 415 -27.19 18.00 0.85
C GLY B 415 -25.91 17.61 0.16
N GLY B 416 -25.03 16.86 0.82
CA GLY B 416 -23.79 16.44 0.20
C GLY B 416 -23.99 15.22 -0.66
N ILE B 417 -23.22 15.14 -1.74
CA ILE B 417 -23.07 13.92 -2.51
C ILE B 417 -21.58 13.70 -2.73
N LEU B 418 -21.04 12.69 -2.06
CA LEU B 418 -19.67 12.28 -2.24
C LEU B 418 -19.57 11.40 -3.47
N LEU B 419 -18.82 11.84 -4.49
CA LEU B 419 -18.82 11.22 -5.80
C LEU B 419 -17.41 10.76 -6.18
N VAL B 420 -17.31 9.54 -6.68
CA VAL B 420 -16.03 8.97 -7.03
C VAL B 420 -16.07 8.59 -8.50
N VAL B 421 -15.13 9.13 -9.27
CA VAL B 421 -14.88 8.59 -10.60
C VAL B 421 -13.59 7.79 -10.49
N PRO B 422 -13.69 6.46 -10.34
CA PRO B 422 -12.49 5.65 -10.09
C PRO B 422 -11.40 5.90 -11.13
N ASN B 423 -10.16 6.00 -10.63
CA ASN B 423 -8.95 6.24 -11.42
C ASN B 423 -8.90 7.64 -12.02
N VAL B 424 -9.90 8.50 -11.75
CA VAL B 424 -9.92 9.82 -12.36
C VAL B 424 -9.98 10.90 -11.29
N MET B 425 -11.06 10.95 -10.52
CA MET B 425 -11.20 12.05 -9.58
C MET B 425 -12.20 11.70 -8.50
N GLY B 426 -12.15 12.48 -7.42
CA GLY B 426 -13.18 12.48 -6.40
C GLY B 426 -13.88 13.82 -6.45
N MET B 427 -15.14 13.83 -6.04
CA MET B 427 -15.88 15.08 -5.97
C MET B 427 -16.76 15.09 -4.74
N MET B 428 -16.96 16.31 -4.23
CA MET B 428 -18.03 16.58 -3.28
C MET B 428 -18.94 17.63 -3.91
N CYS B 429 -20.22 17.29 -4.05
CA CYS B 429 -21.25 18.26 -4.40
C CYS B 429 -22.07 18.56 -3.17
N TRP B 430 -22.41 19.82 -2.97
CA TRP B 430 -23.19 20.21 -1.80
C TRP B 430 -24.19 21.29 -2.18
N SER B 431 -25.45 21.00 -1.94
CA SER B 431 -26.56 21.95 -2.00
C SER B 431 -27.67 21.41 -1.11
N PRO B 432 -28.05 22.15 -0.07
CA PRO B 432 -28.93 21.60 0.98
C PRO B 432 -30.29 21.12 0.47
N PRO B 433 -30.93 21.77 -0.51
CA PRO B 433 -32.27 21.30 -0.89
C PRO B 433 -32.25 19.87 -1.43
N LEU B 434 -33.06 19.02 -0.82
CA LEU B 434 -33.16 17.61 -1.14
C LEU B 434 -34.44 17.32 -1.92
N ASP B 435 -34.41 16.28 -2.74
CA ASP B 435 -35.63 15.80 -3.39
C ASP B 435 -36.37 14.85 -2.46
N LYS B 436 -37.46 14.27 -2.98
CA LYS B 436 -38.35 13.41 -2.20
C LYS B 436 -37.65 12.14 -1.70
N MET B 437 -36.53 11.77 -2.31
CA MET B 437 -35.79 10.58 -1.88
C MET B 437 -34.65 10.89 -0.92
N GLY B 438 -34.39 12.17 -0.62
CA GLY B 438 -33.34 12.56 0.30
C GLY B 438 -32.03 13.00 -0.34
N ASN B 439 -31.95 13.04 -1.67
CA ASN B 439 -30.73 13.43 -2.36
C ASN B 439 -30.81 14.89 -2.84
N SER B 440 -29.66 15.53 -2.82
CA SER B 440 -29.55 16.94 -3.22
C SER B 440 -30.00 17.11 -4.68
N VAL B 441 -30.99 17.99 -4.88
CA VAL B 441 -31.55 18.19 -6.21
C VAL B 441 -30.46 18.63 -7.19
N LYS B 442 -29.70 19.66 -6.82
CA LYS B 442 -28.65 20.16 -7.69
C LYS B 442 -27.54 19.14 -7.88
N GLY B 443 -27.17 18.43 -6.81
CA GLY B 443 -26.14 17.40 -6.93
C GLY B 443 -26.55 16.30 -7.89
N ILE B 444 -27.80 15.83 -7.76
CA ILE B 444 -28.30 14.78 -8.64
C ILE B 444 -28.27 15.24 -10.09
N HIS B 445 -28.65 16.49 -10.33
CA HIS B 445 -28.65 17.05 -11.68
C HIS B 445 -27.23 17.16 -12.22
N PHE B 446 -26.31 17.70 -11.39
CA PHE B 446 -24.90 17.76 -11.77
C PHE B 446 -24.35 16.38 -12.14
N CYS B 447 -24.71 15.34 -11.39
CA CYS B 447 -24.11 14.04 -11.63
C CYS B 447 -24.65 13.39 -12.90
N HIS B 448 -25.92 13.64 -13.24
CA HIS B 448 -26.43 13.18 -14.52
C HIS B 448 -25.73 13.89 -15.67
N ASP B 449 -25.66 15.24 -15.60
CA ASP B 449 -25.02 16.02 -16.65
C ASP B 449 -23.57 15.62 -16.79
N LEU B 450 -22.91 15.36 -15.66
CA LEU B 450 -21.49 15.07 -15.72
C LEU B 450 -21.23 13.84 -16.59
N VAL B 451 -22.06 12.81 -16.43
CA VAL B 451 -21.91 11.60 -17.22
C VAL B 451 -22.55 11.71 -18.61
N SER B 452 -23.55 12.57 -18.78
CA SER B 452 -24.03 12.83 -20.14
C SER B 452 -22.92 13.45 -20.97
N LEU B 453 -22.03 14.20 -20.33
CA LEU B 453 -20.96 14.92 -21.01
C LEU B 453 -19.70 14.07 -21.19
N CYS B 454 -19.28 13.35 -20.15
CA CYS B 454 -18.00 12.67 -20.18
C CYS B 454 -18.22 11.16 -20.06
N ASN B 455 -17.29 10.40 -20.63
CA ASN B 455 -17.43 8.95 -20.64
C ASN B 455 -16.95 8.39 -19.31
N PHE B 456 -17.51 8.91 -18.23
CA PHE B 456 -17.16 8.47 -16.89
C PHE B 456 -18.07 7.39 -16.36
N HIS B 457 -19.20 7.11 -17.03
CA HIS B 457 -20.08 6.04 -16.60
C HIS B 457 -19.26 4.77 -16.43
N ASN B 458 -19.53 4.06 -15.34
CA ASN B 458 -18.83 2.82 -15.04
C ASN B 458 -18.76 1.88 -16.23
N TYR B 459 -19.79 1.86 -17.06
CA TYR B 459 -19.80 0.96 -18.21
C TYR B 459 -19.81 1.71 -19.53
N ASP B 460 -19.39 2.97 -19.52
CA ASP B 460 -18.93 3.59 -20.75
C ASP B 460 -17.69 2.84 -21.23
N ASN B 461 -17.47 2.85 -22.54
CA ASN B 461 -16.29 2.23 -23.11
C ASN B 461 -15.23 3.29 -23.32
N LEU B 462 -13.99 2.97 -22.98
CA LEU B 462 -12.90 3.94 -23.03
C LEU B 462 -12.38 4.18 -24.43
N ARG B 463 -12.81 3.36 -25.39
CA ARG B 463 -12.38 3.44 -26.77
C ARG B 463 -13.50 3.90 -27.70
N HIS B 464 -14.72 3.40 -27.53
CA HIS B 464 -15.87 3.78 -28.34
C HIS B 464 -16.93 4.37 -27.41
N PHE B 465 -17.02 5.71 -27.38
CA PHE B 465 -17.95 6.37 -26.47
C PHE B 465 -18.79 7.42 -27.18
N ALA B 466 -19.00 7.24 -28.48
CA ALA B 466 -19.91 8.08 -29.28
C ALA B 466 -19.43 9.52 -29.17
N LYS B 467 -20.31 10.49 -28.92
CA LYS B 467 -19.97 11.90 -28.91
C LYS B 467 -19.61 12.43 -27.52
N LYS B 468 -19.50 11.55 -26.52
CA LYS B 468 -19.12 12.01 -25.20
C LYS B 468 -17.69 12.57 -25.20
N LEU B 469 -17.47 13.56 -24.35
CA LEU B 469 -16.12 14.06 -24.07
C LEU B 469 -15.35 13.09 -23.16
N ASP B 470 -14.07 12.90 -23.44
CA ASP B 470 -13.19 12.15 -22.53
C ASP B 470 -12.09 13.06 -22.01
N PRO B 471 -12.17 13.55 -20.78
CA PRO B 471 -11.15 14.49 -20.27
C PRO B 471 -9.78 13.87 -20.09
N ARG B 472 -9.66 12.55 -20.15
CA ARG B 472 -8.33 11.93 -20.07
C ARG B 472 -7.53 12.06 -21.37
N ARG B 473 -8.13 12.54 -22.46
CA ARG B 473 -7.44 12.57 -23.73
C ARG B 473 -7.10 13.99 -24.14
N GLU B 474 -6.23 14.09 -25.14
CA GLU B 474 -5.76 15.38 -25.63
C GLU B 474 -6.36 15.73 -27.00
N PRO C 66 -1.18 13.61 44.37
CA PRO C 66 -0.84 14.66 43.42
C PRO C 66 -0.78 14.14 41.98
N SER C 67 -0.44 15.01 41.02
CA SER C 67 -0.15 14.64 39.65
C SER C 67 0.33 15.89 38.90
N LEU C 68 1.37 15.72 38.07
CA LEU C 68 2.09 16.87 37.50
C LEU C 68 1.25 17.61 36.48
N GLU C 69 0.50 16.88 35.63
CA GLU C 69 -0.40 17.53 34.69
C GLU C 69 -1.44 18.36 35.44
N ASP C 70 -1.91 17.83 36.58
CA ASP C 70 -2.88 18.56 37.41
C ASP C 70 -2.21 19.77 38.05
N LEU C 71 -0.99 19.58 38.58
CA LEU C 71 -0.25 20.70 39.15
C LEU C 71 -0.02 21.81 38.13
N LEU C 72 0.36 21.47 36.89
CA LEU C 72 0.35 22.49 35.83
C LEU C 72 -1.03 23.08 35.61
N PHE C 73 -2.04 22.22 35.56
CA PHE C 73 -3.39 22.69 35.30
C PHE C 73 -3.77 23.78 36.30
N TYR C 74 -3.48 23.56 37.59
CA TYR C 74 -3.87 24.56 38.58
C TYR C 74 -3.08 25.85 38.42
N THR C 75 -1.80 25.76 38.03
CA THR C 75 -1.01 26.98 37.87
C THR C 75 -1.53 27.85 36.73
N ILE C 76 -1.94 27.25 35.61
CA ILE C 76 -2.46 28.05 34.51
C ILE C 76 -3.96 28.29 34.67
N ALA C 77 -4.68 27.39 35.37
CA ALA C 77 -6.11 27.59 35.48
C ALA C 77 -6.40 28.86 36.28
N GLU C 78 -5.53 29.17 37.25
CA GLU C 78 -5.62 30.37 38.08
C GLU C 78 -6.92 30.37 38.86
N GLY C 79 -7.43 29.21 39.26
CA GLY C 79 -8.77 29.12 39.81
C GLY C 79 -10.01 28.86 38.95
N GLN C 80 -10.07 29.21 37.66
CA GLN C 80 -11.27 28.90 36.87
C GLN C 80 -11.35 27.35 36.73
N GLU C 81 -12.52 26.83 36.41
CA GLU C 81 -12.73 25.41 36.16
C GLU C 81 -11.95 24.93 34.92
N LYS C 82 -11.78 25.82 33.91
CA LYS C 82 -11.24 25.42 32.62
C LYS C 82 -10.27 26.48 32.10
N ILE C 83 -9.36 26.04 31.24
CA ILE C 83 -8.34 26.87 30.61
C ILE C 83 -8.67 27.02 29.13
N PRO C 84 -8.91 28.23 28.64
CA PRO C 84 -9.04 28.42 27.20
C PRO C 84 -7.73 28.04 26.51
N VAL C 85 -7.85 27.44 25.33
CA VAL C 85 -6.65 26.92 24.68
C VAL C 85 -5.70 28.06 24.34
N HIS C 86 -6.24 29.19 23.87
CA HIS C 86 -5.40 30.33 23.53
C HIS C 86 -4.62 30.81 24.76
N LYS C 87 -5.22 30.73 25.95
CA LYS C 87 -4.51 31.14 27.15
C LYS C 87 -3.34 30.21 27.45
N PHE C 88 -3.47 28.92 27.14
CA PHE C 88 -2.35 27.99 27.32
C PHE C 88 -1.27 28.25 26.28
N ILE C 89 -1.67 28.49 25.03
CA ILE C 89 -0.71 28.78 23.97
C ILE C 89 0.07 30.04 24.28
N THR C 90 -0.64 31.08 24.72
CA THR C 90 0.01 32.36 25.00
C THR C 90 0.96 32.24 26.18
N ALA C 91 0.58 31.48 27.22
CA ALA C 91 1.49 31.28 28.33
C ALA C 91 2.71 30.47 27.90
N LEU C 92 2.51 29.53 26.98
CA LEU C 92 3.60 28.67 26.53
C LEU C 92 4.62 29.48 25.72
N LYS C 93 4.14 30.34 24.82
CA LYS C 93 5.05 31.15 24.02
C LYS C 93 5.85 32.14 24.87
N SER C 94 5.24 32.64 25.96
CA SER C 94 5.94 33.59 26.81
C SER C 94 7.14 32.96 27.48
N THR C 95 7.14 31.63 27.66
CA THR C 95 8.33 30.96 28.16
C THR C 95 9.48 31.01 27.15
N GLY C 96 9.18 31.33 25.89
CA GLY C 96 10.16 31.36 24.83
C GLY C 96 10.10 30.18 23.87
N LEU C 97 9.41 29.11 24.25
CA LEU C 97 9.22 28.00 23.32
C LEU C 97 8.30 28.40 22.17
N ARG C 98 8.56 27.83 21.01
CA ARG C 98 7.63 27.90 19.89
C ARG C 98 6.70 26.69 19.94
N THR C 99 5.46 26.87 19.47
CA THR C 99 4.55 25.73 19.42
C THR C 99 5.05 24.69 18.43
N SER C 100 5.90 25.09 17.49
CA SER C 100 6.46 24.14 16.54
C SER C 100 7.64 23.37 17.09
N ASP C 101 8.02 23.59 18.35
CA ASP C 101 9.12 22.87 18.99
C ASP C 101 8.96 21.37 18.76
N PRO C 102 9.97 20.70 18.20
CA PRO C 102 9.83 19.25 17.94
C PRO C 102 9.54 18.44 19.19
N ARG C 103 9.96 18.90 20.36
CA ARG C 103 9.69 18.20 21.60
C ARG C 103 8.25 18.40 22.10
N LEU C 104 7.48 19.28 21.45
CA LEU C 104 6.10 19.55 21.82
C LEU C 104 5.10 19.01 20.79
N LYS C 105 5.55 18.18 19.85
CA LYS C 105 4.70 17.77 18.73
C LYS C 105 3.45 17.02 19.20
N GLU C 106 3.62 16.03 20.10
CA GLU C 106 2.47 15.27 20.59
C GLU C 106 1.47 16.17 21.30
N CYS C 107 1.95 17.12 22.10
CA CYS C 107 1.02 18.01 22.78
C CYS C 107 0.29 18.89 21.77
N MET C 108 1.00 19.42 20.77
CA MET C 108 0.35 20.26 19.78
C MET C 108 -0.55 19.46 18.87
N ASP C 109 -0.19 18.22 18.53
CA ASP C 109 -1.07 17.36 17.75
C ASP C 109 -2.37 17.07 18.49
N MET C 110 -2.25 16.73 19.78
CA MET C 110 -3.44 16.46 20.59
C MET C 110 -4.31 17.70 20.73
N LEU C 111 -3.70 18.87 20.88
CA LEU C 111 -4.49 20.09 20.93
C LEU C 111 -5.22 20.34 19.61
N ARG C 112 -4.53 20.16 18.49
CA ARG C 112 -5.18 20.35 17.19
C ARG C 112 -6.30 19.33 16.99
N LEU C 113 -6.05 18.08 17.41
CA LEU C 113 -7.08 17.06 17.29
C LEU C 113 -8.28 17.39 18.15
N THR C 114 -8.07 17.83 19.38
CA THR C 114 -9.22 18.18 20.20
C THR C 114 -9.90 19.43 19.66
N LEU C 115 -9.19 20.37 19.04
CA LEU C 115 -9.97 21.49 18.51
C LEU C 115 -10.71 21.15 17.23
N GLN C 116 -10.69 19.88 16.81
CA GLN C 116 -11.50 19.35 15.72
C GLN C 116 -12.66 18.56 16.28
N THR C 117 -12.36 17.56 17.11
CA THR C 117 -13.36 16.81 17.83
C THR C 117 -14.24 17.73 18.67
N THR C 118 -13.72 18.89 19.09
CA THR C 118 -14.41 19.73 20.06
C THR C 118 -14.55 21.10 19.39
N SER C 119 -15.54 21.27 18.54
CA SER C 119 -15.80 22.67 18.21
C SER C 119 -16.79 23.27 19.20
N ASP C 120 -17.07 22.48 20.23
CA ASP C 120 -17.62 22.91 21.50
C ASP C 120 -16.53 23.29 22.49
N GLY C 121 -15.99 24.50 22.30
CA GLY C 121 -14.96 24.92 23.23
C GLY C 121 -14.84 26.42 23.44
N VAL C 122 -13.62 26.93 23.34
CA VAL C 122 -12.47 26.11 23.03
C VAL C 122 -11.67 25.81 24.33
N MET C 123 -12.27 25.14 25.31
CA MET C 123 -11.71 25.14 26.67
C MET C 123 -11.38 23.74 27.17
N LEU C 124 -10.29 23.66 27.96
CA LEU C 124 -9.76 22.40 28.46
C LEU C 124 -10.06 22.29 29.94
N ASP C 125 -10.85 21.31 30.33
CA ASP C 125 -10.93 20.99 31.74
C ASP C 125 -9.70 20.19 32.14
N LYS C 126 -9.56 19.93 33.44
CA LYS C 126 -8.39 19.18 33.92
C LYS C 126 -8.22 17.86 33.16
N ASP C 127 -9.33 17.21 32.81
CA ASP C 127 -9.29 16.06 31.92
C ASP C 127 -8.55 16.32 30.63
N LEU C 128 -9.05 17.26 29.85
CA LEU C 128 -8.63 17.46 28.47
C LEU C 128 -7.22 18.00 28.39
N PHE C 129 -6.94 18.95 29.26
CA PHE C 129 -5.60 19.45 29.43
C PHE C 129 -4.62 18.31 29.70
N LYS C 130 -4.97 17.39 30.60
CA LYS C 130 -4.06 16.30 30.91
C LYS C 130 -3.83 15.41 29.68
N LYS C 131 -4.88 15.17 28.90
CA LYS C 131 -4.76 14.38 27.67
C LYS C 131 -3.76 15.00 26.70
N CYS C 132 -3.72 16.33 26.61
CA CYS C 132 -2.87 17.00 25.64
C CYS C 132 -1.43 17.11 26.11
N VAL C 133 -1.24 17.48 27.38
CA VAL C 133 0.12 17.74 27.85
C VAL C 133 0.79 16.49 28.39
N GLN C 134 0.11 15.34 28.42
CA GLN C 134 0.71 14.22 29.15
C GLN C 134 2.08 13.83 28.60
N SER C 135 2.24 13.78 27.28
CA SER C 135 3.47 13.20 26.73
C SER C 135 4.64 14.15 26.74
N ASN C 136 4.42 15.45 26.96
CA ASN C 136 5.47 16.44 27.06
C ASN C 136 5.42 17.18 28.40
N ILE C 137 4.93 16.51 29.44
CA ILE C 137 4.65 17.20 30.71
C ILE C 137 5.94 17.68 31.38
N VAL C 138 7.04 16.92 31.24
CA VAL C 138 8.29 17.31 31.89
C VAL C 138 8.78 18.65 31.33
N LEU C 139 8.90 18.74 30.00
CA LEU C 139 9.37 19.98 29.40
C LEU C 139 8.41 21.13 29.66
N LEU C 140 7.10 20.85 29.64
CA LEU C 140 6.12 21.91 29.89
C LEU C 140 6.20 22.40 31.33
N THR C 141 6.49 21.49 32.27
CA THR C 141 6.63 21.89 33.67
C THR C 141 7.89 22.72 33.85
N GLN C 142 9.00 22.28 33.27
CA GLN C 142 10.20 23.12 33.23
C GLN C 142 9.93 24.48 32.59
N ALA C 143 9.15 24.50 31.50
CA ALA C 143 8.84 25.77 30.86
C ALA C 143 8.00 26.64 31.79
N PHE C 144 6.99 26.06 32.41
CA PHE C 144 6.05 26.87 33.17
C PHE C 144 6.51 27.18 34.59
N ARG C 145 7.33 26.31 35.20
CA ARG C 145 7.90 26.59 36.51
C ARG C 145 9.14 27.48 36.45
N ARG C 146 9.32 28.23 35.36
CA ARG C 146 10.42 29.18 35.21
C ARG C 146 11.77 28.51 35.43
N LYS C 147 11.91 27.27 34.94
CA LYS C 147 13.12 26.49 35.16
C LYS C 147 14.12 26.58 34.01
N PHE C 148 13.82 27.36 32.97
CA PHE C 148 14.72 27.45 31.84
C PHE C 148 15.91 28.35 32.17
N VAL C 149 16.96 28.22 31.37
CA VAL C 149 18.22 28.89 31.69
C VAL C 149 18.03 30.40 31.78
N ILE C 150 17.12 30.96 30.99
CA ILE C 150 16.73 32.35 31.11
C ILE C 150 15.25 32.39 31.48
N PRO C 151 14.95 32.54 32.78
CA PRO C 151 13.54 32.39 33.23
C PRO C 151 12.61 33.45 32.67
N ASP C 152 13.01 34.72 32.77
CA ASP C 152 12.19 35.84 32.28
C ASP C 152 12.64 36.13 30.85
N PHE C 153 12.21 35.26 29.94
CA PHE C 153 12.65 35.35 28.55
C PHE C 153 12.09 36.58 27.86
N MET C 154 10.89 37.02 28.25
CA MET C 154 10.33 38.21 27.62
C MET C 154 11.19 39.43 27.88
N SER C 155 11.59 39.64 29.15
CA SER C 155 12.52 40.73 29.45
C SER C 155 13.79 40.61 28.62
N PHE C 156 14.35 39.40 28.54
CA PHE C 156 15.59 39.22 27.81
C PHE C 156 15.44 39.56 26.33
N THR C 157 14.38 39.07 25.68
CA THR C 157 14.23 39.35 24.26
C THR C 157 14.08 40.85 24.01
N SER C 158 13.52 41.58 24.99
CA SER C 158 13.41 43.02 24.82
C SER C 158 14.79 43.68 24.92
N HIS C 159 15.70 43.10 25.71
CA HIS C 159 17.11 43.51 25.69
C HIS C 159 17.79 43.16 24.37
N ILE C 160 17.53 41.94 23.86
CA ILE C 160 18.09 41.57 22.56
C ILE C 160 17.68 42.58 21.49
N ASP C 161 16.41 42.98 21.52
CA ASP C 161 15.91 43.92 20.52
C ASP C 161 16.60 45.27 20.63
N GLU C 162 16.83 45.74 21.85
CA GLU C 162 17.52 47.02 21.99
C GLU C 162 18.94 46.93 21.46
N LEU C 163 19.65 45.84 21.78
CA LEU C 163 20.99 45.64 21.21
C LEU C 163 20.93 45.60 19.70
N TYR C 164 19.95 44.88 19.17
CA TYR C 164 19.75 44.82 17.72
C TYR C 164 19.62 46.22 17.13
N GLU C 165 18.72 47.05 17.71
CA GLU C 165 18.48 48.39 17.16
C GLU C 165 19.70 49.27 17.27
N SER C 166 20.46 49.09 18.35
CA SER C 166 21.68 49.86 18.52
C SER C 166 22.72 49.45 17.47
N ALA C 167 22.88 48.15 17.23
CA ALA C 167 23.80 47.71 16.18
C ALA C 167 23.30 48.08 14.80
N LYS C 168 21.97 48.23 14.66
CA LYS C 168 21.35 48.56 13.38
C LYS C 168 21.82 49.92 12.84
N LYS C 169 22.24 50.82 13.71
CA LYS C 169 22.69 52.15 13.29
C LYS C 169 24.16 52.22 12.92
N GLN C 170 24.93 51.13 13.05
CA GLN C 170 26.34 51.13 12.63
C GLN C 170 26.42 50.74 11.17
N SER C 171 26.47 51.74 10.30
CA SER C 171 26.29 51.57 8.85
C SER C 171 27.59 51.30 8.09
N GLY C 172 28.75 51.33 8.75
CA GLY C 172 30.01 51.14 8.08
C GLY C 172 30.23 49.71 7.56
N GLY C 173 31.38 49.52 6.93
CA GLY C 173 31.77 48.22 6.42
C GLY C 173 31.49 48.07 4.93
N LYS C 174 32.12 47.08 4.32
CA LYS C 174 31.90 46.78 2.91
C LYS C 174 31.53 45.32 2.76
N VAL C 175 30.49 45.05 1.98
CA VAL C 175 30.12 43.68 1.67
C VAL C 175 31.26 43.00 0.93
N ALA C 176 31.48 41.73 1.22
CA ALA C 176 32.39 40.94 0.41
C ALA C 176 31.90 41.01 -1.03
N ASP C 177 32.80 41.33 -1.95
CA ASP C 177 32.38 41.46 -3.34
C ASP C 177 33.27 40.65 -4.27
N TYR C 178 34.19 39.86 -3.74
CA TYR C 178 35.16 39.15 -4.57
C TYR C 178 34.50 38.10 -5.46
N ILE C 179 33.25 37.75 -5.17
CA ILE C 179 32.48 36.89 -6.06
C ILE C 179 31.06 37.42 -6.11
N PRO C 180 30.38 37.32 -7.26
CA PRO C 180 29.13 38.09 -7.47
C PRO C 180 28.00 37.78 -6.50
N GLN C 181 28.01 36.62 -5.84
CA GLN C 181 26.92 36.22 -4.93
C GLN C 181 27.09 36.75 -3.52
N LEU C 182 28.12 37.56 -3.29
CA LEU C 182 28.33 38.25 -2.03
C LEU C 182 28.07 39.75 -2.12
N ALA C 183 28.46 40.37 -3.24
CA ALA C 183 28.05 41.76 -3.52
C ALA C 183 26.55 41.85 -3.79
N LYS C 184 25.93 40.72 -4.14
CA LYS C 184 24.49 40.63 -4.28
C LYS C 184 23.76 40.99 -2.98
N PHE C 185 24.22 40.50 -1.83
CA PHE C 185 23.48 40.66 -0.57
C PHE C 185 23.51 42.11 -0.10
N SER C 186 22.37 42.56 0.42
CA SER C 186 22.19 43.97 0.74
C SER C 186 23.00 44.37 1.97
N PRO C 187 23.63 45.55 1.96
CA PRO C 187 24.27 46.07 3.18
C PRO C 187 23.28 46.47 4.26
N ASP C 188 21.98 46.40 4.00
CA ASP C 188 20.94 46.77 4.96
C ASP C 188 20.32 45.57 5.64
N LEU C 189 20.69 44.35 5.26
CA LEU C 189 20.23 43.17 5.96
C LEU C 189 20.93 43.04 7.30
N TRP C 190 20.15 42.78 8.34
CA TRP C 190 20.69 42.66 9.69
C TRP C 190 19.72 41.83 10.51
N GLY C 191 20.16 40.68 10.97
CA GLY C 191 19.31 39.81 11.75
C GLY C 191 20.10 39.14 12.86
N VAL C 192 19.42 38.89 13.97
CA VAL C 192 19.99 38.14 15.08
C VAL C 192 18.95 37.15 15.55
N SER C 193 19.38 35.91 15.76
CA SER C 193 18.49 34.88 16.26
C SER C 193 19.12 34.30 17.51
N VAL C 194 18.29 34.01 18.50
CA VAL C 194 18.72 33.41 19.75
C VAL C 194 18.08 32.04 19.86
N CYS C 195 18.84 31.05 20.32
CA CYS C 195 18.30 29.77 20.75
C CYS C 195 19.01 29.39 22.04
N THR C 196 18.26 29.31 23.14
CA THR C 196 18.87 28.93 24.42
C THR C 196 19.12 27.43 24.44
N VAL C 197 19.86 26.98 25.46
CA VAL C 197 20.10 25.56 25.66
C VAL C 197 18.83 24.83 26.06
N ASP C 198 17.76 25.57 26.35
CA ASP C 198 16.46 24.96 26.62
C ASP C 198 15.49 25.08 25.45
N GLY C 199 15.93 25.63 24.32
CA GLY C 199 15.10 25.72 23.15
C GLY C 199 14.26 26.96 23.05
N GLN C 200 14.48 27.95 23.92
CA GLN C 200 13.75 29.21 23.82
C GLN C 200 14.28 30.00 22.65
N ARG C 201 13.38 30.58 21.86
CA ARG C 201 13.73 31.15 20.58
C ARG C 201 13.41 32.64 20.56
N HIS C 202 14.26 33.41 19.89
CA HIS C 202 13.91 34.79 19.59
C HIS C 202 14.66 35.22 18.35
N SER C 203 13.99 36.01 17.52
CA SER C 203 14.62 36.55 16.33
C SER C 203 14.18 37.99 16.18
N THR C 204 15.07 38.84 15.69
CA THR C 204 14.69 40.18 15.28
C THR C 204 15.50 40.54 14.04
N GLY C 205 14.85 41.19 13.09
CA GLY C 205 15.47 41.53 11.82
C GLY C 205 15.40 40.43 10.77
N ASP C 206 16.37 40.41 9.86
CA ASP C 206 16.30 39.57 8.66
C ASP C 206 16.87 38.19 8.98
N THR C 207 16.07 37.41 9.70
CA THR C 207 16.51 36.16 10.31
C THR C 207 16.05 34.92 9.56
N LYS C 208 15.25 35.07 8.51
CA LYS C 208 14.83 33.96 7.67
C LYS C 208 15.35 34.13 6.24
N VAL C 209 16.42 34.87 6.06
CA VAL C 209 17.04 35.08 4.76
C VAL C 209 18.24 34.14 4.67
N PRO C 210 18.30 33.25 3.70
CA PRO C 210 19.43 32.32 3.61
C PRO C 210 20.71 33.05 3.21
N PHE C 211 21.82 32.60 3.80
CA PHE C 211 23.14 33.10 3.48
C PHE C 211 24.11 31.94 3.72
N CYS C 212 25.30 32.03 3.16
CA CYS C 212 26.20 30.90 3.23
C CYS C 212 27.00 30.95 4.53
N LEU C 213 27.25 29.78 5.09
CA LEU C 213 28.01 29.74 6.32
C LEU C 213 29.39 30.34 6.10
N GLN C 214 29.99 30.05 4.95
CA GLN C 214 31.37 30.41 4.60
C GLN C 214 32.24 29.89 5.75
N SER C 215 33.08 30.73 6.37
CA SER C 215 34.00 30.23 7.38
C SER C 215 33.33 29.95 8.72
N CYS C 216 32.04 30.33 8.89
CA CYS C 216 31.28 29.85 10.04
C CYS C 216 31.12 28.34 10.02
N VAL C 217 31.35 27.70 8.87
CA VAL C 217 31.26 26.25 8.82
C VAL C 217 32.50 25.59 9.42
N LYS C 218 33.62 26.32 9.51
CA LYS C 218 34.87 25.71 9.98
C LYS C 218 34.76 25.08 11.36
N PRO C 219 34.19 25.73 12.39
CA PRO C 219 34.06 25.04 13.68
C PRO C 219 33.10 23.86 13.61
N LEU C 220 32.09 23.93 12.74
CA LEU C 220 31.11 22.85 12.64
C LEU C 220 31.73 21.59 12.06
N LYS C 221 32.52 21.74 10.99
CA LYS C 221 33.11 20.54 10.41
C LYS C 221 34.29 20.04 11.25
N TYR C 222 35.00 20.94 11.94
CA TYR C 222 36.00 20.46 12.89
C TYR C 222 35.36 19.65 14.00
N ALA C 223 34.21 20.13 14.51
CA ALA C 223 33.49 19.37 15.53
C ALA C 223 33.09 17.99 15.00
N ILE C 224 32.66 17.93 13.73
CA ILE C 224 32.33 16.65 13.11
C ILE C 224 33.56 15.75 13.06
N ALA C 225 34.70 16.31 12.64
CA ALA C 225 35.93 15.50 12.57
C ALA C 225 36.33 14.97 13.94
N VAL C 226 36.30 15.83 14.97
CA VAL C 226 36.68 15.37 16.31
C VAL C 226 35.66 14.37 16.83
N ASN C 227 34.38 14.59 16.55
CA ASN C 227 33.36 13.66 16.99
C ASN C 227 33.58 12.29 16.39
N ASP C 228 33.91 12.22 15.10
CA ASP C 228 34.08 10.94 14.43
C ASP C 228 35.46 10.31 14.64
N LEU C 229 36.49 11.12 14.92
CA LEU C 229 37.86 10.63 14.87
C LEU C 229 38.64 10.80 16.15
N GLY C 230 38.18 11.64 17.08
CA GLY C 230 38.90 11.88 18.32
C GLY C 230 39.87 13.05 18.21
N THR C 231 40.22 13.59 19.38
CA THR C 231 41.14 14.74 19.43
C THR C 231 42.52 14.37 18.92
N GLU C 232 43.05 13.22 19.34
CA GLU C 232 44.43 12.88 19.04
C GLU C 232 44.65 12.73 17.54
N TYR C 233 43.71 12.07 16.84
CA TYR C 233 43.84 11.90 15.40
C TYR C 233 43.80 13.24 14.70
N VAL C 234 42.75 14.04 14.94
CA VAL C 234 42.58 15.30 14.24
C VAL C 234 43.80 16.19 14.46
N HIS C 235 44.32 16.24 15.68
CA HIS C 235 45.45 17.12 15.91
C HIS C 235 46.78 16.45 15.63
N ARG C 236 46.76 15.24 15.09
CA ARG C 236 47.93 14.80 14.36
C ARG C 236 48.06 15.60 13.04
N TYR C 237 46.96 16.17 12.53
CA TYR C 237 46.98 16.87 11.26
C TYR C 237 46.81 18.39 11.37
N VAL C 238 46.39 18.91 12.52
CA VAL C 238 46.13 20.35 12.65
C VAL C 238 46.44 20.76 14.08
N GLY C 239 47.01 21.96 14.27
CA GLY C 239 47.33 22.45 15.58
C GLY C 239 46.12 22.94 16.38
N LYS C 240 46.39 23.47 17.58
CA LYS C 240 45.33 23.88 18.49
C LYS C 240 45.56 25.27 19.08
N GLU C 241 46.25 26.15 18.35
CA GLU C 241 46.66 27.43 18.90
C GLU C 241 46.47 28.55 17.86
N PRO C 242 46.25 29.78 18.32
CA PRO C 242 46.32 30.91 17.38
C PRO C 242 47.75 31.12 16.92
N SER C 243 47.87 31.67 15.72
CA SER C 243 49.18 31.72 15.08
C SER C 243 50.04 32.87 15.60
N GLY C 244 49.44 34.01 15.92
CA GLY C 244 50.19 35.22 16.15
C GLY C 244 49.80 36.30 15.16
N LEU C 245 49.93 37.57 15.57
CA LEU C 245 49.29 38.66 14.86
C LEU C 245 49.95 38.96 13.51
N ARG C 246 51.13 38.41 13.24
CA ARG C 246 51.61 38.24 11.87
C ARG C 246 52.39 36.93 11.76
N PHE C 247 51.74 35.84 12.17
CA PHE C 247 51.86 34.54 11.52
C PHE C 247 50.52 34.19 10.87
N ASN C 248 49.63 35.19 10.74
CA ASN C 248 48.34 35.04 10.08
C ASN C 248 48.52 34.74 8.59
N LYS C 249 49.73 34.97 8.06
CA LYS C 249 50.09 34.81 6.66
C LYS C 249 50.75 33.47 6.33
N LEU C 250 51.24 32.71 7.31
CA LEU C 250 51.83 31.40 7.07
C LEU C 250 50.77 30.29 7.04
N PHE C 251 50.96 29.30 6.15
CA PHE C 251 50.02 28.18 6.07
C PHE C 251 50.27 27.15 7.15
N LEU C 252 51.52 27.04 7.62
CA LEU C 252 51.95 25.99 8.53
C LEU C 252 52.70 26.60 9.71
N ASN C 253 52.55 25.99 10.89
CA ASN C 253 53.41 26.32 12.02
C ASN C 253 54.72 25.56 11.83
N GLU C 254 55.63 25.56 12.84
CA GLU C 254 56.86 24.81 12.58
C GLU C 254 56.76 23.30 12.76
N ASP C 255 55.69 22.73 13.27
CA ASP C 255 55.58 21.29 13.11
C ASP C 255 54.96 20.91 11.76
N ASP C 256 54.91 21.86 10.82
CA ASP C 256 54.40 21.66 9.47
C ASP C 256 52.94 21.22 9.48
N LYS C 257 52.23 21.62 10.51
CA LYS C 257 50.80 21.55 10.66
C LYS C 257 50.20 22.93 10.51
N PRO C 258 49.01 23.04 9.91
CA PRO C 258 48.28 24.32 9.99
C PRO C 258 48.05 24.70 11.44
N HIS C 259 47.92 26.00 11.69
CA HIS C 259 48.00 26.48 13.06
C HIS C 259 46.85 25.96 13.91
N ASN C 260 45.66 25.91 13.34
CA ASN C 260 44.45 25.54 14.07
C ASN C 260 43.36 25.32 13.03
N PRO C 261 42.21 24.75 13.40
CA PRO C 261 41.16 24.46 12.41
C PRO C 261 40.42 25.69 11.88
N MET C 262 40.57 26.86 12.47
CA MET C 262 39.76 28.00 12.07
C MET C 262 40.37 28.80 10.93
N VAL C 263 41.62 28.55 10.55
CA VAL C 263 42.19 29.22 9.38
C VAL C 263 42.02 28.31 8.18
N ASN C 264 42.12 28.91 6.99
CA ASN C 264 41.82 28.19 5.74
C ASN C 264 42.69 26.94 5.59
N ALA C 265 44.00 27.05 5.77
CA ALA C 265 44.84 25.86 5.66
C ALA C 265 44.40 24.80 6.68
N GLY C 266 44.04 25.22 7.89
CA GLY C 266 43.57 24.25 8.88
C GLY C 266 42.23 23.65 8.51
N ALA C 267 41.31 24.48 7.99
CA ALA C 267 40.00 23.98 7.60
C ALA C 267 40.09 23.04 6.40
N ILE C 268 41.00 23.31 5.46
CA ILE C 268 41.20 22.43 4.32
C ILE C 268 41.70 21.07 4.79
N VAL C 269 42.67 21.05 5.71
CA VAL C 269 43.11 19.77 6.25
C VAL C 269 41.97 19.05 6.96
N VAL C 270 41.19 19.78 7.79
CA VAL C 270 40.08 19.16 8.50
C VAL C 270 39.07 18.56 7.52
N THR C 271 38.75 19.30 6.46
CA THR C 271 37.86 18.79 5.42
C THR C 271 38.37 17.48 4.87
N SER C 272 39.69 17.33 4.78
CA SER C 272 40.27 16.12 4.23
C SER C 272 40.19 14.94 5.18
N LEU C 273 39.75 15.14 6.43
CA LEU C 273 39.69 14.08 7.42
C LEU C 273 38.32 13.41 7.51
N ILE C 274 37.28 14.10 7.06
CA ILE C 274 35.90 13.67 7.29
C ILE C 274 35.51 12.63 6.26
N LYS C 275 34.99 11.50 6.74
CA LYS C 275 34.38 10.46 5.88
C LYS C 275 35.31 10.06 4.73
N GLN C 276 36.55 9.73 5.08
CA GLN C 276 37.54 9.37 4.08
C GLN C 276 37.16 8.10 3.34
N GLY C 277 37.56 8.01 2.07
CA GLY C 277 37.34 6.83 1.28
C GLY C 277 36.06 6.84 0.48
N VAL C 278 35.05 7.56 0.94
CA VAL C 278 33.82 7.72 0.18
C VAL C 278 33.95 8.96 -0.70
N ASN C 279 33.07 9.06 -1.71
CA ASN C 279 33.17 10.15 -2.69
C ASN C 279 32.60 11.46 -2.12
N ASN C 280 32.77 12.55 -2.90
CA ASN C 280 32.45 13.87 -2.39
C ASN C 280 30.96 14.05 -2.16
N ALA C 281 30.14 13.45 -3.03
CA ALA C 281 28.70 13.59 -2.88
C ALA C 281 28.23 12.97 -1.57
N GLU C 282 28.76 11.79 -1.23
CA GLU C 282 28.46 11.16 0.06
C GLU C 282 29.04 11.96 1.22
N LYS C 283 30.32 12.34 1.14
CA LYS C 283 30.92 13.19 2.16
C LYS C 283 30.05 14.40 2.46
N PHE C 284 29.57 15.06 1.39
CA PHE C 284 28.71 16.23 1.54
C PHE C 284 27.37 15.86 2.18
N ASP C 285 26.72 14.81 1.69
CA ASP C 285 25.47 14.36 2.31
C ASP C 285 25.69 14.07 3.79
N TYR C 286 26.81 13.44 4.10
CA TYR C 286 27.11 13.09 5.49
C TYR C 286 27.24 14.35 6.36
N VAL C 287 27.99 15.34 5.88
CA VAL C 287 28.13 16.57 6.67
C VAL C 287 26.80 17.31 6.72
N MET C 288 26.05 17.31 5.62
CA MET C 288 24.76 17.99 5.59
C MET C 288 23.76 17.38 6.58
N GLN C 289 23.68 16.06 6.64
CA GLN C 289 22.78 15.43 7.63
C GLN C 289 23.25 15.77 9.05
N PHE C 290 24.57 15.86 9.24
CA PHE C 290 25.11 16.24 10.53
C PHE C 290 24.68 17.67 10.89
N LEU C 291 24.78 18.57 9.92
CA LEU C 291 24.32 19.93 10.12
C LEU C 291 22.81 20.00 10.37
N ASN C 292 22.06 19.11 9.72
CA ASN C 292 20.61 19.04 9.97
C ASN C 292 20.32 18.76 11.43
N LYS C 293 21.01 17.76 11.99
CA LYS C 293 20.84 17.45 13.41
C LYS C 293 21.24 18.62 14.31
N MET C 294 22.38 19.27 14.01
CA MET C 294 22.80 20.40 14.82
C MET C 294 21.75 21.50 14.81
N ALA C 295 21.05 21.68 13.68
CA ALA C 295 20.05 22.74 13.55
C ALA C 295 18.64 22.26 13.90
N GLY C 296 18.50 21.10 14.52
CA GLY C 296 17.18 20.57 14.83
C GLY C 296 16.29 20.46 13.60
N ASN C 297 16.91 20.21 12.44
CA ASN C 297 16.27 20.03 11.14
C ASN C 297 15.69 21.31 10.57
N GLU C 298 16.13 22.46 11.04
CA GLU C 298 15.74 23.68 10.39
C GLU C 298 16.65 23.92 9.17
N TYR C 299 16.44 25.04 8.49
CA TYR C 299 16.97 25.19 7.15
C TYR C 299 18.49 25.00 7.11
N VAL C 300 18.93 24.00 6.36
CA VAL C 300 20.30 23.88 5.92
C VAL C 300 20.25 23.67 4.43
N GLY C 301 20.91 24.54 3.69
CA GLY C 301 20.86 24.43 2.25
C GLY C 301 22.19 24.52 1.57
N PHE C 302 22.16 24.84 0.28
CA PHE C 302 23.37 24.86 -0.50
C PHE C 302 23.24 25.89 -1.60
N SER C 303 24.22 26.78 -1.72
CA SER C 303 24.21 27.78 -2.78
C SER C 303 25.20 27.37 -3.87
N ASN C 304 24.70 26.68 -4.90
CA ASN C 304 25.55 26.31 -6.00
C ASN C 304 26.14 27.53 -6.68
N ALA C 305 25.40 28.64 -6.70
CA ALA C 305 25.95 29.88 -7.27
C ALA C 305 27.22 30.30 -6.52
N THR C 306 27.15 30.35 -5.18
CA THR C 306 28.33 30.66 -4.38
C THR C 306 29.42 29.63 -4.61
N PHE C 307 29.04 28.36 -4.77
CA PHE C 307 30.03 27.32 -4.99
C PHE C 307 30.79 27.55 -6.29
N GLN C 308 30.09 27.80 -7.40
CA GLN C 308 30.78 27.98 -8.67
C GLN C 308 31.77 29.13 -8.60
N SER C 309 31.38 30.22 -7.96
CA SER C 309 32.29 31.36 -7.86
C SER C 309 33.45 31.07 -6.91
N GLU C 310 33.18 30.40 -5.78
CA GLU C 310 34.27 30.03 -4.88
C GLU C 310 35.29 29.15 -5.59
N ARG C 311 34.83 28.23 -6.42
CA ARG C 311 35.76 27.35 -7.12
C ARG C 311 36.43 28.06 -8.29
N GLU C 312 35.83 29.15 -8.79
CA GLU C 312 36.48 29.97 -9.81
C GLU C 312 37.47 30.98 -9.26
N SER C 313 37.37 31.32 -7.98
CA SER C 313 38.17 32.38 -7.36
C SER C 313 39.07 31.82 -6.26
N GLY C 314 39.36 30.53 -6.31
CA GLY C 314 40.10 29.95 -5.20
C GLY C 314 41.57 29.74 -5.45
N ASP C 315 42.23 30.73 -6.06
CA ASP C 315 43.65 30.60 -6.30
C ASP C 315 44.41 30.49 -4.97
N ARG C 316 44.03 31.27 -3.97
CA ARG C 316 44.72 31.16 -2.69
C ARG C 316 44.53 29.77 -2.07
N ASN C 317 43.33 29.21 -2.19
CA ASN C 317 43.08 27.88 -1.65
C ASN C 317 43.80 26.81 -2.45
N PHE C 318 43.86 26.96 -3.78
CA PHE C 318 44.68 26.02 -4.56
C PHE C 318 46.15 26.17 -4.19
N ALA C 319 46.60 27.40 -3.94
CA ALA C 319 47.96 27.59 -3.42
C ALA C 319 48.16 26.88 -2.08
N ILE C 320 47.14 26.94 -1.19
CA ILE C 320 47.21 26.23 0.09
C ILE C 320 47.20 24.72 -0.11
N GLY C 321 46.30 24.25 -0.98
CA GLY C 321 46.22 22.82 -1.23
C GLY C 321 47.52 22.22 -1.74
N TYR C 322 48.15 22.90 -2.70
CA TYR C 322 49.41 22.39 -3.22
C TYR C 322 50.51 22.45 -2.17
N TYR C 323 50.53 23.53 -1.38
CA TYR C 323 51.52 23.63 -0.30
C TYR C 323 51.35 22.50 0.71
N LEU C 324 50.09 22.20 1.09
CA LEU C 324 49.82 21.14 2.04
C LEU C 324 50.22 19.79 1.46
N LYS C 325 49.92 19.56 0.18
CA LYS C 325 50.31 18.30 -0.44
C LYS C 325 51.83 18.11 -0.40
N GLU C 326 52.58 19.12 -0.83
CA GLU C 326 54.03 18.98 -0.85
C GLU C 326 54.61 18.75 0.54
N LYS C 327 54.00 19.35 1.56
CA LYS C 327 54.43 19.20 2.94
C LYS C 327 53.75 18.02 3.63
N LYS C 328 53.02 17.19 2.89
CA LYS C 328 52.51 15.91 3.42
C LYS C 328 51.59 16.10 4.62
N CYS C 329 50.65 17.02 4.48
CA CYS C 329 49.74 17.40 5.54
C CYS C 329 48.40 16.68 5.51
N PHE C 330 48.08 15.96 4.45
CA PHE C 330 46.80 15.29 4.33
C PHE C 330 46.94 13.85 4.77
N PRO C 331 45.84 13.19 5.13
CA PRO C 331 45.91 11.73 5.37
C PRO C 331 46.30 11.02 4.08
N GLU C 332 47.03 9.93 4.23
CA GLU C 332 47.47 9.13 3.10
C GLU C 332 46.30 8.81 2.18
N GLY C 333 46.50 8.92 0.87
CA GLY C 333 45.43 8.62 -0.05
C GLY C 333 44.45 9.74 -0.32
N THR C 334 44.83 10.98 -0.04
CA THR C 334 43.96 12.13 -0.23
C THR C 334 44.09 12.65 -1.66
N ASP C 335 42.97 12.91 -2.30
CA ASP C 335 42.92 13.61 -3.59
C ASP C 335 42.73 15.08 -3.25
N MET C 336 43.86 15.82 -3.21
CA MET C 336 43.83 17.19 -2.71
C MET C 336 42.92 18.08 -3.55
N VAL C 337 42.98 17.94 -4.87
CA VAL C 337 42.14 18.79 -5.71
C VAL C 337 40.66 18.49 -5.45
N GLY C 338 40.33 17.22 -5.22
CA GLY C 338 38.97 16.87 -4.81
C GLY C 338 38.58 17.44 -3.45
N ILE C 339 39.52 17.43 -2.49
CA ILE C 339 39.24 18.00 -1.17
C ILE C 339 38.95 19.49 -1.30
N LEU C 340 39.68 20.18 -2.17
CA LEU C 340 39.41 21.60 -2.38
C LEU C 340 37.99 21.82 -2.86
N ASP C 341 37.52 20.95 -3.74
CA ASP C 341 36.15 21.06 -4.24
C ASP C 341 35.13 20.77 -3.13
N PHE C 342 35.39 19.75 -2.31
CA PHE C 342 34.57 19.50 -1.14
C PHE C 342 34.58 20.72 -0.21
N TYR C 343 35.78 21.24 0.07
CA TYR C 343 35.92 22.45 0.89
C TYR C 343 35.12 23.61 0.30
N PHE C 344 35.22 23.82 -1.01
CA PHE C 344 34.42 24.89 -1.62
C PHE C 344 32.93 24.66 -1.41
N GLN C 345 32.48 23.39 -1.51
CA GLN C 345 31.08 23.08 -1.26
C GLN C 345 30.67 23.43 0.16
N LEU C 346 31.52 23.08 1.14
CA LEU C 346 31.17 23.31 2.53
C LEU C 346 31.02 24.79 2.84
N CYS C 347 31.79 25.66 2.17
CA CYS C 347 31.65 27.09 2.43
C CYS C 347 30.43 27.69 1.76
N SER C 348 29.78 26.93 0.88
CA SER C 348 28.58 27.39 0.20
C SER C 348 27.30 26.84 0.82
N ILE C 349 27.42 26.05 1.89
CA ILE C 349 26.25 25.59 2.61
C ILE C 349 25.51 26.80 3.16
N GLU C 350 24.19 26.78 3.03
CA GLU C 350 23.35 27.91 3.42
C GLU C 350 22.60 27.61 4.70
N VAL C 351 22.41 28.68 5.51
CA VAL C 351 21.59 28.67 6.70
C VAL C 351 20.76 29.95 6.72
N THR C 352 19.85 30.04 7.68
CA THR C 352 19.31 31.32 8.08
C THR C 352 19.86 31.65 9.46
N CYS C 353 19.58 32.86 9.93
CA CYS C 353 19.96 33.18 11.30
C CYS C 353 19.30 32.22 12.29
N GLU C 354 18.03 31.88 12.03
CA GLU C 354 17.27 31.02 12.94
C GLU C 354 17.86 29.61 13.00
N SER C 355 18.09 28.99 11.84
CA SER C 355 18.59 27.63 11.85
C SER C 355 20.03 27.59 12.38
N ALA C 356 20.84 28.57 12.00
CA ALA C 356 22.21 28.60 12.49
C ALA C 356 22.28 28.87 14.00
N SER C 357 21.32 29.63 14.54
CA SER C 357 21.30 29.86 15.99
C SER C 357 21.14 28.55 16.74
N VAL C 358 20.37 27.60 16.17
CA VAL C 358 20.18 26.29 16.78
C VAL C 358 21.47 25.50 16.75
N MET C 359 22.23 25.63 15.65
CA MET C 359 23.54 25.00 15.56
C MET C 359 24.45 25.51 16.67
N ALA C 360 24.52 26.83 16.83
CA ALA C 360 25.29 27.44 17.92
C ALA C 360 24.80 26.98 19.29
N ALA C 361 23.48 26.85 19.44
CA ALA C 361 22.90 26.41 20.70
C ALA C 361 23.26 24.96 21.00
N THR C 362 23.38 24.12 19.95
CA THR C 362 23.85 22.75 20.15
C THR C 362 25.25 22.72 20.75
N LEU C 363 26.12 23.62 20.27
CA LEU C 363 27.46 23.78 20.83
C LEU C 363 27.40 24.41 22.22
N ALA C 364 26.43 25.29 22.48
CA ALA C 364 26.23 25.84 23.81
C ALA C 364 25.74 24.78 24.80
N ASN C 365 25.20 23.67 24.30
CA ASN C 365 24.49 22.70 25.10
C ASN C 365 25.23 21.36 25.15
N GLY C 366 26.57 21.41 25.17
CA GLY C 366 27.35 20.20 25.30
C GLY C 366 27.15 19.16 24.22
N GLY C 367 26.69 19.56 23.03
CA GLY C 367 26.52 18.64 21.94
C GLY C 367 25.12 18.07 21.78
N PHE C 368 24.17 18.49 22.61
CA PHE C 368 22.78 18.11 22.45
C PHE C 368 22.02 19.22 21.77
N CYS C 369 21.22 18.86 20.79
CA CYS C 369 20.46 19.87 20.10
C CYS C 369 19.31 20.31 20.99
N PRO C 370 19.16 21.61 21.28
CA PRO C 370 18.21 22.02 22.31
C PRO C 370 16.74 21.87 21.92
N ILE C 371 16.39 21.91 20.62
CA ILE C 371 14.99 21.81 20.22
C ILE C 371 14.58 20.38 19.86
N THR C 372 15.51 19.43 19.87
CA THR C 372 15.16 18.02 19.66
C THR C 372 15.57 17.10 20.79
N GLY C 373 16.50 17.52 21.64
CA GLY C 373 17.01 16.65 22.68
C GLY C 373 17.98 15.61 22.19
N GLU C 374 18.33 15.64 20.90
CA GLU C 374 19.19 14.62 20.31
C GLU C 374 20.67 14.92 20.56
N ARG C 375 21.43 13.87 20.90
CA ARG C 375 22.88 13.99 21.00
C ARG C 375 23.48 14.06 19.60
N VAL C 376 24.15 15.16 19.28
CA VAL C 376 24.68 15.37 17.96
C VAL C 376 26.20 15.28 17.93
N LEU C 377 26.87 15.85 18.93
CA LEU C 377 28.32 15.83 18.99
C LEU C 377 28.77 15.39 20.37
N SER C 378 29.92 14.73 20.41
CA SER C 378 30.52 14.34 21.69
C SER C 378 30.96 15.58 22.46
N PRO C 379 30.98 15.51 23.80
CA PRO C 379 31.48 16.65 24.59
C PRO C 379 32.88 17.08 24.21
N GLU C 380 33.74 16.11 23.93
CA GLU C 380 35.10 16.40 23.49
C GLU C 380 35.10 17.24 22.21
N ALA C 381 34.29 16.85 21.22
CA ALA C 381 34.17 17.65 20.01
C ALA C 381 33.68 19.07 20.32
N VAL C 382 32.71 19.20 21.23
CA VAL C 382 32.14 20.51 21.50
C VAL C 382 33.12 21.39 22.28
N ARG C 383 33.75 20.82 23.32
CA ARG C 383 34.74 21.56 24.09
C ARG C 383 35.90 22.04 23.19
N ASN C 384 36.46 21.15 22.37
CA ASN C 384 37.55 21.54 21.47
C ASN C 384 37.13 22.68 20.54
N THR C 385 35.93 22.60 19.98
CA THR C 385 35.44 23.62 19.06
C THR C 385 35.26 24.95 19.76
N LEU C 386 34.66 24.96 20.95
CA LEU C 386 34.53 26.20 21.71
C LEU C 386 35.91 26.75 22.10
N SER C 387 36.84 25.87 22.45
CA SER C 387 38.17 26.35 22.82
C SER C 387 38.83 27.07 21.64
N LEU C 388 38.67 26.54 20.42
CA LEU C 388 39.34 27.14 19.27
C LEU C 388 38.58 28.32 18.69
N MET C 389 37.27 28.36 18.90
CA MET C 389 36.54 29.59 18.54
C MET C 389 36.92 30.74 19.46
N HIS C 390 37.19 30.43 20.74
CA HIS C 390 37.62 31.46 21.69
C HIS C 390 38.82 32.23 21.13
N SER C 391 39.87 31.50 20.75
CA SER C 391 41.15 32.11 20.43
C SER C 391 41.40 32.30 18.93
N CYS C 392 40.65 31.65 18.05
CA CYS C 392 40.95 31.71 16.62
C CYS C 392 39.74 32.00 15.76
N GLY C 393 38.63 32.49 16.33
CA GLY C 393 37.42 32.49 15.55
C GLY C 393 37.14 33.71 14.72
N MET C 394 37.87 34.79 14.91
CA MET C 394 37.47 36.08 14.38
C MET C 394 38.59 36.72 13.61
N TYR C 395 39.35 35.92 12.89
CA TYR C 395 40.43 36.39 12.03
C TYR C 395 41.41 37.17 12.90
N ASP C 396 42.00 38.26 12.39
CA ASP C 396 42.95 39.01 13.19
C ASP C 396 42.32 39.66 14.43
N PHE C 397 40.99 39.74 14.52
CA PHE C 397 40.36 40.31 15.72
C PHE C 397 40.19 39.30 16.84
N SER C 398 40.68 38.06 16.69
CA SER C 398 40.41 37.03 17.68
C SER C 398 40.96 37.40 19.06
N GLY C 399 42.16 37.99 19.12
CA GLY C 399 42.71 38.32 20.43
C GLY C 399 41.90 39.40 21.13
N GLN C 400 41.57 40.46 20.39
CA GLN C 400 40.74 41.54 20.92
C GLN C 400 39.36 41.05 21.28
N PHE C 401 38.78 40.21 20.44
CA PHE C 401 37.46 39.68 20.70
C PHE C 401 37.47 38.81 21.96
N ALA C 402 38.46 37.92 22.10
CA ALA C 402 38.56 37.10 23.29
C ALA C 402 38.69 37.96 24.54
N PHE C 403 39.51 39.00 24.46
CA PHE C 403 39.70 39.87 25.61
C PHE C 403 38.41 40.62 25.95
N HIS C 404 37.79 41.27 24.97
CA HIS C 404 36.70 42.19 25.25
C HIS C 404 35.33 41.53 25.32
N VAL C 405 35.09 40.51 24.50
CA VAL C 405 33.83 39.78 24.48
C VAL C 405 33.90 38.48 25.27
N GLY C 406 35.00 37.73 25.15
CA GLY C 406 35.13 36.50 25.90
C GLY C 406 34.07 35.45 25.57
N LEU C 407 33.66 35.37 24.31
CA LEU C 407 32.73 34.32 23.94
C LEU C 407 33.28 33.59 22.72
N PRO C 408 33.13 32.28 22.67
CA PRO C 408 33.47 31.55 21.45
C PRO C 408 32.60 32.05 20.31
N ALA C 409 33.23 32.48 19.24
CA ALA C 409 32.49 32.96 18.10
C ALA C 409 33.23 32.62 16.81
N LYS C 410 32.51 32.58 15.70
CA LYS C 410 33.14 32.39 14.40
C LYS C 410 32.45 33.26 13.37
N SER C 411 33.23 34.02 12.62
CA SER C 411 32.69 34.86 11.56
C SER C 411 32.91 34.24 10.20
N GLY C 412 32.12 34.74 9.24
CA GLY C 412 32.25 34.33 7.87
C GLY C 412 32.10 35.53 6.96
N VAL C 413 32.57 35.37 5.71
CA VAL C 413 32.69 36.48 4.78
C VAL C 413 31.33 36.92 4.25
N ALA C 414 30.29 36.08 4.37
CA ALA C 414 28.96 36.52 4.00
C ALA C 414 28.34 37.44 5.06
N GLY C 415 29.03 37.68 6.17
CA GLY C 415 28.54 38.54 7.22
C GLY C 415 27.99 37.86 8.46
N GLY C 416 28.08 36.53 8.56
CA GLY C 416 27.57 35.83 9.73
C GLY C 416 28.57 35.78 10.87
N ILE C 417 28.05 35.79 12.08
CA ILE C 417 28.84 35.50 13.27
C ILE C 417 28.11 34.44 14.09
N LEU C 418 28.66 33.24 14.10
CA LEU C 418 28.14 32.16 14.93
C LEU C 418 28.67 32.34 16.35
N LEU C 419 27.76 32.53 17.30
CA LEU C 419 28.10 32.94 18.66
C LEU C 419 27.58 31.93 19.67
N VAL C 420 28.43 31.52 20.60
CA VAL C 420 28.05 30.55 21.61
C VAL C 420 28.23 31.19 22.98
N VAL C 421 27.15 31.24 23.75
CA VAL C 421 27.29 31.54 25.17
C VAL C 421 27.20 30.19 25.87
N PRO C 422 28.33 29.60 26.25
CA PRO C 422 28.31 28.27 26.83
C PRO C 422 27.34 28.18 28.00
N ASN C 423 26.56 27.09 28.02
CA ASN C 423 25.56 26.80 29.03
C ASN C 423 24.34 27.72 28.99
N VAL C 424 24.27 28.68 28.07
CA VAL C 424 23.14 29.61 28.06
C VAL C 424 22.42 29.56 26.73
N MET C 425 23.07 29.96 25.64
CA MET C 425 22.37 30.05 24.37
C MET C 425 23.38 30.02 23.22
N GLY C 426 22.84 29.81 22.02
CA GLY C 426 23.58 30.00 20.79
C GLY C 426 22.95 31.13 20.02
N MET C 427 23.75 31.79 19.19
CA MET C 427 23.22 32.87 18.37
C MET C 427 23.85 32.84 16.98
N MET C 428 23.10 33.31 16.00
CA MET C 428 23.67 33.67 14.73
C MET C 428 23.36 35.13 14.51
N CYS C 429 24.41 35.94 14.32
CA CYS C 429 24.25 37.32 13.88
C CYS C 429 24.66 37.43 12.41
N TRP C 430 23.90 38.20 11.64
CA TRP C 430 24.24 38.29 10.22
C TRP C 430 24.02 39.70 9.71
N SER C 431 25.06 40.28 9.15
CA SER C 431 24.96 41.52 8.41
C SER C 431 26.12 41.52 7.41
N PRO C 432 25.85 41.60 6.11
CA PRO C 432 26.92 41.36 5.09
C PRO C 432 28.09 42.34 5.16
N PRO C 433 27.88 43.63 5.44
CA PRO C 433 29.04 44.55 5.42
C PRO C 433 30.09 44.16 6.47
N LEU C 434 31.32 43.97 5.99
CA LEU C 434 32.43 43.55 6.84
C LEU C 434 33.38 44.70 7.10
N ASP C 435 34.06 44.65 8.25
CA ASP C 435 35.08 45.63 8.54
C ASP C 435 36.40 45.19 7.88
N LYS C 436 37.47 45.95 8.14
CA LYS C 436 38.75 45.71 7.50
C LYS C 436 39.29 44.32 7.82
N MET C 437 38.84 43.71 8.91
CA MET C 437 39.31 42.40 9.29
C MET C 437 38.44 41.27 8.77
N GLY C 438 37.33 41.57 8.08
CA GLY C 438 36.50 40.55 7.49
C GLY C 438 35.31 40.15 8.32
N ASN C 439 35.11 40.79 9.49
CA ASN C 439 34.01 40.52 10.39
C ASN C 439 32.87 41.51 10.19
N SER C 440 31.64 41.02 10.31
CA SER C 440 30.49 41.88 10.13
C SER C 440 30.49 43.02 11.14
N VAL C 441 30.40 44.25 10.63
CA VAL C 441 30.47 45.43 11.47
C VAL C 441 29.37 45.37 12.55
N LYS C 442 28.12 45.15 12.13
CA LYS C 442 27.01 45.10 13.08
C LYS C 442 27.14 43.93 14.06
N GLY C 443 27.53 42.76 13.57
CA GLY C 443 27.68 41.63 14.46
C GLY C 443 28.69 41.89 15.56
N ILE C 444 29.85 42.46 15.19
CA ILE C 444 30.90 42.78 16.16
C ILE C 444 30.39 43.81 17.15
N HIS C 445 29.62 44.80 16.68
CA HIS C 445 29.07 45.80 17.58
C HIS C 445 28.07 45.16 18.53
N PHE C 446 27.19 44.32 18.00
CA PHE C 446 26.23 43.58 18.82
C PHE C 446 26.94 42.75 19.88
N CYS C 447 28.06 42.12 19.55
CA CYS C 447 28.68 41.19 20.51
C CYS C 447 29.39 41.93 21.62
N HIS C 448 29.93 43.11 21.33
CA HIS C 448 30.45 43.97 22.38
C HIS C 448 29.32 44.47 23.29
N ASP C 449 28.21 44.91 22.70
CA ASP C 449 27.09 45.42 23.48
C ASP C 449 26.51 44.33 24.37
N LEU C 450 26.40 43.11 23.84
CA LEU C 450 25.78 42.03 24.60
C LEU C 450 26.58 41.73 25.85
N VAL C 451 27.91 41.76 25.75
CA VAL C 451 28.73 41.42 26.89
C VAL C 451 28.83 42.61 27.83
N SER C 452 28.67 43.82 27.30
CA SER C 452 28.61 45.01 28.14
C SER C 452 27.38 44.98 29.03
N LEU C 453 26.27 44.45 28.51
CA LEU C 453 25.00 44.43 29.21
C LEU C 453 24.87 43.23 30.14
N CYS C 454 25.30 42.05 29.70
CA CYS C 454 25.09 40.84 30.47
C CYS C 454 26.43 40.23 30.88
N ASN C 455 26.41 39.53 32.00
CA ASN C 455 27.62 38.94 32.54
C ASN C 455 27.86 37.60 31.86
N PHE C 456 27.90 37.62 30.53
CA PHE C 456 28.15 36.44 29.73
C PHE C 456 29.63 36.24 29.38
N HIS C 457 30.47 37.27 29.57
CA HIS C 457 31.90 37.11 29.30
C HIS C 457 32.41 35.89 30.04
N ASN C 458 33.19 35.09 29.33
CA ASN C 458 33.79 33.88 29.88
C ASN C 458 34.40 34.10 31.27
N TYR C 459 34.97 35.29 31.52
CA TYR C 459 35.61 35.57 32.80
C TYR C 459 34.90 36.67 33.59
N ASP C 460 33.64 36.94 33.26
CA ASP C 460 32.76 37.57 34.23
C ASP C 460 32.53 36.59 35.39
N ASN C 461 32.22 37.13 36.54
CA ASN C 461 31.89 36.31 37.69
C ASN C 461 30.38 36.17 37.81
N LEU C 462 29.92 34.96 38.14
CA LEU C 462 28.49 34.68 38.20
C LEU C 462 27.83 35.20 39.48
N ARG C 463 28.61 35.62 40.46
CA ARG C 463 28.10 36.11 41.72
C ARG C 463 28.30 37.61 41.91
N HIS C 464 29.47 38.14 41.54
CA HIS C 464 29.80 39.57 41.64
C HIS C 464 30.09 40.12 40.24
N PHE C 465 29.14 40.83 39.64
CA PHE C 465 29.28 41.29 38.26
C PHE C 465 28.93 42.75 38.08
N ALA C 466 29.09 43.54 39.13
CA ALA C 466 28.96 44.99 39.06
C ALA C 466 27.57 45.29 38.51
N LYS C 467 27.43 46.20 37.55
CA LYS C 467 26.08 46.51 37.13
C LYS C 467 25.61 45.80 35.84
N LYS C 468 26.30 44.74 35.43
CA LYS C 468 25.76 43.94 34.34
C LYS C 468 24.49 43.27 34.82
N LEU C 469 23.57 43.08 33.88
CA LEU C 469 22.41 42.22 34.07
C LEU C 469 22.84 40.76 33.95
N ASP C 470 22.21 39.89 34.74
CA ASP C 470 22.36 38.44 34.57
C ASP C 470 21.02 37.84 34.22
N PRO C 471 20.77 37.55 32.94
CA PRO C 471 19.44 37.03 32.55
C PRO C 471 19.13 35.65 33.09
N ARG C 472 20.07 34.96 33.72
CA ARG C 472 19.78 33.68 34.36
C ARG C 472 19.09 33.83 35.71
N ARG C 473 18.99 35.05 36.24
CA ARG C 473 18.42 35.28 37.55
C ARG C 473 17.04 35.92 37.40
N GLU C 474 16.32 35.97 38.52
CA GLU C 474 14.99 36.58 38.56
C GLU C 474 15.06 37.95 39.22
N GLY C 475 15.16 37.97 40.55
CA GLY C 475 15.27 39.21 41.31
C GLY C 475 16.50 39.28 42.19
N PRO D 66 11.03 6.21 -44.63
CA PRO D 66 10.56 5.08 -43.82
C PRO D 66 9.44 4.32 -44.52
N SER D 67 8.88 3.30 -43.87
CA SER D 67 7.69 2.60 -44.36
C SER D 67 7.21 1.61 -43.30
N LEU D 68 5.88 1.56 -43.11
CA LEU D 68 5.33 0.82 -41.98
C LEU D 68 5.56 -0.67 -42.15
N GLU D 69 5.35 -1.16 -43.38
CA GLU D 69 5.64 -2.55 -43.69
C GLU D 69 7.13 -2.83 -43.53
N ASP D 70 7.98 -1.89 -43.96
CA ASP D 70 9.42 -2.10 -43.90
C ASP D 70 9.92 -2.17 -42.46
N LEU D 71 9.56 -1.17 -41.65
CA LEU D 71 9.99 -1.19 -40.26
C LEU D 71 9.42 -2.40 -39.51
N LEU D 72 8.17 -2.76 -39.78
CA LEU D 72 7.66 -4.00 -39.22
C LEU D 72 8.47 -5.18 -39.72
N PHE D 73 8.83 -5.18 -41.02
CA PHE D 73 9.69 -6.22 -41.56
C PHE D 73 10.99 -6.34 -40.76
N TYR D 74 11.62 -5.20 -40.46
CA TYR D 74 12.89 -5.24 -39.71
C TYR D 74 12.67 -5.73 -38.29
N THR D 75 11.52 -5.41 -37.69
CA THR D 75 11.21 -5.89 -36.34
C THR D 75 11.14 -7.40 -36.28
N ILE D 76 10.58 -8.03 -37.31
CA ILE D 76 10.50 -9.48 -37.35
C ILE D 76 11.73 -10.10 -38.00
N ALA D 77 12.41 -9.37 -38.90
CA ALA D 77 13.49 -9.97 -39.68
C ALA D 77 14.68 -10.36 -38.80
N GLU D 78 15.00 -9.56 -37.78
CA GLU D 78 16.12 -9.88 -36.89
C GLU D 78 17.47 -9.93 -37.60
N GLY D 79 17.74 -8.89 -38.39
CA GLY D 79 18.99 -8.84 -39.14
C GLY D 79 19.02 -9.69 -40.39
N GLN D 80 18.28 -10.80 -40.40
CA GLN D 80 18.18 -11.63 -41.60
C GLN D 80 17.49 -10.89 -42.75
N GLU D 81 17.86 -11.30 -43.95
CA GLU D 81 17.50 -10.59 -45.16
C GLU D 81 16.05 -10.86 -45.56
N LYS D 82 15.55 -12.01 -45.16
CA LYS D 82 14.27 -12.57 -45.53
C LYS D 82 13.67 -13.18 -44.27
N ILE D 83 12.35 -13.33 -44.23
CA ILE D 83 11.66 -13.91 -43.07
C ILE D 83 11.07 -15.24 -43.49
N PRO D 84 11.39 -16.34 -42.82
CA PRO D 84 10.66 -17.58 -43.08
C PRO D 84 9.19 -17.37 -42.79
N VAL D 85 8.33 -18.02 -43.59
CA VAL D 85 6.90 -17.79 -43.45
C VAL D 85 6.40 -18.30 -42.10
N HIS D 86 6.87 -19.48 -41.68
CA HIS D 86 6.48 -20.01 -40.37
C HIS D 86 6.92 -19.08 -39.24
N LYS D 87 8.06 -18.41 -39.41
CA LYS D 87 8.53 -17.48 -38.40
C LYS D 87 7.60 -16.27 -38.27
N PHE D 88 7.00 -15.84 -39.38
CA PHE D 88 6.03 -14.76 -39.32
C PHE D 88 4.73 -15.22 -38.68
N ILE D 89 4.26 -16.41 -39.05
CA ILE D 89 3.02 -16.95 -38.52
C ILE D 89 3.13 -17.19 -37.02
N THR D 90 4.25 -17.78 -36.59
CA THR D 90 4.45 -18.08 -35.19
C THR D 90 4.51 -16.81 -34.34
N ALA D 91 5.16 -15.76 -34.87
CA ALA D 91 5.17 -14.49 -34.16
C ALA D 91 3.78 -13.85 -34.13
N LEU D 92 3.01 -14.04 -35.20
CA LEU D 92 1.67 -13.47 -35.26
C LEU D 92 0.75 -14.17 -34.26
N LYS D 93 0.83 -15.51 -34.18
CA LYS D 93 -0.01 -16.23 -33.24
C LYS D 93 0.34 -15.87 -31.79
N SER D 94 1.62 -15.60 -31.52
CA SER D 94 2.02 -15.30 -30.15
C SER D 94 1.39 -14.01 -29.65
N THR D 95 1.01 -13.09 -30.54
CA THR D 95 0.27 -11.91 -30.12
C THR D 95 -1.13 -12.27 -29.66
N GLY D 96 -1.62 -13.46 -30.00
CA GLY D 96 -2.97 -13.85 -29.67
C GLY D 96 -3.94 -13.85 -30.83
N LEU D 97 -3.62 -13.21 -31.95
CA LEU D 97 -4.49 -13.31 -33.11
C LEU D 97 -4.43 -14.72 -33.70
N ARG D 98 -5.56 -15.15 -34.22
CA ARG D 98 -5.60 -16.35 -35.04
C ARG D 98 -5.38 -15.95 -36.49
N THR D 99 -4.76 -16.85 -37.25
CA THR D 99 -4.55 -16.57 -38.67
C THR D 99 -5.87 -16.44 -39.42
N SER D 100 -6.95 -17.03 -38.89
CA SER D 100 -8.26 -16.93 -39.51
C SER D 100 -9.00 -15.65 -39.16
N ASP D 101 -8.40 -14.76 -38.36
CA ASP D 101 -9.02 -13.49 -38.01
C ASP D 101 -9.52 -12.79 -39.28
N PRO D 102 -10.80 -12.42 -39.35
CA PRO D 102 -11.35 -11.81 -40.58
C PRO D 102 -10.65 -10.54 -41.01
N ARG D 103 -10.05 -9.78 -40.08
CA ARG D 103 -9.30 -8.56 -40.41
C ARG D 103 -7.91 -8.86 -40.98
N LEU D 104 -7.51 -10.13 -41.03
CA LEU D 104 -6.22 -10.53 -41.60
C LEU D 104 -6.37 -11.27 -42.92
N LYS D 105 -7.57 -11.28 -43.52
CA LYS D 105 -7.84 -12.18 -44.64
C LYS D 105 -6.93 -11.88 -45.84
N GLU D 106 -6.80 -10.62 -46.23
CA GLU D 106 -5.97 -10.27 -47.39
C GLU D 106 -4.53 -10.70 -47.19
N CYS D 107 -4.01 -10.53 -45.97
CA CYS D 107 -2.64 -10.93 -45.73
C CYS D 107 -2.47 -12.45 -45.78
N MET D 108 -3.42 -13.19 -45.19
CA MET D 108 -3.34 -14.65 -45.20
C MET D 108 -3.59 -15.22 -46.60
N ASP D 109 -4.51 -14.60 -47.38
CA ASP D 109 -4.71 -15.03 -48.77
C ASP D 109 -3.45 -14.82 -49.58
N MET D 110 -2.80 -13.66 -49.41
CA MET D 110 -1.57 -13.36 -50.12
C MET D 110 -0.44 -14.29 -49.70
N LEU D 111 -0.37 -14.63 -48.40
CA LEU D 111 0.64 -15.59 -47.98
C LEU D 111 0.41 -16.96 -48.59
N ARG D 112 -0.84 -17.44 -48.57
CA ARG D 112 -1.13 -18.74 -49.16
C ARG D 112 -0.82 -18.73 -50.66
N LEU D 113 -1.18 -17.65 -51.33
CA LEU D 113 -0.90 -17.53 -52.75
C LEU D 113 0.60 -17.53 -52.99
N THR D 114 1.36 -16.87 -52.12
CA THR D 114 2.80 -16.84 -52.29
C THR D 114 3.39 -18.23 -52.13
N LEU D 115 2.82 -19.07 -51.26
CA LEU D 115 3.38 -20.40 -51.09
C LEU D 115 2.94 -21.36 -52.19
N GLN D 116 2.24 -20.87 -53.21
CA GLN D 116 1.96 -21.64 -54.41
C GLN D 116 2.84 -21.18 -55.55
N THR D 117 2.76 -19.88 -55.87
CA THR D 117 3.62 -19.25 -56.86
C THR D 117 5.09 -19.46 -56.52
N THR D 118 5.41 -19.53 -55.24
CA THR D 118 6.78 -19.56 -54.75
C THR D 118 6.93 -20.85 -53.93
N SER D 119 7.11 -21.98 -54.62
CA SER D 119 7.56 -23.17 -53.90
C SER D 119 9.07 -23.23 -53.89
N ASP D 120 9.69 -22.20 -54.45
CA ASP D 120 11.07 -21.79 -54.20
C ASP D 120 11.06 -20.82 -53.01
N GLY D 121 10.90 -21.38 -51.81
CA GLY D 121 10.92 -20.54 -50.62
C GLY D 121 11.50 -21.26 -49.43
N VAL D 122 10.85 -21.23 -48.27
CA VAL D 122 9.57 -20.57 -48.04
C VAL D 122 9.76 -19.17 -47.41
N MET D 123 10.53 -18.32 -48.05
CA MET D 123 11.06 -17.14 -47.37
C MET D 123 10.61 -15.86 -48.06
N LEU D 124 10.29 -14.85 -47.25
CA LEU D 124 9.73 -13.59 -47.72
C LEU D 124 10.80 -12.51 -47.58
N ASP D 125 11.23 -11.95 -48.69
CA ASP D 125 12.08 -10.78 -48.59
C ASP D 125 11.22 -9.56 -48.29
N LYS D 126 11.88 -8.44 -48.05
CA LYS D 126 11.19 -7.19 -47.74
C LYS D 126 10.13 -6.86 -48.80
N ASP D 127 10.45 -7.13 -50.07
CA ASP D 127 9.47 -6.91 -51.15
C ASP D 127 8.21 -7.73 -50.92
N LEU D 128 8.38 -9.03 -50.67
CA LEU D 128 7.28 -9.97 -50.61
C LEU D 128 6.47 -9.83 -49.32
N PHE D 129 7.16 -9.66 -48.19
CA PHE D 129 6.49 -9.35 -46.92
C PHE D 129 5.61 -8.11 -47.07
N LYS D 130 6.12 -7.06 -47.71
CA LYS D 130 5.31 -5.86 -47.92
C LYS D 130 4.10 -6.17 -48.77
N LYS D 131 4.27 -7.02 -49.79
CA LYS D 131 3.17 -7.46 -50.64
C LYS D 131 2.07 -8.17 -49.86
N CYS D 132 2.44 -8.95 -48.85
CA CYS D 132 1.44 -9.74 -48.15
C CYS D 132 0.75 -8.96 -47.04
N VAL D 133 1.50 -8.19 -46.25
CA VAL D 133 0.96 -7.55 -45.05
C VAL D 133 0.40 -6.16 -45.31
N GLN D 134 0.51 -5.65 -46.54
CA GLN D 134 0.24 -4.23 -46.78
C GLN D 134 -1.18 -3.85 -46.39
N SER D 135 -2.16 -4.69 -46.71
CA SER D 135 -3.54 -4.27 -46.51
C SER D 135 -4.03 -4.47 -45.10
N ASN D 136 -3.26 -5.18 -44.25
CA ASN D 136 -3.57 -5.34 -42.85
C ASN D 136 -2.43 -4.82 -41.97
N ILE D 137 -1.68 -3.86 -42.50
CA ILE D 137 -0.44 -3.40 -41.84
C ILE D 137 -0.74 -2.67 -40.55
N VAL D 138 -1.87 -1.95 -40.49
CA VAL D 138 -2.22 -1.21 -39.28
C VAL D 138 -2.44 -2.18 -38.12
N LEU D 139 -3.30 -3.19 -38.34
CA LEU D 139 -3.58 -4.17 -37.30
C LEU D 139 -2.34 -4.97 -36.96
N LEU D 140 -1.56 -5.35 -37.97
CA LEU D 140 -0.35 -6.14 -37.74
C LEU D 140 0.69 -5.35 -36.97
N THR D 141 0.77 -4.05 -37.19
CA THR D 141 1.73 -3.27 -36.43
C THR D 141 1.33 -3.19 -34.96
N GLN D 142 0.06 -2.91 -34.68
CA GLN D 142 -0.38 -2.87 -33.29
C GLN D 142 -0.18 -4.21 -32.60
N ALA D 143 -0.36 -5.30 -33.35
CA ALA D 143 -0.11 -6.63 -32.79
C ALA D 143 1.37 -6.82 -32.45
N PHE D 144 2.25 -6.44 -33.37
CA PHE D 144 3.66 -6.73 -33.20
C PHE D 144 4.39 -5.71 -32.35
N ARG D 145 3.92 -4.46 -32.32
CA ARG D 145 4.46 -3.46 -31.42
C ARG D 145 3.82 -3.52 -30.03
N ARG D 146 3.24 -4.67 -29.66
CA ARG D 146 2.70 -4.89 -28.32
C ARG D 146 1.70 -3.80 -27.94
N LYS D 147 0.90 -3.38 -28.90
CA LYS D 147 -0.03 -2.30 -28.62
C LYS D 147 -1.41 -2.81 -28.22
N PHE D 148 -1.60 -4.12 -28.13
CA PHE D 148 -2.91 -4.67 -27.81
C PHE D 148 -3.21 -4.52 -26.32
N VAL D 149 -4.49 -4.69 -25.98
CA VAL D 149 -4.91 -4.41 -24.61
C VAL D 149 -4.17 -5.31 -23.61
N ILE D 150 -3.83 -6.52 -24.03
CA ILE D 150 -2.99 -7.42 -23.24
C ILE D 150 -1.72 -7.72 -24.03
N PRO D 151 -0.64 -6.98 -23.75
CA PRO D 151 0.57 -7.13 -24.58
C PRO D 151 1.22 -8.51 -24.48
N ASP D 152 1.41 -9.03 -23.27
CA ASP D 152 2.02 -10.35 -23.07
C ASP D 152 0.90 -11.39 -22.93
N PHE D 153 0.29 -11.66 -24.08
CA PHE D 153 -0.88 -12.53 -24.11
C PHE D 153 -0.50 -13.98 -23.76
N MET D 154 0.72 -14.39 -24.10
CA MET D 154 1.14 -15.76 -23.81
C MET D 154 1.16 -16.00 -22.32
N SER D 155 1.77 -15.06 -21.58
CA SER D 155 1.73 -15.14 -20.12
C SER D 155 0.30 -15.19 -19.61
N PHE D 156 -0.55 -14.31 -20.14
CA PHE D 156 -1.92 -14.23 -19.66
C PHE D 156 -2.67 -15.56 -19.87
N THR D 157 -2.55 -16.14 -21.07
CA THR D 157 -3.26 -17.39 -21.33
C THR D 157 -2.75 -18.52 -20.44
N SER D 158 -1.48 -18.48 -20.02
CA SER D 158 -1.01 -19.53 -19.13
C SER D 158 -1.63 -19.37 -17.74
N HIS D 159 -1.92 -18.13 -17.33
CA HIS D 159 -2.72 -17.91 -16.12
C HIS D 159 -4.14 -18.40 -16.30
N ILE D 160 -4.74 -18.09 -17.46
CA ILE D 160 -6.10 -18.58 -17.75
C ILE D 160 -6.13 -20.10 -17.62
N ASP D 161 -5.10 -20.78 -18.15
CA ASP D 161 -5.03 -22.23 -18.07
C ASP D 161 -4.94 -22.70 -16.63
N GLU D 162 -4.14 -22.01 -15.80
CA GLU D 162 -4.08 -22.40 -14.39
C GLU D 162 -5.42 -22.23 -13.74
N LEU D 163 -6.08 -21.08 -14.00
CA LEU D 163 -7.43 -20.85 -13.48
C LEU D 163 -8.38 -21.94 -13.95
N TYR D 164 -8.30 -22.31 -15.22
CA TYR D 164 -9.11 -23.39 -15.75
C TYR D 164 -8.88 -24.67 -14.95
N GLU D 165 -7.61 -25.07 -14.78
CA GLU D 165 -7.31 -26.32 -14.09
C GLU D 165 -7.78 -26.30 -12.65
N SER D 166 -7.71 -25.13 -12.01
CA SER D 166 -8.15 -25.06 -10.63
C SER D 166 -9.65 -25.29 -10.54
N ALA D 167 -10.43 -24.66 -11.42
CA ALA D 167 -11.87 -24.86 -11.44
C ALA D 167 -12.26 -26.26 -11.86
N LYS D 168 -11.41 -26.93 -12.66
CA LYS D 168 -11.72 -28.29 -13.10
C LYS D 168 -11.86 -29.26 -11.93
N LYS D 169 -11.20 -28.97 -10.82
CA LYS D 169 -11.25 -29.84 -9.64
C LYS D 169 -12.47 -29.60 -8.77
N GLN D 170 -13.28 -28.59 -9.09
CA GLN D 170 -14.53 -28.31 -8.37
C GLN D 170 -15.62 -29.13 -9.03
N SER D 171 -15.91 -30.30 -8.47
CA SER D 171 -16.76 -31.30 -9.10
C SER D 171 -18.24 -31.17 -8.76
N GLY D 172 -18.62 -30.30 -7.83
CA GLY D 172 -20.00 -30.21 -7.35
C GLY D 172 -21.02 -29.67 -8.37
N GLY D 173 -22.28 -29.59 -7.92
CA GLY D 173 -23.36 -29.05 -8.71
C GLY D 173 -24.21 -30.13 -9.39
N LYS D 174 -25.37 -29.71 -9.88
CA LYS D 174 -26.27 -30.61 -10.60
C LYS D 174 -26.57 -30.05 -11.98
N VAL D 175 -26.42 -30.90 -13.00
CA VAL D 175 -26.81 -30.52 -14.36
C VAL D 175 -28.32 -30.30 -14.38
N ALA D 176 -28.75 -29.25 -15.05
CA ALA D 176 -30.18 -29.00 -15.22
C ALA D 176 -30.85 -30.18 -15.92
N ASP D 177 -31.97 -30.65 -15.36
CA ASP D 177 -32.62 -31.82 -15.94
C ASP D 177 -34.10 -31.61 -16.22
N TYR D 178 -34.62 -30.38 -16.08
CA TYR D 178 -36.04 -30.16 -16.27
C TYR D 178 -36.48 -30.37 -17.72
N ILE D 179 -35.54 -30.43 -18.66
CA ILE D 179 -35.82 -30.92 -20.01
C ILE D 179 -34.69 -31.85 -20.44
N PRO D 180 -35.02 -32.87 -21.24
CA PRO D 180 -34.02 -33.91 -21.53
C PRO D 180 -32.77 -33.41 -22.25
N GLN D 181 -32.87 -32.32 -23.00
CA GLN D 181 -31.75 -31.81 -23.78
C GLN D 181 -30.68 -31.15 -22.92
N LEU D 182 -31.04 -30.71 -21.70
CA LEU D 182 -30.06 -30.24 -20.75
C LEU D 182 -29.51 -31.38 -19.91
N ALA D 183 -30.37 -32.35 -19.58
CA ALA D 183 -29.96 -33.45 -18.74
C ALA D 183 -28.91 -34.32 -19.42
N LYS D 184 -28.93 -34.39 -20.75
CA LYS D 184 -27.96 -35.23 -21.46
C LYS D 184 -26.52 -34.72 -21.32
N PHE D 185 -26.32 -33.41 -21.09
CA PHE D 185 -24.98 -32.85 -21.15
C PHE D 185 -24.10 -33.39 -20.01
N SER D 186 -22.93 -33.90 -20.38
CA SER D 186 -21.99 -34.45 -19.42
C SER D 186 -21.69 -33.41 -18.31
N PRO D 187 -21.64 -33.84 -17.04
CA PRO D 187 -21.20 -32.92 -15.97
C PRO D 187 -19.72 -32.58 -16.01
N ASP D 188 -18.94 -33.23 -16.88
CA ASP D 188 -17.50 -33.04 -16.89
C ASP D 188 -17.02 -32.15 -18.03
N LEU D 189 -17.93 -31.67 -18.86
CA LEU D 189 -17.57 -30.67 -19.85
C LEU D 189 -17.28 -29.34 -19.14
N TRP D 190 -16.17 -28.72 -19.52
CA TRP D 190 -15.74 -27.48 -18.90
C TRP D 190 -14.89 -26.76 -19.94
N GLY D 191 -15.34 -25.57 -20.34
CA GLY D 191 -14.59 -24.83 -21.34
C GLY D 191 -14.58 -23.35 -21.02
N VAL D 192 -13.49 -22.65 -21.31
CA VAL D 192 -13.45 -21.20 -21.10
C VAL D 192 -12.84 -20.63 -22.36
N SER D 193 -13.44 -19.57 -22.88
CA SER D 193 -12.88 -18.93 -24.06
C SER D 193 -12.74 -17.43 -23.83
N VAL D 194 -11.63 -16.89 -24.30
CA VAL D 194 -11.29 -15.48 -24.13
C VAL D 194 -11.26 -14.84 -25.50
N CYS D 195 -11.82 -13.64 -25.59
CA CYS D 195 -11.60 -12.81 -26.77
C CYS D 195 -11.39 -11.38 -26.30
N THR D 196 -10.21 -10.82 -26.54
CA THR D 196 -9.97 -9.45 -26.11
C THR D 196 -10.67 -8.46 -27.03
N VAL D 197 -10.72 -7.20 -26.59
CA VAL D 197 -11.29 -6.15 -27.45
C VAL D 197 -10.42 -5.89 -28.67
N ASP D 198 -9.23 -6.49 -28.73
CA ASP D 198 -8.39 -6.43 -29.91
C ASP D 198 -8.45 -7.71 -30.72
N GLY D 199 -9.30 -8.66 -30.34
CA GLY D 199 -9.47 -9.88 -31.11
C GLY D 199 -8.50 -10.99 -30.76
N GLN D 200 -7.70 -10.83 -29.70
CA GLN D 200 -6.79 -11.89 -29.29
C GLN D 200 -7.58 -13.01 -28.62
N ARG D 201 -7.24 -14.24 -28.98
CA ARG D 201 -8.07 -15.39 -28.66
C ARG D 201 -7.33 -16.42 -27.81
N HIS D 202 -8.07 -17.05 -26.91
CA HIS D 202 -7.55 -18.21 -26.22
C HIS D 202 -8.72 -19.06 -25.74
N SER D 203 -8.53 -20.36 -25.78
CA SER D 203 -9.55 -21.28 -25.31
C SER D 203 -8.84 -22.44 -24.61
N THR D 204 -9.48 -22.96 -23.57
CA THR D 204 -9.01 -24.22 -23.01
C THR D 204 -10.22 -25.00 -22.56
N GLY D 205 -10.16 -26.32 -22.73
CA GLY D 205 -11.28 -27.20 -22.41
C GLY D 205 -12.26 -27.34 -23.56
N ASP D 206 -13.52 -27.64 -23.25
CA ASP D 206 -14.53 -28.00 -24.24
C ASP D 206 -15.20 -26.73 -24.80
N THR D 207 -14.47 -26.05 -25.68
CA THR D 207 -14.84 -24.72 -26.13
C THR D 207 -15.48 -24.71 -27.52
N LYS D 208 -15.59 -25.87 -28.16
CA LYS D 208 -16.28 -25.99 -29.45
C LYS D 208 -17.47 -26.93 -29.35
N VAL D 209 -18.02 -27.11 -28.16
CA VAL D 209 -19.21 -27.92 -27.96
C VAL D 209 -20.40 -26.99 -27.93
N PRO D 210 -21.35 -27.13 -28.83
CA PRO D 210 -22.51 -26.23 -28.82
C PRO D 210 -23.39 -26.50 -27.62
N PHE D 211 -23.93 -25.42 -27.06
CA PHE D 211 -24.87 -25.45 -25.96
C PHE D 211 -25.77 -24.25 -26.16
N CYS D 212 -26.93 -24.26 -25.50
CA CYS D 212 -27.90 -23.19 -25.74
C CYS D 212 -27.59 -22.03 -24.80
N LEU D 213 -27.81 -20.83 -25.31
CA LEU D 213 -27.54 -19.65 -24.52
C LEU D 213 -28.39 -19.65 -23.28
N GLN D 214 -29.64 -20.10 -23.41
CA GLN D 214 -30.65 -20.04 -22.35
C GLN D 214 -30.69 -18.59 -21.87
N SER D 215 -30.53 -18.31 -20.57
CA SER D 215 -30.70 -16.93 -20.13
C SER D 215 -29.51 -16.04 -20.48
N CYS D 216 -28.41 -16.61 -20.99
CA CYS D 216 -27.34 -15.76 -21.53
C CYS D 216 -27.80 -14.92 -22.72
N VAL D 217 -28.94 -15.27 -23.32
CA VAL D 217 -29.49 -14.47 -24.40
C VAL D 217 -30.19 -13.21 -23.90
N LYS D 218 -30.59 -13.17 -22.63
CA LYS D 218 -31.34 -12.02 -22.12
C LYS D 218 -30.61 -10.70 -22.30
N PRO D 219 -29.32 -10.55 -21.95
CA PRO D 219 -28.65 -9.26 -22.19
C PRO D 219 -28.51 -8.96 -23.67
N LEU D 220 -28.36 -9.99 -24.51
CA LEU D 220 -28.19 -9.74 -25.95
C LEU D 220 -29.47 -9.19 -26.56
N LYS D 221 -30.62 -9.78 -26.23
CA LYS D 221 -31.84 -9.28 -26.83
C LYS D 221 -32.24 -7.95 -26.18
N TYR D 222 -31.90 -7.74 -24.91
CA TYR D 222 -32.11 -6.41 -24.35
C TYR D 222 -31.25 -5.39 -25.07
N ALA D 223 -30.00 -5.75 -25.39
CA ALA D 223 -29.15 -4.84 -26.14
C ALA D 223 -29.75 -4.53 -27.52
N ILE D 224 -30.29 -5.54 -28.21
CA ILE D 224 -30.92 -5.31 -29.52
C ILE D 224 -32.08 -4.32 -29.38
N ALA D 225 -32.92 -4.54 -28.37
CA ALA D 225 -34.07 -3.67 -28.15
C ALA D 225 -33.62 -2.23 -27.86
N VAL D 226 -32.59 -2.04 -27.01
CA VAL D 226 -32.12 -0.69 -26.71
C VAL D 226 -31.45 -0.08 -27.92
N ASN D 227 -30.71 -0.88 -28.68
CA ASN D 227 -30.09 -0.39 -29.89
C ASN D 227 -31.15 0.10 -30.87
N ASP D 228 -32.24 -0.64 -31.03
CA ASP D 228 -33.24 -0.27 -32.04
C ASP D 228 -34.23 0.77 -31.56
N LEU D 229 -34.47 0.87 -30.25
CA LEU D 229 -35.59 1.64 -29.73
C LEU D 229 -35.20 2.71 -28.71
N GLY D 230 -33.99 2.65 -28.15
CA GLY D 230 -33.55 3.62 -27.18
C GLY D 230 -33.90 3.25 -25.75
N THR D 231 -33.13 3.81 -24.84
CA THR D 231 -33.28 3.51 -23.42
C THR D 231 -34.66 3.86 -22.92
N GLU D 232 -35.13 5.06 -23.26
CA GLU D 232 -36.35 5.58 -22.65
C GLU D 232 -37.55 4.73 -23.03
N TYR D 233 -37.65 4.36 -24.30
CA TYR D 233 -38.78 3.56 -24.73
C TYR D 233 -38.76 2.19 -24.08
N VAL D 234 -37.62 1.49 -24.15
CA VAL D 234 -37.52 0.13 -23.63
C VAL D 234 -37.91 0.11 -22.17
N HIS D 235 -37.45 1.09 -21.40
CA HIS D 235 -37.71 1.06 -19.97
C HIS D 235 -39.04 1.70 -19.59
N ARG D 236 -39.88 2.05 -20.56
CA ARG D 236 -41.30 2.15 -20.25
C ARG D 236 -41.90 0.79 -19.92
N TYR D 237 -41.30 -0.28 -20.42
CA TYR D 237 -41.88 -1.60 -20.27
C TYR D 237 -41.16 -2.49 -19.26
N VAL D 238 -39.95 -2.13 -18.87
CA VAL D 238 -39.17 -2.97 -17.97
C VAL D 238 -38.28 -2.06 -17.15
N GLY D 239 -38.10 -2.37 -15.87
CA GLY D 239 -37.32 -1.58 -14.96
C GLY D 239 -35.83 -1.74 -15.17
N LYS D 240 -35.06 -1.13 -14.27
CA LYS D 240 -33.61 -1.13 -14.43
C LYS D 240 -32.90 -1.45 -13.14
N GLU D 241 -33.50 -2.27 -12.28
CA GLU D 241 -32.96 -2.53 -10.94
C GLU D 241 -33.12 -3.99 -10.56
N PRO D 242 -32.26 -4.50 -9.69
CA PRO D 242 -32.51 -5.81 -9.09
C PRO D 242 -33.69 -5.72 -8.14
N SER D 243 -34.36 -6.85 -7.95
CA SER D 243 -35.62 -6.81 -7.22
C SER D 243 -35.40 -6.75 -5.71
N GLY D 244 -34.38 -7.42 -5.19
CA GLY D 244 -34.32 -7.62 -3.76
C GLY D 244 -34.40 -9.10 -3.44
N LEU D 245 -33.82 -9.52 -2.31
CA LEU D 245 -33.51 -10.93 -2.09
C LEU D 245 -34.73 -11.80 -1.87
N ARG D 246 -35.92 -11.23 -1.68
CA ARG D 246 -37.14 -11.98 -1.95
C ARG D 246 -38.24 -11.07 -2.44
N PHE D 247 -37.95 -10.38 -3.54
CA PHE D 247 -38.94 -10.01 -4.55
C PHE D 247 -38.66 -10.76 -5.85
N ASN D 248 -37.78 -11.79 -5.80
CA ASN D 248 -37.47 -12.64 -6.95
C ASN D 248 -38.65 -13.50 -7.38
N LYS D 249 -39.64 -13.65 -6.53
CA LYS D 249 -40.81 -14.43 -6.89
C LYS D 249 -41.92 -13.58 -7.48
N LEU D 250 -41.82 -12.25 -7.35
CA LEU D 250 -42.81 -11.35 -7.92
C LEU D 250 -42.49 -11.06 -9.39
N PHE D 251 -43.53 -11.01 -10.22
CA PHE D 251 -43.29 -10.75 -11.63
C PHE D 251 -43.10 -9.27 -11.92
N LEU D 252 -43.70 -8.39 -11.10
CA LEU D 252 -43.75 -6.95 -11.36
C LEU D 252 -43.31 -6.17 -10.13
N ASN D 253 -42.66 -5.02 -10.37
CA ASN D 253 -42.36 -4.07 -9.30
C ASN D 253 -43.64 -3.27 -9.02
N GLU D 254 -43.62 -2.18 -8.22
CA GLU D 254 -44.93 -1.58 -7.96
C GLU D 254 -45.42 -0.75 -9.12
N ASP D 255 -44.54 -0.36 -10.05
CA ASP D 255 -45.02 0.34 -11.23
C ASP D 255 -45.53 -0.61 -12.30
N ASP D 256 -45.78 -1.87 -11.94
CA ASP D 256 -46.35 -2.88 -12.83
C ASP D 256 -45.47 -3.16 -14.05
N LYS D 257 -44.17 -2.90 -13.94
CA LYS D 257 -43.16 -3.36 -14.87
C LYS D 257 -42.34 -4.49 -14.23
N PRO D 258 -41.90 -5.46 -15.01
CA PRO D 258 -40.92 -6.41 -14.50
C PRO D 258 -39.67 -5.65 -14.03
N HIS D 259 -38.95 -6.25 -13.09
CA HIS D 259 -37.96 -5.48 -12.33
C HIS D 259 -36.82 -4.99 -13.23
N ASN D 260 -36.36 -5.82 -14.15
CA ASN D 260 -35.21 -5.56 -14.98
C ASN D 260 -35.25 -6.58 -16.10
N PRO D 261 -34.46 -6.39 -17.17
CA PRO D 261 -34.50 -7.28 -18.33
C PRO D 261 -33.90 -8.67 -18.09
N MET D 262 -33.20 -8.91 -16.99
CA MET D 262 -32.53 -10.19 -16.80
C MET D 262 -33.39 -11.22 -16.09
N VAL D 263 -34.56 -10.86 -15.59
CA VAL D 263 -35.47 -11.86 -15.04
C VAL D 263 -36.41 -12.30 -16.14
N ASN D 264 -37.04 -13.47 -15.95
CA ASN D 264 -37.83 -14.07 -17.02
C ASN D 264 -38.94 -13.13 -17.49
N ALA D 265 -39.68 -12.56 -16.54
CA ALA D 265 -40.75 -11.63 -16.92
C ALA D 265 -40.21 -10.45 -17.71
N GLY D 266 -39.04 -9.92 -17.29
CA GLY D 266 -38.48 -8.79 -17.99
C GLY D 266 -38.01 -9.17 -19.38
N ALA D 267 -37.36 -10.34 -19.51
CA ALA D 267 -36.91 -10.78 -20.82
C ALA D 267 -38.09 -11.07 -21.75
N ILE D 268 -39.18 -11.62 -21.21
CA ILE D 268 -40.38 -11.86 -22.02
C ILE D 268 -40.93 -10.54 -22.55
N VAL D 269 -40.99 -9.51 -21.70
CA VAL D 269 -41.43 -8.19 -22.17
C VAL D 269 -40.43 -7.64 -23.19
N VAL D 270 -39.13 -7.75 -22.90
CA VAL D 270 -38.14 -7.26 -23.86
C VAL D 270 -38.30 -7.98 -25.19
N THR D 271 -38.52 -9.29 -25.13
CA THR D 271 -38.78 -10.07 -26.33
C THR D 271 -39.93 -9.46 -27.12
N SER D 272 -40.92 -8.91 -26.43
CA SER D 272 -42.09 -8.36 -27.09
C SER D 272 -41.84 -7.02 -27.77
N LEU D 273 -40.66 -6.40 -27.56
CA LEU D 273 -40.41 -5.08 -28.13
C LEU D 273 -39.64 -5.12 -29.44
N ILE D 274 -38.96 -6.23 -29.73
CA ILE D 274 -38.01 -6.32 -30.85
C ILE D 274 -38.80 -6.54 -32.15
N LYS D 275 -38.59 -5.67 -33.13
CA LYS D 275 -39.16 -5.81 -34.47
C LYS D 275 -40.66 -6.06 -34.42
N GLN D 276 -41.36 -5.15 -33.74
CA GLN D 276 -42.81 -5.29 -33.60
C GLN D 276 -43.49 -5.25 -34.96
N GLY D 277 -44.61 -5.96 -35.08
CA GLY D 277 -45.41 -5.89 -36.28
C GLY D 277 -45.12 -6.94 -37.33
N VAL D 278 -43.88 -7.45 -37.37
CA VAL D 278 -43.51 -8.54 -38.25
C VAL D 278 -43.68 -9.87 -37.52
N ASN D 279 -43.72 -10.98 -38.28
CA ASN D 279 -43.95 -12.31 -37.72
C ASN D 279 -42.67 -12.89 -37.11
N ASN D 280 -42.82 -14.04 -36.43
CA ASN D 280 -41.77 -14.63 -35.59
C ASN D 280 -40.58 -15.12 -36.41
N ALA D 281 -40.83 -15.63 -37.61
CA ALA D 281 -39.73 -16.12 -38.45
C ALA D 281 -38.79 -14.98 -38.83
N GLU D 282 -39.35 -13.84 -39.21
CA GLU D 282 -38.55 -12.66 -39.45
C GLU D 282 -37.84 -12.20 -38.20
N LYS D 283 -38.61 -12.02 -37.12
CA LYS D 283 -38.05 -11.61 -35.83
C LYS D 283 -36.86 -12.47 -35.46
N PHE D 284 -37.01 -13.79 -35.59
CA PHE D 284 -35.92 -14.70 -35.27
C PHE D 284 -34.72 -14.48 -36.20
N ASP D 285 -34.97 -14.42 -37.52
CA ASP D 285 -33.89 -14.12 -38.46
C ASP D 285 -33.20 -12.81 -38.11
N TYR D 286 -34.02 -11.80 -37.78
CA TYR D 286 -33.46 -10.50 -37.42
C TYR D 286 -32.55 -10.61 -36.20
N VAL D 287 -32.98 -11.32 -35.16
CA VAL D 287 -32.12 -11.48 -33.99
C VAL D 287 -30.90 -12.31 -34.33
N MET D 288 -31.07 -13.36 -35.14
CA MET D 288 -29.95 -14.20 -35.52
C MET D 288 -28.91 -13.41 -36.31
N GLN D 289 -29.38 -12.55 -37.22
CA GLN D 289 -28.47 -11.67 -37.94
C GLN D 289 -27.64 -10.87 -36.96
N PHE D 290 -28.29 -10.42 -35.91
CA PHE D 290 -27.64 -9.60 -34.91
C PHE D 290 -26.61 -10.38 -34.11
N LEU D 291 -26.95 -11.59 -33.69
CA LEU D 291 -26.00 -12.39 -32.94
C LEU D 291 -24.81 -12.80 -33.80
N ASN D 292 -25.06 -13.07 -35.09
CA ASN D 292 -23.97 -13.41 -36.00
C ASN D 292 -22.93 -12.31 -36.01
N LYS D 293 -23.36 -11.07 -36.20
CA LYS D 293 -22.42 -9.96 -36.19
C LYS D 293 -21.70 -9.85 -34.85
N MET D 294 -22.45 -9.97 -33.75
CA MET D 294 -21.82 -9.88 -32.43
C MET D 294 -20.74 -10.95 -32.26
N ALA D 295 -20.91 -12.12 -32.88
CA ALA D 295 -19.95 -13.22 -32.78
C ALA D 295 -18.92 -13.24 -33.93
N GLY D 296 -18.81 -12.16 -34.69
CA GLY D 296 -17.94 -12.10 -35.84
C GLY D 296 -18.20 -13.23 -36.82
N ASN D 297 -19.45 -13.67 -36.88
CA ASN D 297 -19.91 -14.74 -37.77
C ASN D 297 -19.38 -16.11 -37.37
N GLU D 298 -18.97 -16.28 -36.12
CA GLU D 298 -18.66 -17.63 -35.64
C GLU D 298 -19.96 -18.30 -35.22
N TYR D 299 -19.86 -19.53 -34.71
CA TYR D 299 -21.01 -20.40 -34.62
C TYR D 299 -22.12 -19.79 -33.78
N VAL D 300 -23.26 -19.57 -34.41
CA VAL D 300 -24.53 -19.33 -33.74
C VAL D 300 -25.51 -20.30 -34.35
N GLY D 301 -26.10 -21.15 -33.51
CA GLY D 301 -27.01 -22.14 -34.05
C GLY D 301 -28.34 -22.19 -33.34
N PHE D 302 -29.04 -23.30 -33.48
CA PHE D 302 -30.39 -23.41 -32.93
C PHE D 302 -30.66 -24.85 -32.57
N SER D 303 -31.13 -25.08 -31.36
CA SER D 303 -31.49 -26.42 -30.90
C SER D 303 -33.01 -26.53 -30.91
N ASN D 304 -33.56 -27.07 -32.01
CA ASN D 304 -35.01 -27.28 -32.04
C ASN D 304 -35.45 -28.27 -30.97
N ALA D 305 -34.61 -29.24 -30.63
CA ALA D 305 -34.96 -30.17 -29.56
C ALA D 305 -35.19 -29.40 -28.26
N THR D 306 -34.25 -28.51 -27.91
CA THR D 306 -34.40 -27.66 -26.73
C THR D 306 -35.63 -26.77 -26.81
N PHE D 307 -35.92 -26.24 -28.01
CA PHE D 307 -37.10 -25.40 -28.17
C PHE D 307 -38.37 -26.17 -27.90
N GLN D 308 -38.50 -27.37 -28.50
CA GLN D 308 -39.71 -28.17 -28.29
C GLN D 308 -39.90 -28.50 -26.82
N SER D 309 -38.81 -28.86 -26.14
CA SER D 309 -38.93 -29.13 -24.72
C SER D 309 -39.17 -27.86 -23.91
N GLU D 310 -38.51 -26.76 -24.23
CA GLU D 310 -38.78 -25.54 -23.48
C GLU D 310 -40.25 -25.14 -23.57
N ARG D 311 -40.85 -25.27 -24.75
CA ARG D 311 -42.23 -24.89 -24.92
C ARG D 311 -43.23 -25.90 -24.37
N GLU D 312 -42.88 -27.20 -24.20
CA GLU D 312 -43.93 -28.06 -23.71
C GLU D 312 -43.99 -28.05 -22.18
N SER D 313 -42.93 -27.54 -21.52
CA SER D 313 -42.70 -27.55 -20.07
C SER D 313 -42.61 -26.13 -19.50
N GLY D 314 -43.13 -25.15 -20.20
CA GLY D 314 -42.98 -23.77 -19.80
C GLY D 314 -44.21 -23.24 -19.09
N ASP D 315 -44.71 -23.99 -18.11
CA ASP D 315 -45.91 -23.56 -17.40
C ASP D 315 -45.70 -22.21 -16.74
N ARG D 316 -44.55 -22.04 -16.06
CA ARG D 316 -44.27 -20.79 -15.36
C ARG D 316 -44.16 -19.63 -16.33
N ASN D 317 -43.57 -19.85 -17.50
CA ASN D 317 -43.50 -18.77 -18.48
C ASN D 317 -44.88 -18.43 -19.03
N PHE D 318 -45.73 -19.44 -19.24
CA PHE D 318 -47.12 -19.12 -19.60
C PHE D 318 -47.82 -18.39 -18.46
N ALA D 319 -47.55 -18.78 -17.21
CA ALA D 319 -48.09 -18.05 -16.07
C ALA D 319 -47.63 -16.61 -16.10
N ILE D 320 -46.34 -16.40 -16.39
CA ILE D 320 -45.83 -15.03 -16.53
C ILE D 320 -46.50 -14.33 -17.71
N GLY D 321 -46.64 -15.03 -18.84
CA GLY D 321 -47.22 -14.40 -20.01
C GLY D 321 -48.63 -13.90 -19.78
N TYR D 322 -49.47 -14.72 -19.14
CA TYR D 322 -50.84 -14.29 -18.91
C TYR D 322 -50.90 -13.16 -17.88
N TYR D 323 -50.07 -13.23 -16.84
CA TYR D 323 -50.04 -12.14 -15.87
C TYR D 323 -49.67 -10.81 -16.51
N LEU D 324 -48.65 -10.80 -17.39
CA LEU D 324 -48.21 -9.56 -18.04
C LEU D 324 -49.28 -9.01 -18.96
N LYS D 325 -49.94 -9.90 -19.72
CA LYS D 325 -51.02 -9.48 -20.59
C LYS D 325 -52.13 -8.81 -19.79
N GLU D 326 -52.57 -9.47 -18.71
CA GLU D 326 -53.65 -8.90 -17.92
C GLU D 326 -53.25 -7.56 -17.34
N LYS D 327 -51.98 -7.40 -16.98
CA LYS D 327 -51.51 -6.12 -16.44
C LYS D 327 -51.04 -5.18 -17.53
N LYS D 328 -51.32 -5.50 -18.81
CA LYS D 328 -51.08 -4.59 -19.92
C LYS D 328 -49.61 -4.17 -19.99
N CYS D 329 -48.72 -5.16 -19.86
CA CYS D 329 -47.28 -4.92 -19.83
C CYS D 329 -46.65 -4.96 -21.21
N PHE D 330 -47.35 -5.43 -22.19
CA PHE D 330 -46.87 -5.58 -23.55
C PHE D 330 -47.30 -4.39 -24.38
N PRO D 331 -46.59 -4.11 -25.48
CA PRO D 331 -47.06 -3.07 -26.40
C PRO D 331 -48.40 -3.46 -27.02
N GLU D 332 -49.24 -2.44 -27.26
CA GLU D 332 -50.52 -2.67 -27.90
C GLU D 332 -50.30 -3.48 -29.17
N GLY D 333 -51.17 -4.46 -29.41
CA GLY D 333 -51.04 -5.29 -30.58
C GLY D 333 -50.11 -6.47 -30.42
N THR D 334 -49.80 -6.86 -29.18
CA THR D 334 -48.91 -7.98 -28.94
C THR D 334 -49.73 -9.26 -28.91
N ASP D 335 -49.26 -10.26 -29.62
CA ASP D 335 -49.78 -11.62 -29.49
C ASP D 335 -48.90 -12.30 -28.45
N MET D 336 -49.38 -12.32 -27.20
CA MET D 336 -48.57 -12.77 -26.07
C MET D 336 -48.11 -14.23 -26.25
N VAL D 337 -49.00 -15.09 -26.72
CA VAL D 337 -48.65 -16.50 -26.87
C VAL D 337 -47.57 -16.68 -27.94
N GLY D 338 -47.64 -15.88 -29.02
CA GLY D 338 -46.57 -15.90 -30.00
C GLY D 338 -45.25 -15.39 -29.43
N ILE D 339 -45.32 -14.36 -28.58
CA ILE D 339 -44.12 -13.84 -27.91
C ILE D 339 -43.47 -14.91 -27.05
N LEU D 340 -44.28 -15.69 -26.33
CA LEU D 340 -43.74 -16.79 -25.55
C LEU D 340 -43.01 -17.79 -26.45
N ASP D 341 -43.59 -18.07 -27.62
CA ASP D 341 -42.95 -19.00 -28.56
C ASP D 341 -41.64 -18.43 -29.08
N PHE D 342 -41.65 -17.15 -29.45
CA PHE D 342 -40.42 -16.46 -29.83
C PHE D 342 -39.42 -16.50 -28.68
N TYR D 343 -39.88 -16.22 -27.46
CA TYR D 343 -39.02 -16.26 -26.28
C TYR D 343 -38.34 -17.63 -26.11
N PHE D 344 -39.10 -18.73 -26.24
CA PHE D 344 -38.52 -20.08 -26.16
C PHE D 344 -37.49 -20.31 -27.27
N GLN D 345 -37.75 -19.83 -28.48
CA GLN D 345 -36.76 -19.94 -29.55
C GLN D 345 -35.46 -19.23 -29.18
N LEU D 346 -35.55 -18.02 -28.63
CA LEU D 346 -34.34 -17.27 -28.31
C LEU D 346 -33.52 -17.97 -27.25
N CYS D 347 -34.17 -18.71 -26.34
CA CYS D 347 -33.43 -19.43 -25.32
C CYS D 347 -32.79 -20.70 -25.84
N SER D 348 -33.18 -21.14 -27.02
CA SER D 348 -32.64 -22.35 -27.64
C SER D 348 -31.58 -22.06 -28.69
N ILE D 349 -31.22 -20.79 -28.89
CA ILE D 349 -30.12 -20.43 -29.76
C ILE D 349 -28.81 -21.02 -29.22
N GLU D 350 -28.00 -21.60 -30.11
CA GLU D 350 -26.79 -22.30 -29.70
C GLU D 350 -25.56 -21.46 -29.97
N VAL D 351 -24.55 -21.61 -29.09
CA VAL D 351 -23.23 -21.03 -29.26
C VAL D 351 -22.19 -22.08 -28.86
N THR D 352 -20.92 -21.78 -29.11
CA THR D 352 -19.84 -22.45 -28.41
C THR D 352 -19.21 -21.46 -27.43
N CYS D 353 -18.28 -21.94 -26.62
CA CYS D 353 -17.53 -21.02 -25.77
C CYS D 353 -16.79 -19.99 -26.62
N GLU D 354 -16.24 -20.43 -27.76
CA GLU D 354 -15.45 -19.55 -28.61
C GLU D 354 -16.31 -18.46 -29.23
N SER D 355 -17.45 -18.82 -29.83
CA SER D 355 -18.26 -17.83 -30.50
C SER D 355 -18.94 -16.88 -29.50
N ALA D 356 -19.44 -17.41 -28.39
CA ALA D 356 -20.06 -16.56 -27.40
C ALA D 356 -19.07 -15.61 -26.75
N SER D 357 -17.79 -16.05 -26.61
CA SER D 357 -16.76 -15.16 -26.07
C SER D 357 -16.59 -13.93 -26.95
N VAL D 358 -16.75 -14.10 -28.27
CA VAL D 358 -16.70 -12.96 -29.19
C VAL D 358 -17.89 -12.04 -28.95
N MET D 359 -19.07 -12.62 -28.67
CA MET D 359 -20.22 -11.80 -28.32
C MET D 359 -19.96 -10.96 -27.08
N ALA D 360 -19.44 -11.61 -26.02
CA ALA D 360 -19.04 -10.88 -24.82
C ALA D 360 -18.00 -9.81 -25.12
N ALA D 361 -17.06 -10.12 -26.03
CA ALA D 361 -16.03 -9.14 -26.37
C ALA D 361 -16.63 -7.94 -27.12
N THR D 362 -17.70 -8.15 -27.90
CA THR D 362 -18.38 -7.02 -28.52
C THR D 362 -18.93 -6.07 -27.47
N LEU D 363 -19.51 -6.63 -26.39
CA LEU D 363 -19.95 -5.84 -25.25
C LEU D 363 -18.78 -5.25 -24.48
N ALA D 364 -17.65 -5.96 -24.42
CA ALA D 364 -16.46 -5.40 -23.80
C ALA D 364 -15.87 -4.26 -24.61
N ASN D 365 -16.22 -4.18 -25.90
CA ASN D 365 -15.59 -3.28 -26.84
C ASN D 365 -16.57 -2.19 -27.31
N GLY D 366 -17.50 -1.77 -26.44
CA GLY D 366 -18.40 -0.68 -26.73
C GLY D 366 -19.32 -0.85 -27.93
N GLY D 367 -19.62 -2.09 -28.34
CA GLY D 367 -20.50 -2.35 -29.47
C GLY D 367 -19.82 -2.64 -30.80
N PHE D 368 -18.49 -2.66 -30.84
CA PHE D 368 -17.76 -3.09 -32.03
C PHE D 368 -17.28 -4.52 -31.82
N CYS D 369 -17.46 -5.34 -32.83
CA CYS D 369 -17.02 -6.70 -32.73
C CYS D 369 -15.51 -6.74 -32.94
N PRO D 370 -14.74 -7.29 -32.00
CA PRO D 370 -13.28 -7.08 -32.07
C PRO D 370 -12.62 -7.84 -33.21
N ILE D 371 -13.21 -8.93 -33.74
CA ILE D 371 -12.56 -9.67 -34.81
C ILE D 371 -13.03 -9.24 -36.20
N THR D 372 -14.01 -8.34 -36.29
CA THR D 372 -14.40 -7.84 -37.60
C THR D 372 -14.31 -6.32 -37.70
N GLY D 373 -14.27 -5.61 -36.58
CA GLY D 373 -14.30 -4.16 -36.59
C GLY D 373 -15.67 -3.58 -36.87
N GLU D 374 -16.70 -4.40 -37.01
CA GLU D 374 -18.02 -3.89 -37.34
C GLU D 374 -18.72 -3.33 -36.10
N ARG D 375 -19.35 -2.18 -36.27
CA ARG D 375 -20.22 -1.64 -35.24
C ARG D 375 -21.48 -2.47 -35.23
N VAL D 376 -21.78 -3.11 -34.10
CA VAL D 376 -22.92 -4.00 -33.98
C VAL D 376 -24.01 -3.41 -33.08
N LEU D 377 -23.61 -2.80 -31.96
CA LEU D 377 -24.54 -2.21 -31.02
C LEU D 377 -24.12 -0.78 -30.69
N SER D 378 -25.12 0.06 -30.41
CA SER D 378 -24.82 1.41 -29.97
C SER D 378 -24.15 1.40 -28.60
N PRO D 379 -23.31 2.40 -28.30
CA PRO D 379 -22.73 2.49 -26.95
C PRO D 379 -23.77 2.54 -25.86
N GLU D 380 -24.88 3.24 -26.10
CA GLU D 380 -25.99 3.26 -25.15
C GLU D 380 -26.52 1.84 -24.89
N ALA D 381 -26.73 1.06 -25.97
CA ALA D 381 -27.17 -0.31 -25.79
C ALA D 381 -26.18 -1.12 -24.96
N VAL D 382 -24.88 -0.93 -25.19
CA VAL D 382 -23.86 -1.73 -24.52
C VAL D 382 -23.72 -1.33 -23.04
N ARG D 383 -23.67 -0.03 -22.77
CA ARG D 383 -23.61 0.44 -21.39
C ARG D 383 -24.81 -0.07 -20.58
N ASN D 384 -26.04 0.09 -21.11
CA ASN D 384 -27.23 -0.37 -20.39
C ASN D 384 -27.13 -1.86 -20.09
N THR D 385 -26.75 -2.64 -21.09
CA THR D 385 -26.70 -4.09 -20.92
C THR D 385 -25.66 -4.47 -19.87
N LEU D 386 -24.47 -3.85 -19.93
CA LEU D 386 -23.43 -4.12 -18.94
C LEU D 386 -23.87 -3.69 -17.55
N SER D 387 -24.57 -2.56 -17.46
CA SER D 387 -25.02 -2.08 -16.15
C SER D 387 -25.91 -3.11 -15.47
N LEU D 388 -26.81 -3.72 -16.24
CA LEU D 388 -27.79 -4.64 -15.65
C LEU D 388 -27.24 -6.06 -15.50
N MET D 389 -26.26 -6.45 -16.32
CA MET D 389 -25.61 -7.72 -16.04
C MET D 389 -24.83 -7.64 -14.75
N HIS D 390 -24.26 -6.46 -14.49
CA HIS D 390 -23.54 -6.20 -13.24
C HIS D 390 -24.42 -6.49 -12.04
N SER D 391 -25.64 -5.95 -12.04
CA SER D 391 -26.47 -6.04 -10.84
C SER D 391 -27.55 -7.12 -10.91
N CYS D 392 -27.91 -7.65 -12.09
CA CYS D 392 -29.01 -8.61 -12.15
C CYS D 392 -28.69 -9.86 -12.97
N GLY D 393 -27.43 -10.14 -13.25
CA GLY D 393 -27.12 -11.17 -14.22
C GLY D 393 -26.94 -12.56 -13.68
N MET D 394 -26.89 -12.73 -12.37
CA MET D 394 -26.43 -13.99 -11.79
C MET D 394 -27.48 -14.53 -10.83
N TYR D 395 -28.74 -14.28 -11.14
CA TYR D 395 -29.90 -14.77 -10.36
C TYR D 395 -29.73 -14.24 -8.94
N ASP D 396 -30.10 -15.04 -7.93
CA ASP D 396 -29.99 -14.60 -6.55
C ASP D 396 -28.57 -14.34 -6.11
N PHE D 397 -27.58 -14.79 -6.88
CA PHE D 397 -26.19 -14.54 -6.56
C PHE D 397 -25.69 -13.19 -7.07
N SER D 398 -26.58 -12.39 -7.66
CA SER D 398 -26.13 -11.17 -8.35
C SER D 398 -25.41 -10.20 -7.41
N GLY D 399 -25.93 -10.00 -6.19
CA GLY D 399 -25.29 -9.06 -5.27
C GLY D 399 -23.92 -9.54 -4.80
N GLN D 400 -23.83 -10.82 -4.44
CA GLN D 400 -22.55 -11.41 -4.06
C GLN D 400 -21.55 -11.34 -5.20
N PHE D 401 -22.02 -11.62 -6.43
CA PHE D 401 -21.16 -11.61 -7.60
C PHE D 401 -20.65 -10.20 -7.88
N ALA D 402 -21.55 -9.22 -7.84
CA ALA D 402 -21.13 -7.83 -8.02
C ALA D 402 -20.11 -7.42 -6.97
N PHE D 403 -20.35 -7.80 -5.71
CA PHE D 403 -19.43 -7.45 -4.64
C PHE D 403 -18.07 -8.11 -4.85
N HIS D 404 -18.05 -9.43 -5.06
CA HIS D 404 -16.77 -10.12 -5.05
C HIS D 404 -16.07 -10.16 -6.41
N VAL D 405 -16.83 -10.29 -7.50
CA VAL D 405 -16.24 -10.35 -8.84
C VAL D 405 -16.27 -8.99 -9.53
N GLY D 406 -17.35 -8.24 -9.36
CA GLY D 406 -17.41 -6.92 -9.93
C GLY D 406 -17.30 -6.91 -11.44
N LEU D 407 -17.89 -7.91 -12.10
CA LEU D 407 -17.88 -7.91 -13.56
C LEU D 407 -19.29 -8.12 -14.09
N PRO D 408 -19.67 -7.43 -15.15
CA PRO D 408 -20.94 -7.74 -15.82
C PRO D 408 -20.91 -9.17 -16.33
N ALA D 409 -21.89 -9.96 -15.92
CA ALA D 409 -21.93 -11.36 -16.28
C ALA D 409 -23.39 -11.79 -16.38
N LYS D 410 -23.62 -12.86 -17.14
CA LYS D 410 -24.94 -13.44 -17.24
C LYS D 410 -24.80 -14.95 -17.26
N SER D 411 -25.55 -15.63 -16.42
CA SER D 411 -25.55 -17.07 -16.42
C SER D 411 -26.80 -17.60 -17.13
N GLY D 412 -26.74 -18.87 -17.48
CA GLY D 412 -27.87 -19.56 -18.06
C GLY D 412 -27.91 -20.99 -17.56
N VAL D 413 -29.07 -21.60 -17.70
CA VAL D 413 -29.29 -22.90 -17.07
C VAL D 413 -28.48 -24.00 -17.74
N ALA D 414 -28.01 -23.80 -18.97
CA ALA D 414 -27.15 -24.78 -19.61
C ALA D 414 -25.72 -24.79 -19.08
N GLY D 415 -25.35 -23.92 -18.16
CA GLY D 415 -24.02 -23.89 -17.59
C GLY D 415 -23.13 -22.78 -18.11
N GLY D 416 -23.65 -21.89 -18.97
CA GLY D 416 -22.85 -20.82 -19.50
C GLY D 416 -22.79 -19.64 -18.56
N ILE D 417 -21.65 -18.95 -18.55
CA ILE D 417 -21.56 -17.64 -17.92
C ILE D 417 -20.92 -16.71 -18.93
N LEU D 418 -21.73 -15.84 -19.52
CA LEU D 418 -21.24 -14.83 -20.44
C LEU D 418 -20.64 -13.69 -19.63
N LEU D 419 -19.33 -13.46 -19.78
CA LEU D 419 -18.57 -12.60 -18.89
C LEU D 419 -17.88 -11.48 -19.65
N VAL D 420 -17.98 -10.26 -19.13
CA VAL D 420 -17.42 -9.08 -19.79
C VAL D 420 -16.44 -8.39 -18.85
N VAL D 421 -15.20 -8.24 -19.29
CA VAL D 421 -14.27 -7.32 -18.62
C VAL D 421 -14.20 -6.09 -19.49
N PRO D 422 -14.95 -5.04 -19.17
CA PRO D 422 -15.03 -3.85 -20.02
C PRO D 422 -13.65 -3.29 -20.38
N ASN D 423 -13.48 -2.93 -21.65
CA ASN D 423 -12.25 -2.38 -22.23
C ASN D 423 -11.14 -3.43 -22.34
N VAL D 424 -11.39 -4.67 -21.92
CA VAL D 424 -10.34 -5.68 -21.91
C VAL D 424 -10.73 -6.89 -22.74
N MET D 425 -11.74 -7.63 -22.29
CA MET D 425 -12.05 -8.86 -23.00
C MET D 425 -13.46 -9.31 -22.69
N GLY D 426 -13.91 -10.26 -23.50
CA GLY D 426 -15.11 -11.01 -23.23
C GLY D 426 -14.74 -12.47 -23.02
N MET D 427 -15.59 -13.18 -22.29
CA MET D 427 -15.41 -14.60 -22.06
C MET D 427 -16.75 -15.30 -22.06
N MET D 428 -16.71 -16.55 -22.47
CA MET D 428 -17.79 -17.47 -22.18
C MET D 428 -17.16 -18.61 -21.40
N CYS D 429 -17.65 -18.83 -20.18
CA CYS D 429 -17.32 -20.03 -19.43
C CYS D 429 -18.53 -20.95 -19.45
N TRP D 430 -18.27 -22.24 -19.64
CA TRP D 430 -19.36 -23.21 -19.71
C TRP D 430 -18.97 -24.51 -19.02
N SER D 431 -19.79 -24.91 -18.08
CA SER D 431 -19.76 -26.23 -17.45
C SER D 431 -21.17 -26.50 -16.93
N PRO D 432 -21.81 -27.58 -17.38
CA PRO D 432 -23.26 -27.79 -17.15
C PRO D 432 -23.68 -27.84 -15.68
N PRO D 433 -22.88 -28.42 -14.77
CA PRO D 433 -23.36 -28.51 -13.37
C PRO D 433 -23.59 -27.15 -12.73
N LEU D 434 -24.82 -26.97 -12.21
CA LEU D 434 -25.23 -25.73 -11.57
C LEU D 434 -25.26 -25.88 -10.05
N ASP D 435 -25.06 -24.77 -9.35
CA ASP D 435 -25.24 -24.72 -7.91
C ASP D 435 -26.71 -24.47 -7.58
N LYS D 436 -27.02 -24.30 -6.29
CA LYS D 436 -28.42 -24.15 -5.87
C LYS D 436 -29.09 -22.90 -6.46
N MET D 437 -28.31 -21.91 -6.88
CA MET D 437 -28.89 -20.70 -7.41
C MET D 437 -29.03 -20.72 -8.93
N GLY D 438 -28.57 -21.79 -9.59
CA GLY D 438 -28.68 -21.92 -11.02
C GLY D 438 -27.43 -21.56 -11.81
N ASN D 439 -26.33 -21.19 -11.12
CA ASN D 439 -25.08 -20.78 -11.74
C ASN D 439 -24.08 -21.93 -11.83
N SER D 440 -23.33 -21.97 -12.94
CA SER D 440 -22.33 -23.02 -13.16
C SER D 440 -21.27 -23.00 -12.05
N VAL D 441 -21.11 -24.13 -11.37
CA VAL D 441 -20.18 -24.21 -10.25
C VAL D 441 -18.78 -23.80 -10.68
N LYS D 442 -18.30 -24.41 -11.77
CA LYS D 442 -16.94 -24.12 -12.23
C LYS D 442 -16.81 -22.69 -12.74
N GLY D 443 -17.82 -22.17 -13.42
CA GLY D 443 -17.77 -20.78 -13.87
C GLY D 443 -17.69 -19.79 -12.72
N ILE D 444 -18.52 -20.00 -11.69
CA ILE D 444 -18.50 -19.12 -10.52
C ILE D 444 -17.13 -19.18 -9.85
N HIS D 445 -16.56 -20.38 -9.73
CA HIS D 445 -15.24 -20.55 -9.13
C HIS D 445 -14.17 -19.90 -10.00
N PHE D 446 -14.23 -20.14 -11.31
CA PHE D 446 -13.34 -19.47 -12.23
C PHE D 446 -13.43 -17.95 -12.12
N CYS D 447 -14.64 -17.41 -11.95
CA CYS D 447 -14.76 -15.96 -12.00
C CYS D 447 -14.23 -15.31 -10.72
N HIS D 448 -14.39 -15.98 -9.58
CA HIS D 448 -13.76 -15.48 -8.37
C HIS D 448 -12.26 -15.51 -8.51
N ASP D 449 -11.71 -16.65 -8.95
CA ASP D 449 -10.26 -16.75 -9.09
C ASP D 449 -9.73 -15.70 -10.04
N LEU D 450 -10.46 -15.43 -11.12
CA LEU D 450 -9.96 -14.53 -12.13
C LEU D 450 -9.77 -13.14 -11.55
N VAL D 451 -10.69 -12.70 -10.70
CA VAL D 451 -10.56 -11.37 -10.13
C VAL D 451 -9.62 -11.38 -8.92
N SER D 452 -9.47 -12.54 -8.25
CA SER D 452 -8.46 -12.65 -7.21
C SER D 452 -7.06 -12.47 -7.78
N LEU D 453 -6.87 -12.92 -9.03
CA LEU D 453 -5.58 -12.89 -9.68
C LEU D 453 -5.31 -11.56 -10.37
N CYS D 454 -6.30 -11.01 -11.06
CA CYS D 454 -6.12 -9.83 -11.89
C CYS D 454 -6.97 -8.66 -11.40
N ASN D 455 -6.47 -7.45 -11.62
CA ASN D 455 -7.16 -6.26 -11.13
C ASN D 455 -8.25 -5.84 -12.12
N PHE D 456 -9.14 -6.79 -12.42
CA PHE D 456 -10.27 -6.63 -13.32
C PHE D 456 -11.57 -6.27 -12.63
N HIS D 457 -11.64 -6.35 -11.30
CA HIS D 457 -12.84 -5.94 -10.57
C HIS D 457 -13.23 -4.54 -10.98
N ASN D 458 -14.54 -4.35 -11.17
CA ASN D 458 -15.07 -3.04 -11.53
C ASN D 458 -14.47 -1.91 -10.68
N TYR D 459 -14.23 -2.16 -9.40
CA TYR D 459 -13.74 -1.12 -8.52
C TYR D 459 -12.34 -1.41 -7.98
N ASP D 460 -11.61 -2.31 -8.64
CA ASP D 460 -10.16 -2.28 -8.51
C ASP D 460 -9.61 -0.99 -9.10
N ASN D 461 -8.49 -0.55 -8.58
CA ASN D 461 -7.81 0.64 -9.07
C ASN D 461 -6.73 0.25 -10.06
N LEU D 462 -6.61 1.02 -11.14
CA LEU D 462 -5.65 0.73 -12.20
C LEU D 462 -4.22 1.13 -11.83
N ARG D 463 -4.04 1.88 -10.75
CA ARG D 463 -2.72 2.33 -10.33
C ARG D 463 -2.25 1.64 -9.06
N HIS D 464 -3.12 1.46 -8.08
CA HIS D 464 -2.80 0.80 -6.82
C HIS D 464 -3.68 -0.43 -6.65
N PHE D 465 -3.12 -1.61 -6.93
CA PHE D 465 -3.89 -2.84 -6.90
C PHE D 465 -3.18 -3.93 -6.12
N ALA D 466 -2.36 -3.55 -5.15
CA ALA D 466 -1.79 -4.47 -4.16
C ALA D 466 -1.04 -5.58 -4.90
N LYS D 467 -1.26 -6.84 -4.58
CA LYS D 467 -0.53 -7.96 -5.15
C LYS D 467 -1.16 -8.49 -6.43
N LYS D 468 -2.28 -7.92 -6.88
CA LYS D 468 -2.92 -8.39 -8.09
C LYS D 468 -2.02 -8.18 -9.31
N LEU D 469 -2.11 -9.11 -10.25
CA LEU D 469 -1.52 -8.93 -11.57
C LEU D 469 -2.43 -8.04 -12.44
N ASP D 470 -1.82 -7.17 -13.24
CA ASP D 470 -2.53 -6.39 -14.26
C ASP D 470 -2.02 -6.78 -15.63
N PRO D 471 -2.78 -7.60 -16.38
CA PRO D 471 -2.32 -8.04 -17.71
C PRO D 471 -2.27 -6.94 -18.76
N ARG D 472 -2.76 -5.73 -18.47
CA ARG D 472 -2.62 -4.61 -19.39
C ARG D 472 -1.22 -3.99 -19.35
N ARG D 473 -0.37 -4.40 -18.41
CA ARG D 473 0.95 -3.83 -18.22
C ARG D 473 2.03 -4.82 -18.64
N GLU D 474 3.26 -4.33 -18.72
CA GLU D 474 4.41 -5.17 -19.03
C GLU D 474 5.28 -5.38 -17.78
C10 Q9M E . -39.66 -3.23 11.59
C13 Q9M E . -41.38 -2.12 10.76
C20 Q9M E . -46.00 -1.38 5.42
C21 Q9M E . -45.68 -1.15 4.09
C22 Q9M E . -45.96 -2.14 3.17
C24 Q9M E . -46.87 -3.56 4.88
C01 Q9M E . -35.78 -11.10 7.69
C02 Q9M E . -36.46 -9.96 8.43
C04 Q9M E . -36.66 -7.76 9.52
C07 Q9M E . -37.87 -5.86 10.53
C09 Q9M E . -38.22 -3.46 11.87
C11 Q9M E . -39.93 -4.37 10.83
C16 Q9M E . -43.18 -1.83 8.99
C18 Q9M E . -44.47 -0.59 7.29
C19 Q9M E . -45.71 -0.31 6.46
C23 Q9M E . -46.56 -3.35 3.54
C25 Q9M E . -46.59 -2.57 5.82
C30 Q9M E . -36.47 -11.15 6.34
C31 Q9M E . -37.32 -12.19 5.97
C32 Q9M E . -37.92 -12.18 4.72
C33 Q9M E . -37.72 -11.14 3.83
C34 Q9M E . -36.88 -10.10 4.20
C35 Q9M E . -36.28 -10.11 5.45
N03 Q9M E . -35.80 -8.77 8.89
N05 Q9M E . -37.94 -7.94 9.81
N06 Q9M E . -38.59 -6.93 10.42
N08 Q9M E . -38.50 -4.68 11.07
N14 Q9M E . -40.97 -1.86 9.52
N15 Q9M E . -41.94 -1.69 8.56
N17 Q9M E . -44.42 -1.69 8.24
O12 Q9M E . -40.56 -2.27 11.90
O26 Q9M E . -43.52 0.09 7.17
O29 Q9M E . -37.62 -10.07 8.57
S27 Q9M E . -43.10 -2.15 10.67
S28 Q9M E . -36.31 -6.14 9.90
C10 Q9M F . -46.74 -13.08 -8.61
C13 Q9M F . -47.11 -10.97 -8.71
C20 Q9M F . -46.16 -4.75 -5.55
C21 Q9M F . -46.46 -4.10 -4.37
C22 Q9M F . -45.43 -3.81 -3.46
C24 Q9M F . -43.84 -4.83 -4.93
C01 Q9M F . -44.48 -18.31 -0.94
C02 Q9M F . -44.75 -17.58 -2.24
C04 Q9M F . -46.06 -16.83 -4.21
C07 Q9M F . -46.49 -15.42 -6.29
C09 Q9M F . -47.76 -14.10 -8.38
C11 Q9M F . -45.78 -13.45 -7.64
C16 Q9M F . -47.90 -8.73 -7.54
C18 Q9M F . -47.23 -6.52 -6.99
C19 Q9M F . -47.28 -5.08 -6.52
C23 Q9M F . -44.12 -4.17 -3.75
C25 Q9M F . -44.86 -5.10 -5.82
C30 Q9M F . -44.33 -17.13 0.01
C31 Q9M F . -45.49 -16.49 0.43
C32 Q9M F . -45.41 -15.40 1.29
C33 Q9M F . -44.17 -14.95 1.70
C34 Q9M F . -43.01 -15.58 1.26
C35 Q9M F . -43.09 -16.68 0.41
N03 Q9M F . -45.99 -17.64 -3.00
N05 Q9M F . -45.00 -16.35 -4.84
N06 Q9M F . -45.24 -15.59 -5.94
N08 Q9M F . -46.75 -14.54 -7.37
N14 Q9M F . -48.14 -11.08 -7.97
N15 Q9M F . -48.52 -9.89 -7.39
N17 Q9M F . -48.25 -7.43 -7.01
O12 Q9M F . -46.56 -11.99 -9.43
O26 Q9M F . -46.11 -6.83 -7.39
O29 Q9M F . -43.87 -16.90 -2.62
S27 Q9M F . -46.68 -9.28 -8.61
S28 Q9M F . -47.43 -16.25 -5.09
#